data_2VC8
# 
_entry.id   2VC8 
# 
_audit_conform.dict_name       mmcif_pdbx.dic 
_audit_conform.dict_version    5.391 
_audit_conform.dict_location   http://mmcif.pdb.org/dictionaries/ascii/mmcif_pdbx.dic 
# 
loop_
_database_2.database_id 
_database_2.database_code 
_database_2.pdbx_database_accession 
_database_2.pdbx_DOI 
PDB   2VC8         pdb_00002vc8 10.2210/pdb2vc8/pdb 
PDBE  EBI-33854    ?            ?                   
WWPDB D_1290033854 ?            ?                   
# 
loop_
_pdbx_audit_revision_history.ordinal 
_pdbx_audit_revision_history.data_content_type 
_pdbx_audit_revision_history.major_revision 
_pdbx_audit_revision_history.minor_revision 
_pdbx_audit_revision_history.revision_date 
1 'Structure model' 1 0 2007-10-16 
2 'Structure model' 1 1 2011-05-08 
3 'Structure model' 1 2 2011-07-13 
4 'Structure model' 1 3 2024-05-08 
# 
_pdbx_audit_revision_details.ordinal             1 
_pdbx_audit_revision_details.revision_ordinal    1 
_pdbx_audit_revision_details.data_content_type   'Structure model' 
_pdbx_audit_revision_details.provider            repository 
_pdbx_audit_revision_details.type                'Initial release' 
_pdbx_audit_revision_details.description         ? 
_pdbx_audit_revision_details.details             ? 
# 
loop_
_pdbx_audit_revision_group.ordinal 
_pdbx_audit_revision_group.revision_ordinal 
_pdbx_audit_revision_group.data_content_type 
_pdbx_audit_revision_group.group 
1 2 'Structure model' 'Version format compliance' 
2 3 'Structure model' 'Version format compliance' 
3 4 'Structure model' 'Data collection'           
4 4 'Structure model' 'Database references'       
5 4 'Structure model' Other                       
# 
loop_
_pdbx_audit_revision_category.ordinal 
_pdbx_audit_revision_category.revision_ordinal 
_pdbx_audit_revision_category.data_content_type 
_pdbx_audit_revision_category.category 
1 4 'Structure model' chem_comp_atom       
2 4 'Structure model' chem_comp_bond       
3 4 'Structure model' database_2           
4 4 'Structure model' pdbx_database_status 
# 
loop_
_pdbx_audit_revision_item.ordinal 
_pdbx_audit_revision_item.revision_ordinal 
_pdbx_audit_revision_item.data_content_type 
_pdbx_audit_revision_item.item 
1 4 'Structure model' '_database_2.pdbx_DOI'                 
2 4 'Structure model' '_database_2.pdbx_database_accession'  
3 4 'Structure model' '_pdbx_database_status.status_code_sf' 
# 
_pdbx_database_status.status_code                     REL 
_pdbx_database_status.entry_id                        2VC8 
_pdbx_database_status.deposit_site                    PDBE 
_pdbx_database_status.process_site                    PDBE 
_pdbx_database_status.SG_entry                        . 
_pdbx_database_status.recvd_initial_deposition_date   2007-09-19 
_pdbx_database_status.pdb_format_compatible           Y 
_pdbx_database_status.status_code_sf                  REL 
_pdbx_database_status.status_code_mr                  ? 
_pdbx_database_status.status_code_cs                  ? 
_pdbx_database_status.methods_development_category    ? 
_pdbx_database_status.status_code_nmr_data            ? 
# 
_pdbx_database_related.db_name        PDB 
_pdbx_database_related.db_id          2RM4 
_pdbx_database_related.content_type   unspecified 
_pdbx_database_related.details        'NMR STRUCTURE OF THE LSM DOMAIN OF DROSOPHILA EDC3' 
# 
loop_
_audit_author.name 
_audit_author.pdbx_ordinal 
'Tritschler, F.'    1 
'Hartmann, M.D.'    2 
'Weichenrieder, O.' 3 
# 
_citation.id                        primary 
_citation.title                     'A Divergent Sm Fold in Edc3 Proteins Mediates Dcp1 Binding and P-Body Targeting.' 
_citation.journal_abbrev            Mol.Cell.Biol. 
_citation.journal_volume            27 
_citation.page_first                8600 
_citation.page_last                 ? 
_citation.year                      2007 
_citation.journal_id_ASTM           MCEBD4 
_citation.country                   US 
_citation.journal_id_ISSN           0270-7306 
_citation.journal_id_CSD            2044 
_citation.book_publisher            ? 
_citation.pdbx_database_id_PubMed   17923697 
_citation.pdbx_database_id_DOI      10.1128/MCB.01506-07 
# 
loop_
_citation_author.citation_id 
_citation_author.name 
_citation_author.ordinal 
_citation_author.identifier_ORCID 
primary 'Tritschler, F.'    1 ? 
primary 'Eulalio, A.'       2 ? 
primary 'Truffault, V.'     3 ? 
primary 'Hartmann, M.D.'    4 ? 
primary 'Helms, S.'         5 ? 
primary 'Schmidt, S.'       6 ? 
primary 'Coles, M.'         7 ? 
primary 'Izaurralde, E.'    8 ? 
primary 'Weichenrieder, O.' 9 ? 
# 
loop_
_entity.id 
_entity.type 
_entity.src_method 
_entity.pdbx_description 
_entity.formula_weight 
_entity.pdbx_number_of_molecules 
_entity.pdbx_ec 
_entity.pdbx_mutation 
_entity.pdbx_fragment 
_entity.details 
1 polymer man 'ENHANCER OF MRNA-DECAPPING PROTEIN 3' 8988.077 1  ? ? 'LSM DOMAIN, RESIDUES 1-82' ? 
2 water   nat water                                  18.015   54 ? ? ?                           ? 
# 
_entity_name_com.entity_id   1 
_entity_name_com.name        'YJEF DOMAIN-CONTAINING PROTEIN 1, LSM16 HOMOLOG, HUMAN EDC3, EDC3' 
# 
_entity_poly.entity_id                      1 
_entity_poly.type                           'polypeptide(L)' 
_entity_poly.nstd_linkage                   no 
_entity_poly.nstd_monomer                   no 
_entity_poly.pdbx_seq_one_letter_code       
;GAMATDWLGSIVSINCGDSLGVYQGRVSAVDQVSQTISLTRPFHNGVKCLVPEVTFRAGDITELKILEIPGPGDNQHFGD
LHQT
;
_entity_poly.pdbx_seq_one_letter_code_can   
;GAMATDWLGSIVSINCGDSLGVYQGRVSAVDQVSQTISLTRPFHNGVKCLVPEVTFRAGDITELKILEIPGPGDNQHFGD
LHQT
;
_entity_poly.pdbx_strand_id                 A 
_entity_poly.pdbx_target_identifier         ? 
# 
_pdbx_entity_nonpoly.entity_id   2 
_pdbx_entity_nonpoly.name        water 
_pdbx_entity_nonpoly.comp_id     HOH 
# 
loop_
_entity_poly_seq.entity_id 
_entity_poly_seq.num 
_entity_poly_seq.mon_id 
_entity_poly_seq.hetero 
1 1  GLY n 
1 2  ALA n 
1 3  MET n 
1 4  ALA n 
1 5  THR n 
1 6  ASP n 
1 7  TRP n 
1 8  LEU n 
1 9  GLY n 
1 10 SER n 
1 11 ILE n 
1 12 VAL n 
1 13 SER n 
1 14 ILE n 
1 15 ASN n 
1 16 CYS n 
1 17 GLY n 
1 18 ASP n 
1 19 SER n 
1 20 LEU n 
1 21 GLY n 
1 22 VAL n 
1 23 TYR n 
1 24 GLN n 
1 25 GLY n 
1 26 ARG n 
1 27 VAL n 
1 28 SER n 
1 29 ALA n 
1 30 VAL n 
1 31 ASP n 
1 32 GLN n 
1 33 VAL n 
1 34 SER n 
1 35 GLN n 
1 36 THR n 
1 37 ILE n 
1 38 SER n 
1 39 LEU n 
1 40 THR n 
1 41 ARG n 
1 42 PRO n 
1 43 PHE n 
1 44 HIS n 
1 45 ASN n 
1 46 GLY n 
1 47 VAL n 
1 48 LYS n 
1 49 CYS n 
1 50 LEU n 
1 51 VAL n 
1 52 PRO n 
1 53 GLU n 
1 54 VAL n 
1 55 THR n 
1 56 PHE n 
1 57 ARG n 
1 58 ALA n 
1 59 GLY n 
1 60 ASP n 
1 61 ILE n 
1 62 THR n 
1 63 GLU n 
1 64 LEU n 
1 65 LYS n 
1 66 ILE n 
1 67 LEU n 
1 68 GLU n 
1 69 ILE n 
1 70 PRO n 
1 71 GLY n 
1 72 PRO n 
1 73 GLY n 
1 74 ASP n 
1 75 ASN n 
1 76 GLN n 
1 77 HIS n 
1 78 PHE n 
1 79 GLY n 
1 80 ASP n 
1 81 LEU n 
1 82 HIS n 
1 83 GLN n 
1 84 THR n 
# 
_entity_src_gen.entity_id                          1 
_entity_src_gen.pdbx_src_id                        1 
_entity_src_gen.pdbx_alt_source_flag               sample 
_entity_src_gen.pdbx_seq_type                      ? 
_entity_src_gen.pdbx_beg_seq_num                   ? 
_entity_src_gen.pdbx_end_seq_num                   ? 
_entity_src_gen.gene_src_common_name               HUMAN 
_entity_src_gen.gene_src_genus                     ? 
_entity_src_gen.pdbx_gene_src_gene                 ? 
_entity_src_gen.gene_src_species                   ? 
_entity_src_gen.gene_src_strain                    ? 
_entity_src_gen.gene_src_tissue                    ? 
_entity_src_gen.gene_src_tissue_fraction           ? 
_entity_src_gen.gene_src_details                   ? 
_entity_src_gen.pdbx_gene_src_fragment             ? 
_entity_src_gen.pdbx_gene_src_scientific_name      'HOMO SAPIENS' 
_entity_src_gen.pdbx_gene_src_ncbi_taxonomy_id     9606 
_entity_src_gen.pdbx_gene_src_variant              ? 
_entity_src_gen.pdbx_gene_src_cell_line            ? 
_entity_src_gen.pdbx_gene_src_atcc                 ? 
_entity_src_gen.pdbx_gene_src_organ                ? 
_entity_src_gen.pdbx_gene_src_organelle            ? 
_entity_src_gen.pdbx_gene_src_cell                 ? 
_entity_src_gen.pdbx_gene_src_cellular_location    ? 
_entity_src_gen.host_org_common_name               ? 
_entity_src_gen.pdbx_host_org_scientific_name      'ESCHERICHIA COLI' 
_entity_src_gen.pdbx_host_org_ncbi_taxonomy_id     469008 
_entity_src_gen.host_org_genus                     ? 
_entity_src_gen.pdbx_host_org_gene                 ? 
_entity_src_gen.pdbx_host_org_organ                ? 
_entity_src_gen.host_org_species                   ? 
_entity_src_gen.pdbx_host_org_tissue               ? 
_entity_src_gen.pdbx_host_org_tissue_fraction      ? 
_entity_src_gen.pdbx_host_org_strain               'BL21 (DE3) ROSETTA II' 
_entity_src_gen.pdbx_host_org_variant              ? 
_entity_src_gen.pdbx_host_org_cell_line            ? 
_entity_src_gen.pdbx_host_org_atcc                 ? 
_entity_src_gen.pdbx_host_org_culture_collection   ? 
_entity_src_gen.pdbx_host_org_cell                 ? 
_entity_src_gen.pdbx_host_org_organelle            ? 
_entity_src_gen.pdbx_host_org_cellular_location    ? 
_entity_src_gen.pdbx_host_org_vector_type          ? 
_entity_src_gen.pdbx_host_org_vector               ? 
_entity_src_gen.host_org_details                   ? 
_entity_src_gen.expression_system_id               ? 
_entity_src_gen.plasmid_name                       PETM60 
_entity_src_gen.plasmid_details                    ? 
_entity_src_gen.pdbx_description                   ? 
# 
loop_
_chem_comp.id 
_chem_comp.type 
_chem_comp.mon_nstd_flag 
_chem_comp.name 
_chem_comp.pdbx_synonyms 
_chem_comp.formula 
_chem_comp.formula_weight 
ALA 'L-peptide linking' y ALANINE         ? 'C3 H7 N O2'     89.093  
ARG 'L-peptide linking' y ARGININE        ? 'C6 H15 N4 O2 1' 175.209 
ASN 'L-peptide linking' y ASPARAGINE      ? 'C4 H8 N2 O3'    132.118 
ASP 'L-peptide linking' y 'ASPARTIC ACID' ? 'C4 H7 N O4'     133.103 
CYS 'L-peptide linking' y CYSTEINE        ? 'C3 H7 N O2 S'   121.158 
GLN 'L-peptide linking' y GLUTAMINE       ? 'C5 H10 N2 O3'   146.144 
GLU 'L-peptide linking' y 'GLUTAMIC ACID' ? 'C5 H9 N O4'     147.129 
GLY 'peptide linking'   y GLYCINE         ? 'C2 H5 N O2'     75.067  
HIS 'L-peptide linking' y HISTIDINE       ? 'C6 H10 N3 O2 1' 156.162 
HOH non-polymer         . WATER           ? 'H2 O'           18.015  
ILE 'L-peptide linking' y ISOLEUCINE      ? 'C6 H13 N O2'    131.173 
LEU 'L-peptide linking' y LEUCINE         ? 'C6 H13 N O2'    131.173 
LYS 'L-peptide linking' y LYSINE          ? 'C6 H15 N2 O2 1' 147.195 
MET 'L-peptide linking' y METHIONINE      ? 'C5 H11 N O2 S'  149.211 
PHE 'L-peptide linking' y PHENYLALANINE   ? 'C9 H11 N O2'    165.189 
PRO 'L-peptide linking' y PROLINE         ? 'C5 H9 N O2'     115.130 
SER 'L-peptide linking' y SERINE          ? 'C3 H7 N O3'     105.093 
THR 'L-peptide linking' y THREONINE       ? 'C4 H9 N O3'     119.119 
TRP 'L-peptide linking' y TRYPTOPHAN      ? 'C11 H12 N2 O2'  204.225 
TYR 'L-peptide linking' y TYROSINE        ? 'C9 H11 N O3'    181.189 
VAL 'L-peptide linking' y VALINE          ? 'C5 H11 N O2'    117.146 
# 
loop_
_pdbx_poly_seq_scheme.asym_id 
_pdbx_poly_seq_scheme.entity_id 
_pdbx_poly_seq_scheme.seq_id 
_pdbx_poly_seq_scheme.mon_id 
_pdbx_poly_seq_scheme.ndb_seq_num 
_pdbx_poly_seq_scheme.pdb_seq_num 
_pdbx_poly_seq_scheme.auth_seq_num 
_pdbx_poly_seq_scheme.pdb_mon_id 
_pdbx_poly_seq_scheme.auth_mon_id 
_pdbx_poly_seq_scheme.pdb_strand_id 
_pdbx_poly_seq_scheme.pdb_ins_code 
_pdbx_poly_seq_scheme.hetero 
A 1 1  GLY 1  -1 ?  ?   ?   A . n 
A 1 2  ALA 2  0  ?  ?   ?   A . n 
A 1 3  MET 3  1  ?  ?   ?   A . n 
A 1 4  ALA 4  2  ?  ?   ?   A . n 
A 1 5  THR 5  3  3  THR THR A . n 
A 1 6  ASP 6  4  4  ASP ASP A . n 
A 1 7  TRP 7  5  5  TRP TRP A . n 
A 1 8  LEU 8  6  6  LEU LEU A . n 
A 1 9  GLY 9  7  7  GLY GLY A . n 
A 1 10 SER 10 8  8  SER SER A . n 
A 1 11 ILE 11 9  9  ILE ILE A . n 
A 1 12 VAL 12 10 10 VAL VAL A . n 
A 1 13 SER 13 11 11 SER SER A . n 
A 1 14 ILE 14 12 12 ILE ILE A . n 
A 1 15 ASN 15 13 13 ASN ASN A . n 
A 1 16 CYS 16 14 14 CYS CYS A . n 
A 1 17 GLY 17 15 15 GLY GLY A . n 
A 1 18 ASP 18 16 16 ASP ASP A . n 
A 1 19 SER 19 17 17 SER SER A . n 
A 1 20 LEU 20 18 18 LEU LEU A . n 
A 1 21 GLY 21 19 19 GLY GLY A . n 
A 1 22 VAL 22 20 20 VAL VAL A . n 
A 1 23 TYR 23 21 21 TYR TYR A . n 
A 1 24 GLN 24 22 22 GLN GLN A . n 
A 1 25 GLY 25 23 23 GLY GLY A . n 
A 1 26 ARG 26 24 24 ARG ARG A . n 
A 1 27 VAL 27 25 25 VAL VAL A . n 
A 1 28 SER 28 26 26 SER SER A . n 
A 1 29 ALA 29 27 27 ALA ALA A . n 
A 1 30 VAL 30 28 28 VAL VAL A . n 
A 1 31 ASP 31 29 29 ASP ASP A . n 
A 1 32 GLN 32 30 30 GLN GLN A . n 
A 1 33 VAL 33 31 31 VAL VAL A . n 
A 1 34 SER 34 32 32 SER SER A . n 
A 1 35 GLN 35 33 33 GLN GLN A . n 
A 1 36 THR 36 34 34 THR THR A . n 
A 1 37 ILE 37 35 35 ILE ILE A . n 
A 1 38 SER 38 36 36 SER SER A . n 
A 1 39 LEU 39 37 37 LEU LEU A . n 
A 1 40 THR 40 38 38 THR THR A . n 
A 1 41 ARG 41 39 39 ARG ARG A . n 
A 1 42 PRO 42 40 40 PRO PRO A . n 
A 1 43 PHE 43 41 41 PHE PHE A . n 
A 1 44 HIS 44 42 42 HIS HIS A . n 
A 1 45 ASN 45 43 43 ASN ASN A . n 
A 1 46 GLY 46 44 44 GLY GLY A . n 
A 1 47 VAL 47 45 45 VAL VAL A . n 
A 1 48 LYS 48 46 46 LYS LYS A . n 
A 1 49 CYS 49 47 47 CYS CYS A . n 
A 1 50 LEU 50 48 48 LEU LEU A . n 
A 1 51 VAL 51 49 49 VAL VAL A . n 
A 1 52 PRO 52 50 50 PRO PRO A . n 
A 1 53 GLU 53 51 51 GLU GLU A . n 
A 1 54 VAL 54 52 52 VAL VAL A . n 
A 1 55 THR 55 53 53 THR THR A . n 
A 1 56 PHE 56 54 54 PHE PHE A . n 
A 1 57 ARG 57 55 55 ARG ARG A . n 
A 1 58 ALA 58 56 56 ALA ALA A . n 
A 1 59 GLY 59 57 57 GLY GLY A . n 
A 1 60 ASP 60 58 58 ASP ASP A . n 
A 1 61 ILE 61 59 59 ILE ILE A . n 
A 1 62 THR 62 60 60 THR THR A . n 
A 1 63 GLU 63 61 61 GLU GLU A . n 
A 1 64 LEU 64 62 62 LEU LEU A . n 
A 1 65 LYS 65 63 63 LYS LYS A . n 
A 1 66 ILE 66 64 64 ILE ILE A . n 
A 1 67 LEU 67 65 65 LEU LEU A . n 
A 1 68 GLU 68 66 66 GLU GLU A . n 
A 1 69 ILE 69 67 67 ILE ILE A . n 
A 1 70 PRO 70 68 68 PRO PRO A . n 
A 1 71 GLY 71 69 69 GLY GLY A . n 
A 1 72 PRO 72 70 70 PRO PRO A . n 
A 1 73 GLY 73 71 71 GLY GLY A . n 
A 1 74 ASP 74 72 72 ASP ASP A . n 
A 1 75 ASN 75 73 73 ASN ASN A . n 
A 1 76 GLN 76 74 74 GLN GLN A . n 
A 1 77 HIS 77 75 ?  ?   ?   A . n 
A 1 78 PHE 78 76 ?  ?   ?   A . n 
A 1 79 GLY 79 77 ?  ?   ?   A . n 
A 1 80 ASP 80 78 ?  ?   ?   A . n 
A 1 81 LEU 81 79 ?  ?   ?   A . n 
A 1 82 HIS 82 80 ?  ?   ?   A . n 
A 1 83 GLN 83 81 ?  ?   ?   A . n 
A 1 84 THR 84 82 ?  ?   ?   A . n 
# 
loop_
_pdbx_nonpoly_scheme.asym_id 
_pdbx_nonpoly_scheme.entity_id 
_pdbx_nonpoly_scheme.mon_id 
_pdbx_nonpoly_scheme.ndb_seq_num 
_pdbx_nonpoly_scheme.pdb_seq_num 
_pdbx_nonpoly_scheme.auth_seq_num 
_pdbx_nonpoly_scheme.pdb_mon_id 
_pdbx_nonpoly_scheme.auth_mon_id 
_pdbx_nonpoly_scheme.pdb_strand_id 
_pdbx_nonpoly_scheme.pdb_ins_code 
B 2 HOH 1  2001 2001 HOH HOH A . 
B 2 HOH 2  2002 2002 HOH HOH A . 
B 2 HOH 3  2003 2003 HOH HOH A . 
B 2 HOH 4  2004 2004 HOH HOH A . 
B 2 HOH 5  2005 2005 HOH HOH A . 
B 2 HOH 6  2006 2006 HOH HOH A . 
B 2 HOH 7  2007 2007 HOH HOH A . 
B 2 HOH 8  2008 2008 HOH HOH A . 
B 2 HOH 9  2009 2009 HOH HOH A . 
B 2 HOH 10 2010 2010 HOH HOH A . 
B 2 HOH 11 2011 2011 HOH HOH A . 
B 2 HOH 12 2012 2012 HOH HOH A . 
B 2 HOH 13 2013 2013 HOH HOH A . 
B 2 HOH 14 2014 2014 HOH HOH A . 
B 2 HOH 15 2015 2015 HOH HOH A . 
B 2 HOH 16 2016 2016 HOH HOH A . 
B 2 HOH 17 2017 2017 HOH HOH A . 
B 2 HOH 18 2018 2018 HOH HOH A . 
B 2 HOH 19 2019 2019 HOH HOH A . 
B 2 HOH 20 2020 2020 HOH HOH A . 
B 2 HOH 21 2021 2021 HOH HOH A . 
B 2 HOH 22 2022 2022 HOH HOH A . 
B 2 HOH 23 2023 2023 HOH HOH A . 
B 2 HOH 24 2024 2024 HOH HOH A . 
B 2 HOH 25 2025 2025 HOH HOH A . 
B 2 HOH 26 2026 2026 HOH HOH A . 
B 2 HOH 27 2027 2027 HOH HOH A . 
B 2 HOH 28 2028 2028 HOH HOH A . 
B 2 HOH 29 2029 2029 HOH HOH A . 
B 2 HOH 30 2030 2030 HOH HOH A . 
B 2 HOH 31 2031 2031 HOH HOH A . 
B 2 HOH 32 2032 2032 HOH HOH A . 
B 2 HOH 33 2033 2033 HOH HOH A . 
B 2 HOH 34 2034 2034 HOH HOH A . 
B 2 HOH 35 2035 2035 HOH HOH A . 
B 2 HOH 36 2036 2036 HOH HOH A . 
B 2 HOH 37 2037 2037 HOH HOH A . 
B 2 HOH 38 2038 2038 HOH HOH A . 
B 2 HOH 39 2039 2039 HOH HOH A . 
B 2 HOH 40 2040 2040 HOH HOH A . 
B 2 HOH 41 2041 2041 HOH HOH A . 
B 2 HOH 42 2042 2042 HOH HOH A . 
B 2 HOH 43 2043 2043 HOH HOH A . 
B 2 HOH 44 2044 2044 HOH HOH A . 
B 2 HOH 45 2045 2045 HOH HOH A . 
B 2 HOH 46 2046 2046 HOH HOH A . 
B 2 HOH 47 2047 2047 HOH HOH A . 
B 2 HOH 48 2048 2048 HOH HOH A . 
B 2 HOH 49 2049 2049 HOH HOH A . 
B 2 HOH 50 2050 2050 HOH HOH A . 
B 2 HOH 51 2051 2051 HOH HOH A . 
B 2 HOH 52 2052 2052 HOH HOH A . 
B 2 HOH 53 2053 2053 HOH HOH A . 
B 2 HOH 54 2054 2054 HOH HOH A . 
# 
loop_
_software.name 
_software.classification 
_software.version 
_software.citation_id 
_software.pdbx_ordinal 
REFMAC    refinement       5.2.0019 ? 1 
DENZO     'data reduction' .        ? 2 
SCALEPACK 'data scaling'   .        ? 3 
autoSHARP phasing          .        ? 4 
# 
_cell.entry_id           2VC8 
_cell.length_a           37.300 
_cell.length_b           37.300 
_cell.length_c           79.209 
_cell.angle_alpha        90.00 
_cell.angle_beta         90.00 
_cell.angle_gamma        120.00 
_cell.Z_PDB              6 
_cell.pdbx_unique_axis   ? 
# 
_symmetry.entry_id                         2VC8 
_symmetry.space_group_name_H-M             'P 32 2 1' 
_symmetry.pdbx_full_space_group_name_H-M   ? 
_symmetry.cell_setting                     ? 
_symmetry.Int_Tables_number                154 
# 
_exptl.entry_id          2VC8 
_exptl.method            'X-RAY DIFFRACTION' 
_exptl.crystals_number   1 
# 
_exptl_crystal.id                    1 
_exptl_crystal.density_meas          ? 
_exptl_crystal.density_Matthews      1.77 
_exptl_crystal.density_percent_sol   30.6 
_exptl_crystal.description           NONE 
# 
_exptl_crystal_grow.crystal_id      1 
_exptl_crystal_grow.method          ? 
_exptl_crystal_grow.temp            ? 
_exptl_crystal_grow.temp_details    ? 
_exptl_crystal_grow.pH              4.1 
_exptl_crystal_grow.pdbx_pH_range   ? 
_exptl_crystal_grow.pdbx_details    '40 MM NA-PROPIONATE, 20 MM NA-CACODYLATE, 40 MM BIS-TRIS-PROPANE, PH=4.1, 32% PEG1500' 
# 
_diffrn.id                     1 
_diffrn.ambient_temp           100 
_diffrn.ambient_temp_details   ? 
_diffrn.crystal_id             1 
# 
_diffrn_detector.diffrn_id              1 
_diffrn_detector.detector               CCD 
_diffrn_detector.type                   MARRESEARCH 
_diffrn_detector.pdbx_collection_date   2007-03-09 
_diffrn_detector.details                MIRRORS 
# 
_diffrn_radiation.diffrn_id                        1 
_diffrn_radiation.wavelength_id                    1 
_diffrn_radiation.pdbx_monochromatic_or_laue_m_l   M 
_diffrn_radiation.monochromator                    SI111 
_diffrn_radiation.pdbx_diffrn_protocol             'SINGLE WAVELENGTH' 
_diffrn_radiation.pdbx_scattering_type             x-ray 
# 
_diffrn_radiation_wavelength.id           1 
_diffrn_radiation_wavelength.wavelength   1.0500 
_diffrn_radiation_wavelength.wt           1.0 
# 
_diffrn_source.diffrn_id                   1 
_diffrn_source.source                      SYNCHROTRON 
_diffrn_source.type                        'MPG/DESY, HAMBURG BEAMLINE BW6' 
_diffrn_source.pdbx_synchrotron_site       'MPG/DESY, HAMBURG' 
_diffrn_source.pdbx_synchrotron_beamline   BW6 
_diffrn_source.pdbx_wavelength             1.0500 
_diffrn_source.pdbx_wavelength_list        ? 
# 
_reflns.pdbx_diffrn_id               1 
_reflns.pdbx_ordinal                 1 
_reflns.entry_id                     2VC8 
_reflns.observed_criterion_sigma_I   . 
_reflns.observed_criterion_sigma_F   ? 
_reflns.d_resolution_low             18.70 
_reflns.d_resolution_high            1.31 
_reflns.number_obs                   15783 
_reflns.number_all                   ? 
_reflns.percent_possible_obs         98.6 
_reflns.pdbx_Rmerge_I_obs            0.05 
_reflns.pdbx_Rsym_value              ? 
_reflns.pdbx_netI_over_sigmaI        15.50 
_reflns.B_iso_Wilson_estimate        ? 
_reflns.pdbx_redundancy              12.9 
# 
_reflns_shell.pdbx_diffrn_id         1 
_reflns_shell.pdbx_ordinal           1 
_reflns_shell.d_res_high             1.31 
_reflns_shell.d_res_low              1.33 
_reflns_shell.percent_possible_all   99.8 
_reflns_shell.Rmerge_I_obs           0.28 
_reflns_shell.pdbx_Rsym_value        ? 
_reflns_shell.meanI_over_sigI_obs    4.70 
_reflns_shell.pdbx_redundancy        3.4 
# 
_refine.pdbx_refine_id                           'X-RAY DIFFRACTION' 
_refine.entry_id                                 2VC8 
_refine.pdbx_diffrn_id                           1 
_refine.pdbx_TLS_residual_ADP_flag               ? 
_refine.ls_number_reflns_obs                     14787 
_refine.ls_number_reflns_all                     ? 
_refine.pdbx_ls_sigma_I                          ? 
_refine.pdbx_ls_sigma_F                          ? 
_refine.pdbx_data_cutoff_high_absF               ? 
_refine.pdbx_data_cutoff_low_absF                ? 
_refine.pdbx_data_cutoff_high_rms_absF           ? 
_refine.ls_d_res_low                             18.65 
_refine.ls_d_res_high                            1.31 
_refine.ls_percent_reflns_obs                    97.3 
_refine.ls_R_factor_obs                          0.198 
_refine.ls_R_factor_all                          ? 
_refine.ls_R_factor_R_work                       0.196 
_refine.ls_R_factor_R_free                       0.231 
_refine.ls_R_factor_R_free_error                 ? 
_refine.ls_R_factor_R_free_error_details         ? 
_refine.ls_percent_reflns_R_free                 4.900 
_refine.ls_number_reflns_R_free                  758 
_refine.ls_number_parameters                     ? 
_refine.ls_number_restraints                     ? 
_refine.occupancy_min                            ? 
_refine.occupancy_max                            ? 
_refine.correlation_coeff_Fo_to_Fc               0.967 
_refine.correlation_coeff_Fo_to_Fc_free          0.954 
_refine.B_iso_mean                               18.30 
_refine.aniso_B[1][1]                            -0.54000 
_refine.aniso_B[2][2]                            -0.54000 
_refine.aniso_B[3][3]                            0.81000 
_refine.aniso_B[1][2]                            -0.27000 
_refine.aniso_B[1][3]                            0.00000 
_refine.aniso_B[2][3]                            0.00000 
_refine.solvent_model_details                    'BABINET MODEL WITH MASK' 
_refine.solvent_model_param_ksol                 ? 
_refine.solvent_model_param_bsol                 ? 
_refine.pdbx_solvent_vdw_probe_radii             1.20 
_refine.pdbx_solvent_ion_probe_radii             0.80 
_refine.pdbx_solvent_shrinkage_radii             0.80 
_refine.pdbx_ls_cross_valid_method               THROUGHOUT 
_refine.details                                  'HYDROGENS HAVE BEEN ADDED IN THE RIDING POSITIONS.' 
_refine.pdbx_starting_model                      NONE 
_refine.pdbx_method_to_determine_struct          SAD 
_refine.pdbx_isotropic_thermal_model             ? 
_refine.pdbx_stereochemistry_target_values       'MAXIMUM LIKELIHOOD' 
_refine.pdbx_stereochem_target_val_spec_case     ? 
_refine.pdbx_R_Free_selection_details            RANDOM 
_refine.pdbx_overall_ESU_R                       0.071 
_refine.pdbx_overall_ESU_R_Free                  0.066 
_refine.overall_SU_ML                            0.049 
_refine.pdbx_overall_phase_error                 ? 
_refine.overall_SU_B                             2.467 
_refine.overall_SU_R_Cruickshank_DPI             ? 
_refine.pdbx_overall_SU_R_free_Cruickshank_DPI   ? 
_refine.pdbx_overall_SU_R_Blow_DPI               ? 
_refine.pdbx_overall_SU_R_free_Blow_DPI          ? 
# 
_refine_hist.pdbx_refine_id                   'X-RAY DIFFRACTION' 
_refine_hist.cycle_id                         LAST 
_refine_hist.pdbx_number_atoms_protein        541 
_refine_hist.pdbx_number_atoms_nucleic_acid   0 
_refine_hist.pdbx_number_atoms_ligand         0 
_refine_hist.number_atoms_solvent             54 
_refine_hist.number_atoms_total               595 
_refine_hist.d_res_high                       1.31 
_refine_hist.d_res_low                        18.65 
# 
loop_
_refine_ls_restr.type 
_refine_ls_restr.dev_ideal 
_refine_ls_restr.dev_ideal_target 
_refine_ls_restr.weight 
_refine_ls_restr.number 
_refine_ls_restr.pdbx_refine_id 
_refine_ls_restr.pdbx_restraint_function 
r_bond_refined_d             0.019  0.022  ? 632  'X-RAY DIFFRACTION' ? 
r_bond_other_d               0.003  0.020  ? 426  'X-RAY DIFFRACTION' ? 
r_angle_refined_deg          1.752  1.973  ? 882  'X-RAY DIFFRACTION' ? 
r_angle_other_deg            1.020  3.000  ? 1070 'X-RAY DIFFRACTION' ? 
r_dihedral_angle_1_deg       6.084  5.000  ? 96   'X-RAY DIFFRACTION' ? 
r_dihedral_angle_2_deg       32.049 25.000 ? 26   'X-RAY DIFFRACTION' ? 
r_dihedral_angle_3_deg       12.702 15.000 ? 114  'X-RAY DIFFRACTION' ? 
r_dihedral_angle_4_deg       14.732 15.000 ? 4    'X-RAY DIFFRACTION' ? 
r_chiral_restr               0.114  0.200  ? 108  'X-RAY DIFFRACTION' ? 
r_gen_planes_refined         0.009  0.020  ? 732  'X-RAY DIFFRACTION' ? 
r_gen_planes_other           0.002  0.020  ? 119  'X-RAY DIFFRACTION' ? 
r_nbd_refined                0.205  0.200  ? 118  'X-RAY DIFFRACTION' ? 
r_nbd_other                  0.209  0.200  ? 438  'X-RAY DIFFRACTION' ? 
r_nbtor_refined              0.167  0.200  ? 324  'X-RAY DIFFRACTION' ? 
r_nbtor_other                0.087  0.200  ? 359  'X-RAY DIFFRACTION' ? 
r_xyhbond_nbd_refined        0.186  0.200  ? 41   'X-RAY DIFFRACTION' ? 
r_xyhbond_nbd_other          ?      ?      ? ?    'X-RAY DIFFRACTION' ? 
r_metal_ion_refined          ?      ?      ? ?    'X-RAY DIFFRACTION' ? 
r_metal_ion_other            ?      ?      ? ?    'X-RAY DIFFRACTION' ? 
r_symmetry_vdw_refined       0.243  0.200  ? 11   'X-RAY DIFFRACTION' ? 
r_symmetry_vdw_other         0.212  0.200  ? 39   'X-RAY DIFFRACTION' ? 
r_symmetry_hbond_refined     0.177  0.200  ? 7    'X-RAY DIFFRACTION' ? 
r_symmetry_hbond_other       ?      ?      ? ?    'X-RAY DIFFRACTION' ? 
r_symmetry_metal_ion_refined ?      ?      ? ?    'X-RAY DIFFRACTION' ? 
r_symmetry_metal_ion_other   ?      ?      ? ?    'X-RAY DIFFRACTION' ? 
r_mcbond_it                  6.276  24.000 ? 545  'X-RAY DIFFRACTION' ? 
r_mcbond_other               ?      ?      ? ?    'X-RAY DIFFRACTION' ? 
r_mcangle_it                 6.721  32.000 ? 672  'X-RAY DIFFRACTION' ? 
r_mcangle_other              ?      ?      ? ?    'X-RAY DIFFRACTION' ? 
r_scbond_it                  7.773  48.000 ? 278  'X-RAY DIFFRACTION' ? 
r_scbond_other               ?      ?      ? ?    'X-RAY DIFFRACTION' ? 
r_scangle_it                 9.185  72.000 ? 197  'X-RAY DIFFRACTION' ? 
r_scangle_other              ?      ?      ? ?    'X-RAY DIFFRACTION' ? 
r_long_range_B_refined       ?      ?      ? ?    'X-RAY DIFFRACTION' ? 
r_long_range_B_other         ?      ?      ? ?    'X-RAY DIFFRACTION' ? 
r_rigid_bond_restr           ?      ?      ? ?    'X-RAY DIFFRACTION' ? 
r_sphericity_free            ?      ?      ? ?    'X-RAY DIFFRACTION' ? 
r_sphericity_bonded          ?      ?      ? ?    'X-RAY DIFFRACTION' ? 
# 
_refine_ls_shell.pdbx_refine_id                   'X-RAY DIFFRACTION' 
_refine_ls_shell.pdbx_total_number_of_bins_used   20 
_refine_ls_shell.d_res_high                       1.31 
_refine_ls_shell.d_res_low                        1.34 
_refine_ls_shell.number_reflns_R_work             1109 
_refine_ls_shell.R_factor_R_work                  0.3130 
_refine_ls_shell.percent_reflns_obs               ? 
_refine_ls_shell.R_factor_R_free                  0.3830 
_refine_ls_shell.R_factor_R_free_error            ? 
_refine_ls_shell.percent_reflns_R_free            ? 
_refine_ls_shell.number_reflns_R_free             52 
_refine_ls_shell.number_reflns_all                ? 
_refine_ls_shell.R_factor_all                     ? 
# 
_struct.entry_id                  2VC8 
_struct.title                     'Crystal structure of the LSm domain of human EDC3 (enhancer of decapping 3)' 
_struct.pdbx_model_details        ? 
_struct.pdbx_CASP_flag            ? 
_struct.pdbx_model_type_details   ? 
# 
_struct_keywords.entry_id        2VC8 
_struct_keywords.pdbx_keywords   'PROTEIN BINDING' 
_struct_keywords.text            
'P-BODY COMPONENT, ENHANCER OF MRNA DECAPPING, RNA, CYTOPLASM, SM-LIKE PROTEIN, PROTEIN-BINDING, PROTEIN BINDING' 
# 
loop_
_struct_asym.id 
_struct_asym.pdbx_blank_PDB_chainid_flag 
_struct_asym.pdbx_modified 
_struct_asym.entity_id 
_struct_asym.details 
A N N 1 ? 
B N N 2 ? 
# 
loop_
_struct_ref.id 
_struct_ref.db_name 
_struct_ref.db_code 
_struct_ref.entity_id 
_struct_ref.pdbx_seq_one_letter_code 
_struct_ref.pdbx_align_begin 
_struct_ref.pdbx_db_accession 
_struct_ref.pdbx_db_isoform 
1 PDB 2VC8       1 ? ? 2VC8   ? 
2 UNP EDC3_HUMAN 1 ? ? Q96F86 ? 
# 
loop_
_struct_ref_seq.align_id 
_struct_ref_seq.ref_id 
_struct_ref_seq.pdbx_PDB_id_code 
_struct_ref_seq.pdbx_strand_id 
_struct_ref_seq.seq_align_beg 
_struct_ref_seq.pdbx_seq_align_beg_ins_code 
_struct_ref_seq.seq_align_end 
_struct_ref_seq.pdbx_seq_align_end_ins_code 
_struct_ref_seq.pdbx_db_accession 
_struct_ref_seq.db_align_beg 
_struct_ref_seq.pdbx_db_align_beg_ins_code 
_struct_ref_seq.db_align_end 
_struct_ref_seq.pdbx_db_align_end_ins_code 
_struct_ref_seq.pdbx_auth_seq_align_beg 
_struct_ref_seq.pdbx_auth_seq_align_end 
1 1 2VC8 A 1 ? 2  ? 2VC8   -1 ? 0  ? -1 0  
2 2 2VC8 A 3 ? 84 ? Q96F86 1  ? 82 ? 1  82 
# 
_pdbx_struct_assembly.id                   1 
_pdbx_struct_assembly.details              author_and_software_defined_assembly 
_pdbx_struct_assembly.method_details       PQS 
_pdbx_struct_assembly.oligomeric_details   monomeric 
_pdbx_struct_assembly.oligomeric_count     1 
# 
_pdbx_struct_assembly_gen.assembly_id       1 
_pdbx_struct_assembly_gen.oper_expression   1 
_pdbx_struct_assembly_gen.asym_id_list      A,B 
# 
_pdbx_struct_oper_list.id                   1 
_pdbx_struct_oper_list.type                 'identity operation' 
_pdbx_struct_oper_list.name                 1_555 
_pdbx_struct_oper_list.symmetry_operation   x,y,z 
_pdbx_struct_oper_list.matrix[1][1]         1.0000000000 
_pdbx_struct_oper_list.matrix[1][2]         0.0000000000 
_pdbx_struct_oper_list.matrix[1][3]         0.0000000000 
_pdbx_struct_oper_list.vector[1]            0.0000000000 
_pdbx_struct_oper_list.matrix[2][1]         0.0000000000 
_pdbx_struct_oper_list.matrix[2][2]         1.0000000000 
_pdbx_struct_oper_list.matrix[2][3]         0.0000000000 
_pdbx_struct_oper_list.vector[2]            0.0000000000 
_pdbx_struct_oper_list.matrix[3][1]         0.0000000000 
_pdbx_struct_oper_list.matrix[3][2]         0.0000000000 
_pdbx_struct_oper_list.matrix[3][3]         1.0000000000 
_pdbx_struct_oper_list.vector[3]            0.0000000000 
# 
_struct_biol.id   1 
# 
_struct_conf.conf_type_id            HELX_P 
_struct_conf.id                      HELX_P1 
_struct_conf.pdbx_PDB_helix_id       1 
_struct_conf.beg_label_comp_id       GLY 
_struct_conf.beg_label_asym_id       A 
_struct_conf.beg_label_seq_id        59 
_struct_conf.pdbx_beg_PDB_ins_code   ? 
_struct_conf.end_label_comp_id       ILE 
_struct_conf.end_label_asym_id       A 
_struct_conf.end_label_seq_id        61 
_struct_conf.pdbx_end_PDB_ins_code   ? 
_struct_conf.beg_auth_comp_id        GLY 
_struct_conf.beg_auth_asym_id        A 
_struct_conf.beg_auth_seq_id         57 
_struct_conf.end_auth_comp_id        ILE 
_struct_conf.end_auth_asym_id        A 
_struct_conf.end_auth_seq_id         59 
_struct_conf.pdbx_PDB_helix_class    5 
_struct_conf.details                 ? 
_struct_conf.pdbx_PDB_helix_length   3 
# 
_struct_conf_type.id          HELX_P 
_struct_conf_type.criteria    ? 
_struct_conf_type.reference   ? 
# 
loop_
_struct_sheet.id 
_struct_sheet.type 
_struct_sheet.number_strands 
_struct_sheet.details 
AA ? 5 ? 
AB ? 3 ? 
# 
loop_
_struct_sheet_order.sheet_id 
_struct_sheet_order.range_id_1 
_struct_sheet_order.range_id_2 
_struct_sheet_order.offset 
_struct_sheet_order.sense 
AA 1 2 ? anti-parallel 
AA 2 3 ? anti-parallel 
AA 3 4 ? anti-parallel 
AA 4 5 ? anti-parallel 
AB 1 2 ? anti-parallel 
AB 2 3 ? anti-parallel 
# 
loop_
_struct_sheet_range.sheet_id 
_struct_sheet_range.id 
_struct_sheet_range.beg_label_comp_id 
_struct_sheet_range.beg_label_asym_id 
_struct_sheet_range.beg_label_seq_id 
_struct_sheet_range.pdbx_beg_PDB_ins_code 
_struct_sheet_range.end_label_comp_id 
_struct_sheet_range.end_label_asym_id 
_struct_sheet_range.end_label_seq_id 
_struct_sheet_range.pdbx_end_PDB_ins_code 
_struct_sheet_range.beg_auth_comp_id 
_struct_sheet_range.beg_auth_asym_id 
_struct_sheet_range.beg_auth_seq_id 
_struct_sheet_range.end_auth_comp_id 
_struct_sheet_range.end_auth_asym_id 
_struct_sheet_range.end_auth_seq_id 
AA 1 VAL A 47 ? LYS A 48 ? VAL A 45 LYS A 46 
AA 2 THR A 36 ? HIS A 44 ? THR A 34 HIS A 42 
AA 3 VAL A 22 ? ASP A 31 ? VAL A 20 ASP A 29 
AA 4 ILE A 11 ? ASN A 15 ? ILE A 9  ASN A 13 
AA 5 GLU A 63 ? GLU A 68 ? GLU A 61 GLU A 66 
AB 1 VAL A 47 ? LYS A 48 ? VAL A 45 LYS A 46 
AB 2 THR A 36 ? HIS A 44 ? THR A 34 HIS A 42 
AB 3 GLU A 53 ? ARG A 57 ? GLU A 51 ARG A 55 
# 
loop_
_pdbx_struct_sheet_hbond.sheet_id 
_pdbx_struct_sheet_hbond.range_id_1 
_pdbx_struct_sheet_hbond.range_id_2 
_pdbx_struct_sheet_hbond.range_1_label_atom_id 
_pdbx_struct_sheet_hbond.range_1_label_comp_id 
_pdbx_struct_sheet_hbond.range_1_label_asym_id 
_pdbx_struct_sheet_hbond.range_1_label_seq_id 
_pdbx_struct_sheet_hbond.range_1_PDB_ins_code 
_pdbx_struct_sheet_hbond.range_1_auth_atom_id 
_pdbx_struct_sheet_hbond.range_1_auth_comp_id 
_pdbx_struct_sheet_hbond.range_1_auth_asym_id 
_pdbx_struct_sheet_hbond.range_1_auth_seq_id 
_pdbx_struct_sheet_hbond.range_2_label_atom_id 
_pdbx_struct_sheet_hbond.range_2_label_comp_id 
_pdbx_struct_sheet_hbond.range_2_label_asym_id 
_pdbx_struct_sheet_hbond.range_2_label_seq_id 
_pdbx_struct_sheet_hbond.range_2_PDB_ins_code 
_pdbx_struct_sheet_hbond.range_2_auth_atom_id 
_pdbx_struct_sheet_hbond.range_2_auth_comp_id 
_pdbx_struct_sheet_hbond.range_2_auth_asym_id 
_pdbx_struct_sheet_hbond.range_2_auth_seq_id 
AA 1 2 N VAL A 47 ? N VAL A 45 O HIS A 44 ? O HIS A 42 
AA 2 3 N PHE A 43 ? N PHE A 41 O GLN A 24 ? O GLN A 22 
AA 3 4 N GLY A 25 ? N GLY A 23 O VAL A 12 ? O VAL A 10 
AA 4 5 N ASN A 15 ? N ASN A 13 O GLU A 63 ? O GLU A 61 
AB 1 2 N VAL A 47 ? N VAL A 45 O HIS A 44 ? O HIS A 42 
AB 2 3 N LEU A 39 ? N LEU A 37 O VAL A 54 ? O VAL A 52 
# 
_pdbx_validate_close_contact.id               1 
_pdbx_validate_close_contact.PDB_model_num    1 
_pdbx_validate_close_contact.auth_atom_id_1   OG 
_pdbx_validate_close_contact.auth_asym_id_1   A 
_pdbx_validate_close_contact.auth_comp_id_1   SER 
_pdbx_validate_close_contact.auth_seq_id_1    17 
_pdbx_validate_close_contact.PDB_ins_code_1   ? 
_pdbx_validate_close_contact.label_alt_id_1   A 
_pdbx_validate_close_contact.auth_atom_id_2   O 
_pdbx_validate_close_contact.auth_asym_id_2   A 
_pdbx_validate_close_contact.auth_comp_id_2   HOH 
_pdbx_validate_close_contact.auth_seq_id_2    2008 
_pdbx_validate_close_contact.PDB_ins_code_2   ? 
_pdbx_validate_close_contact.label_alt_id_2   ? 
_pdbx_validate_close_contact.dist             2.15 
# 
_pdbx_validate_rmsd_angle.id                         1 
_pdbx_validate_rmsd_angle.PDB_model_num              1 
_pdbx_validate_rmsd_angle.auth_atom_id_1             NE 
_pdbx_validate_rmsd_angle.auth_asym_id_1             A 
_pdbx_validate_rmsd_angle.auth_comp_id_1             ARG 
_pdbx_validate_rmsd_angle.auth_seq_id_1              39 
_pdbx_validate_rmsd_angle.PDB_ins_code_1             ? 
_pdbx_validate_rmsd_angle.label_alt_id_1             A 
_pdbx_validate_rmsd_angle.auth_atom_id_2             CZ 
_pdbx_validate_rmsd_angle.auth_asym_id_2             A 
_pdbx_validate_rmsd_angle.auth_comp_id_2             ARG 
_pdbx_validate_rmsd_angle.auth_seq_id_2              39 
_pdbx_validate_rmsd_angle.PDB_ins_code_2             ? 
_pdbx_validate_rmsd_angle.label_alt_id_2             A 
_pdbx_validate_rmsd_angle.auth_atom_id_3             NH2 
_pdbx_validate_rmsd_angle.auth_asym_id_3             A 
_pdbx_validate_rmsd_angle.auth_comp_id_3             ARG 
_pdbx_validate_rmsd_angle.auth_seq_id_3              39 
_pdbx_validate_rmsd_angle.PDB_ins_code_3             ? 
_pdbx_validate_rmsd_angle.label_alt_id_3             A 
_pdbx_validate_rmsd_angle.angle_value                116.99 
_pdbx_validate_rmsd_angle.angle_target_value         120.30 
_pdbx_validate_rmsd_angle.angle_deviation            -3.31 
_pdbx_validate_rmsd_angle.angle_standard_deviation   0.50 
_pdbx_validate_rmsd_angle.linker_flag                N 
# 
_pdbx_validate_torsion.id              1 
_pdbx_validate_torsion.PDB_model_num   1 
_pdbx_validate_torsion.auth_comp_id    ARG 
_pdbx_validate_torsion.auth_asym_id    A 
_pdbx_validate_torsion.auth_seq_id     39 
_pdbx_validate_torsion.PDB_ins_code    ? 
_pdbx_validate_torsion.label_alt_id    ? 
_pdbx_validate_torsion.phi             35.72 
_pdbx_validate_torsion.psi             58.64 
# 
_pdbx_database_remark.id     700 
_pdbx_database_remark.text   
;
SHEET
THE SHEET STRUCTURE OF THIS MOLECULE IS BIFURCATED. IN
ORDER TO REPRESENT THIS FEATURE IN THE SHEET RECORDS BELOW,
TWO SHEETS ARE DEFINED.
;
# 
_pdbx_entry_details.entry_id                 2VC8 
_pdbx_entry_details.compound_details         ? 
_pdbx_entry_details.source_details           ? 
_pdbx_entry_details.nonpolymer_details       ? 
_pdbx_entry_details.sequence_details         
;THE CRYSTALLIZED SEQUENCE CORRESPONDS TO RESIDUES 1-82 OF
HUMAN EDC3 PLUS TWO N-TERMINAL RESIDUES (GA) REMAINING
FROM THE PURIFICATION TAG
;
_pdbx_entry_details.has_ligand_of_interest   ? 
# 
loop_
_pdbx_unobs_or_zero_occ_residues.id 
_pdbx_unobs_or_zero_occ_residues.PDB_model_num 
_pdbx_unobs_or_zero_occ_residues.polymer_flag 
_pdbx_unobs_or_zero_occ_residues.occupancy_flag 
_pdbx_unobs_or_zero_occ_residues.auth_asym_id 
_pdbx_unobs_or_zero_occ_residues.auth_comp_id 
_pdbx_unobs_or_zero_occ_residues.auth_seq_id 
_pdbx_unobs_or_zero_occ_residues.PDB_ins_code 
_pdbx_unobs_or_zero_occ_residues.label_asym_id 
_pdbx_unobs_or_zero_occ_residues.label_comp_id 
_pdbx_unobs_or_zero_occ_residues.label_seq_id 
1  1 Y 1 A GLY -1 ? A GLY 1  
2  1 Y 1 A ALA 0  ? A ALA 2  
3  1 Y 1 A MET 1  ? A MET 3  
4  1 Y 1 A ALA 2  ? A ALA 4  
5  1 Y 1 A HIS 75 ? A HIS 77 
6  1 Y 1 A PHE 76 ? A PHE 78 
7  1 Y 1 A GLY 77 ? A GLY 79 
8  1 Y 1 A ASP 78 ? A ASP 80 
9  1 Y 1 A LEU 79 ? A LEU 81 
10 1 Y 1 A HIS 80 ? A HIS 82 
11 1 Y 1 A GLN 81 ? A GLN 83 
12 1 Y 1 A THR 82 ? A THR 84 
# 
loop_
_chem_comp_atom.comp_id 
_chem_comp_atom.atom_id 
_chem_comp_atom.type_symbol 
_chem_comp_atom.pdbx_aromatic_flag 
_chem_comp_atom.pdbx_stereo_config 
_chem_comp_atom.pdbx_ordinal 
ALA N    N N N 1   
ALA CA   C N S 2   
ALA C    C N N 3   
ALA O    O N N 4   
ALA CB   C N N 5   
ALA OXT  O N N 6   
ALA H    H N N 7   
ALA H2   H N N 8   
ALA HA   H N N 9   
ALA HB1  H N N 10  
ALA HB2  H N N 11  
ALA HB3  H N N 12  
ALA HXT  H N N 13  
ARG N    N N N 14  
ARG CA   C N S 15  
ARG C    C N N 16  
ARG O    O N N 17  
ARG CB   C N N 18  
ARG CG   C N N 19  
ARG CD   C N N 20  
ARG NE   N N N 21  
ARG CZ   C N N 22  
ARG NH1  N N N 23  
ARG NH2  N N N 24  
ARG OXT  O N N 25  
ARG H    H N N 26  
ARG H2   H N N 27  
ARG HA   H N N 28  
ARG HB2  H N N 29  
ARG HB3  H N N 30  
ARG HG2  H N N 31  
ARG HG3  H N N 32  
ARG HD2  H N N 33  
ARG HD3  H N N 34  
ARG HE   H N N 35  
ARG HH11 H N N 36  
ARG HH12 H N N 37  
ARG HH21 H N N 38  
ARG HH22 H N N 39  
ARG HXT  H N N 40  
ASN N    N N N 41  
ASN CA   C N S 42  
ASN C    C N N 43  
ASN O    O N N 44  
ASN CB   C N N 45  
ASN CG   C N N 46  
ASN OD1  O N N 47  
ASN ND2  N N N 48  
ASN OXT  O N N 49  
ASN H    H N N 50  
ASN H2   H N N 51  
ASN HA   H N N 52  
ASN HB2  H N N 53  
ASN HB3  H N N 54  
ASN HD21 H N N 55  
ASN HD22 H N N 56  
ASN HXT  H N N 57  
ASP N    N N N 58  
ASP CA   C N S 59  
ASP C    C N N 60  
ASP O    O N N 61  
ASP CB   C N N 62  
ASP CG   C N N 63  
ASP OD1  O N N 64  
ASP OD2  O N N 65  
ASP OXT  O N N 66  
ASP H    H N N 67  
ASP H2   H N N 68  
ASP HA   H N N 69  
ASP HB2  H N N 70  
ASP HB3  H N N 71  
ASP HD2  H N N 72  
ASP HXT  H N N 73  
CYS N    N N N 74  
CYS CA   C N R 75  
CYS C    C N N 76  
CYS O    O N N 77  
CYS CB   C N N 78  
CYS SG   S N N 79  
CYS OXT  O N N 80  
CYS H    H N N 81  
CYS H2   H N N 82  
CYS HA   H N N 83  
CYS HB2  H N N 84  
CYS HB3  H N N 85  
CYS HG   H N N 86  
CYS HXT  H N N 87  
GLN N    N N N 88  
GLN CA   C N S 89  
GLN C    C N N 90  
GLN O    O N N 91  
GLN CB   C N N 92  
GLN CG   C N N 93  
GLN CD   C N N 94  
GLN OE1  O N N 95  
GLN NE2  N N N 96  
GLN OXT  O N N 97  
GLN H    H N N 98  
GLN H2   H N N 99  
GLN HA   H N N 100 
GLN HB2  H N N 101 
GLN HB3  H N N 102 
GLN HG2  H N N 103 
GLN HG3  H N N 104 
GLN HE21 H N N 105 
GLN HE22 H N N 106 
GLN HXT  H N N 107 
GLU N    N N N 108 
GLU CA   C N S 109 
GLU C    C N N 110 
GLU O    O N N 111 
GLU CB   C N N 112 
GLU CG   C N N 113 
GLU CD   C N N 114 
GLU OE1  O N N 115 
GLU OE2  O N N 116 
GLU OXT  O N N 117 
GLU H    H N N 118 
GLU H2   H N N 119 
GLU HA   H N N 120 
GLU HB2  H N N 121 
GLU HB3  H N N 122 
GLU HG2  H N N 123 
GLU HG3  H N N 124 
GLU HE2  H N N 125 
GLU HXT  H N N 126 
GLY N    N N N 127 
GLY CA   C N N 128 
GLY C    C N N 129 
GLY O    O N N 130 
GLY OXT  O N N 131 
GLY H    H N N 132 
GLY H2   H N N 133 
GLY HA2  H N N 134 
GLY HA3  H N N 135 
GLY HXT  H N N 136 
HIS N    N N N 137 
HIS CA   C N S 138 
HIS C    C N N 139 
HIS O    O N N 140 
HIS CB   C N N 141 
HIS CG   C Y N 142 
HIS ND1  N Y N 143 
HIS CD2  C Y N 144 
HIS CE1  C Y N 145 
HIS NE2  N Y N 146 
HIS OXT  O N N 147 
HIS H    H N N 148 
HIS H2   H N N 149 
HIS HA   H N N 150 
HIS HB2  H N N 151 
HIS HB3  H N N 152 
HIS HD1  H N N 153 
HIS HD2  H N N 154 
HIS HE1  H N N 155 
HIS HE2  H N N 156 
HIS HXT  H N N 157 
HOH O    O N N 158 
HOH H1   H N N 159 
HOH H2   H N N 160 
ILE N    N N N 161 
ILE CA   C N S 162 
ILE C    C N N 163 
ILE O    O N N 164 
ILE CB   C N S 165 
ILE CG1  C N N 166 
ILE CG2  C N N 167 
ILE CD1  C N N 168 
ILE OXT  O N N 169 
ILE H    H N N 170 
ILE H2   H N N 171 
ILE HA   H N N 172 
ILE HB   H N N 173 
ILE HG12 H N N 174 
ILE HG13 H N N 175 
ILE HG21 H N N 176 
ILE HG22 H N N 177 
ILE HG23 H N N 178 
ILE HD11 H N N 179 
ILE HD12 H N N 180 
ILE HD13 H N N 181 
ILE HXT  H N N 182 
LEU N    N N N 183 
LEU CA   C N S 184 
LEU C    C N N 185 
LEU O    O N N 186 
LEU CB   C N N 187 
LEU CG   C N N 188 
LEU CD1  C N N 189 
LEU CD2  C N N 190 
LEU OXT  O N N 191 
LEU H    H N N 192 
LEU H2   H N N 193 
LEU HA   H N N 194 
LEU HB2  H N N 195 
LEU HB3  H N N 196 
LEU HG   H N N 197 
LEU HD11 H N N 198 
LEU HD12 H N N 199 
LEU HD13 H N N 200 
LEU HD21 H N N 201 
LEU HD22 H N N 202 
LEU HD23 H N N 203 
LEU HXT  H N N 204 
LYS N    N N N 205 
LYS CA   C N S 206 
LYS C    C N N 207 
LYS O    O N N 208 
LYS CB   C N N 209 
LYS CG   C N N 210 
LYS CD   C N N 211 
LYS CE   C N N 212 
LYS NZ   N N N 213 
LYS OXT  O N N 214 
LYS H    H N N 215 
LYS H2   H N N 216 
LYS HA   H N N 217 
LYS HB2  H N N 218 
LYS HB3  H N N 219 
LYS HG2  H N N 220 
LYS HG3  H N N 221 
LYS HD2  H N N 222 
LYS HD3  H N N 223 
LYS HE2  H N N 224 
LYS HE3  H N N 225 
LYS HZ1  H N N 226 
LYS HZ2  H N N 227 
LYS HZ3  H N N 228 
LYS HXT  H N N 229 
MET N    N N N 230 
MET CA   C N S 231 
MET C    C N N 232 
MET O    O N N 233 
MET CB   C N N 234 
MET CG   C N N 235 
MET SD   S N N 236 
MET CE   C N N 237 
MET OXT  O N N 238 
MET H    H N N 239 
MET H2   H N N 240 
MET HA   H N N 241 
MET HB2  H N N 242 
MET HB3  H N N 243 
MET HG2  H N N 244 
MET HG3  H N N 245 
MET HE1  H N N 246 
MET HE2  H N N 247 
MET HE3  H N N 248 
MET HXT  H N N 249 
PHE N    N N N 250 
PHE CA   C N S 251 
PHE C    C N N 252 
PHE O    O N N 253 
PHE CB   C N N 254 
PHE CG   C Y N 255 
PHE CD1  C Y N 256 
PHE CD2  C Y N 257 
PHE CE1  C Y N 258 
PHE CE2  C Y N 259 
PHE CZ   C Y N 260 
PHE OXT  O N N 261 
PHE H    H N N 262 
PHE H2   H N N 263 
PHE HA   H N N 264 
PHE HB2  H N N 265 
PHE HB3  H N N 266 
PHE HD1  H N N 267 
PHE HD2  H N N 268 
PHE HE1  H N N 269 
PHE HE2  H N N 270 
PHE HZ   H N N 271 
PHE HXT  H N N 272 
PRO N    N N N 273 
PRO CA   C N S 274 
PRO C    C N N 275 
PRO O    O N N 276 
PRO CB   C N N 277 
PRO CG   C N N 278 
PRO CD   C N N 279 
PRO OXT  O N N 280 
PRO H    H N N 281 
PRO HA   H N N 282 
PRO HB2  H N N 283 
PRO HB3  H N N 284 
PRO HG2  H N N 285 
PRO HG3  H N N 286 
PRO HD2  H N N 287 
PRO HD3  H N N 288 
PRO HXT  H N N 289 
SER N    N N N 290 
SER CA   C N S 291 
SER C    C N N 292 
SER O    O N N 293 
SER CB   C N N 294 
SER OG   O N N 295 
SER OXT  O N N 296 
SER H    H N N 297 
SER H2   H N N 298 
SER HA   H N N 299 
SER HB2  H N N 300 
SER HB3  H N N 301 
SER HG   H N N 302 
SER HXT  H N N 303 
THR N    N N N 304 
THR CA   C N S 305 
THR C    C N N 306 
THR O    O N N 307 
THR CB   C N R 308 
THR OG1  O N N 309 
THR CG2  C N N 310 
THR OXT  O N N 311 
THR H    H N N 312 
THR H2   H N N 313 
THR HA   H N N 314 
THR HB   H N N 315 
THR HG1  H N N 316 
THR HG21 H N N 317 
THR HG22 H N N 318 
THR HG23 H N N 319 
THR HXT  H N N 320 
TRP N    N N N 321 
TRP CA   C N S 322 
TRP C    C N N 323 
TRP O    O N N 324 
TRP CB   C N N 325 
TRP CG   C Y N 326 
TRP CD1  C Y N 327 
TRP CD2  C Y N 328 
TRP NE1  N Y N 329 
TRP CE2  C Y N 330 
TRP CE3  C Y N 331 
TRP CZ2  C Y N 332 
TRP CZ3  C Y N 333 
TRP CH2  C Y N 334 
TRP OXT  O N N 335 
TRP H    H N N 336 
TRP H2   H N N 337 
TRP HA   H N N 338 
TRP HB2  H N N 339 
TRP HB3  H N N 340 
TRP HD1  H N N 341 
TRP HE1  H N N 342 
TRP HE3  H N N 343 
TRP HZ2  H N N 344 
TRP HZ3  H N N 345 
TRP HH2  H N N 346 
TRP HXT  H N N 347 
TYR N    N N N 348 
TYR CA   C N S 349 
TYR C    C N N 350 
TYR O    O N N 351 
TYR CB   C N N 352 
TYR CG   C Y N 353 
TYR CD1  C Y N 354 
TYR CD2  C Y N 355 
TYR CE1  C Y N 356 
TYR CE2  C Y N 357 
TYR CZ   C Y N 358 
TYR OH   O N N 359 
TYR OXT  O N N 360 
TYR H    H N N 361 
TYR H2   H N N 362 
TYR HA   H N N 363 
TYR HB2  H N N 364 
TYR HB3  H N N 365 
TYR HD1  H N N 366 
TYR HD2  H N N 367 
TYR HE1  H N N 368 
TYR HE2  H N N 369 
TYR HH   H N N 370 
TYR HXT  H N N 371 
VAL N    N N N 372 
VAL CA   C N S 373 
VAL C    C N N 374 
VAL O    O N N 375 
VAL CB   C N N 376 
VAL CG1  C N N 377 
VAL CG2  C N N 378 
VAL OXT  O N N 379 
VAL H    H N N 380 
VAL H2   H N N 381 
VAL HA   H N N 382 
VAL HB   H N N 383 
VAL HG11 H N N 384 
VAL HG12 H N N 385 
VAL HG13 H N N 386 
VAL HG21 H N N 387 
VAL HG22 H N N 388 
VAL HG23 H N N 389 
VAL HXT  H N N 390 
# 
loop_
_chem_comp_bond.comp_id 
_chem_comp_bond.atom_id_1 
_chem_comp_bond.atom_id_2 
_chem_comp_bond.value_order 
_chem_comp_bond.pdbx_aromatic_flag 
_chem_comp_bond.pdbx_stereo_config 
_chem_comp_bond.pdbx_ordinal 
ALA N   CA   sing N N 1   
ALA N   H    sing N N 2   
ALA N   H2   sing N N 3   
ALA CA  C    sing N N 4   
ALA CA  CB   sing N N 5   
ALA CA  HA   sing N N 6   
ALA C   O    doub N N 7   
ALA C   OXT  sing N N 8   
ALA CB  HB1  sing N N 9   
ALA CB  HB2  sing N N 10  
ALA CB  HB3  sing N N 11  
ALA OXT HXT  sing N N 12  
ARG N   CA   sing N N 13  
ARG N   H    sing N N 14  
ARG N   H2   sing N N 15  
ARG CA  C    sing N N 16  
ARG CA  CB   sing N N 17  
ARG CA  HA   sing N N 18  
ARG C   O    doub N N 19  
ARG C   OXT  sing N N 20  
ARG CB  CG   sing N N 21  
ARG CB  HB2  sing N N 22  
ARG CB  HB3  sing N N 23  
ARG CG  CD   sing N N 24  
ARG CG  HG2  sing N N 25  
ARG CG  HG3  sing N N 26  
ARG CD  NE   sing N N 27  
ARG CD  HD2  sing N N 28  
ARG CD  HD3  sing N N 29  
ARG NE  CZ   sing N N 30  
ARG NE  HE   sing N N 31  
ARG CZ  NH1  sing N N 32  
ARG CZ  NH2  doub N N 33  
ARG NH1 HH11 sing N N 34  
ARG NH1 HH12 sing N N 35  
ARG NH2 HH21 sing N N 36  
ARG NH2 HH22 sing N N 37  
ARG OXT HXT  sing N N 38  
ASN N   CA   sing N N 39  
ASN N   H    sing N N 40  
ASN N   H2   sing N N 41  
ASN CA  C    sing N N 42  
ASN CA  CB   sing N N 43  
ASN CA  HA   sing N N 44  
ASN C   O    doub N N 45  
ASN C   OXT  sing N N 46  
ASN CB  CG   sing N N 47  
ASN CB  HB2  sing N N 48  
ASN CB  HB3  sing N N 49  
ASN CG  OD1  doub N N 50  
ASN CG  ND2  sing N N 51  
ASN ND2 HD21 sing N N 52  
ASN ND2 HD22 sing N N 53  
ASN OXT HXT  sing N N 54  
ASP N   CA   sing N N 55  
ASP N   H    sing N N 56  
ASP N   H2   sing N N 57  
ASP CA  C    sing N N 58  
ASP CA  CB   sing N N 59  
ASP CA  HA   sing N N 60  
ASP C   O    doub N N 61  
ASP C   OXT  sing N N 62  
ASP CB  CG   sing N N 63  
ASP CB  HB2  sing N N 64  
ASP CB  HB3  sing N N 65  
ASP CG  OD1  doub N N 66  
ASP CG  OD2  sing N N 67  
ASP OD2 HD2  sing N N 68  
ASP OXT HXT  sing N N 69  
CYS N   CA   sing N N 70  
CYS N   H    sing N N 71  
CYS N   H2   sing N N 72  
CYS CA  C    sing N N 73  
CYS CA  CB   sing N N 74  
CYS CA  HA   sing N N 75  
CYS C   O    doub N N 76  
CYS C   OXT  sing N N 77  
CYS CB  SG   sing N N 78  
CYS CB  HB2  sing N N 79  
CYS CB  HB3  sing N N 80  
CYS SG  HG   sing N N 81  
CYS OXT HXT  sing N N 82  
GLN N   CA   sing N N 83  
GLN N   H    sing N N 84  
GLN N   H2   sing N N 85  
GLN CA  C    sing N N 86  
GLN CA  CB   sing N N 87  
GLN CA  HA   sing N N 88  
GLN C   O    doub N N 89  
GLN C   OXT  sing N N 90  
GLN CB  CG   sing N N 91  
GLN CB  HB2  sing N N 92  
GLN CB  HB3  sing N N 93  
GLN CG  CD   sing N N 94  
GLN CG  HG2  sing N N 95  
GLN CG  HG3  sing N N 96  
GLN CD  OE1  doub N N 97  
GLN CD  NE2  sing N N 98  
GLN NE2 HE21 sing N N 99  
GLN NE2 HE22 sing N N 100 
GLN OXT HXT  sing N N 101 
GLU N   CA   sing N N 102 
GLU N   H    sing N N 103 
GLU N   H2   sing N N 104 
GLU CA  C    sing N N 105 
GLU CA  CB   sing N N 106 
GLU CA  HA   sing N N 107 
GLU C   O    doub N N 108 
GLU C   OXT  sing N N 109 
GLU CB  CG   sing N N 110 
GLU CB  HB2  sing N N 111 
GLU CB  HB3  sing N N 112 
GLU CG  CD   sing N N 113 
GLU CG  HG2  sing N N 114 
GLU CG  HG3  sing N N 115 
GLU CD  OE1  doub N N 116 
GLU CD  OE2  sing N N 117 
GLU OE2 HE2  sing N N 118 
GLU OXT HXT  sing N N 119 
GLY N   CA   sing N N 120 
GLY N   H    sing N N 121 
GLY N   H2   sing N N 122 
GLY CA  C    sing N N 123 
GLY CA  HA2  sing N N 124 
GLY CA  HA3  sing N N 125 
GLY C   O    doub N N 126 
GLY C   OXT  sing N N 127 
GLY OXT HXT  sing N N 128 
HIS N   CA   sing N N 129 
HIS N   H    sing N N 130 
HIS N   H2   sing N N 131 
HIS CA  C    sing N N 132 
HIS CA  CB   sing N N 133 
HIS CA  HA   sing N N 134 
HIS C   O    doub N N 135 
HIS C   OXT  sing N N 136 
HIS CB  CG   sing N N 137 
HIS CB  HB2  sing N N 138 
HIS CB  HB3  sing N N 139 
HIS CG  ND1  sing Y N 140 
HIS CG  CD2  doub Y N 141 
HIS ND1 CE1  doub Y N 142 
HIS ND1 HD1  sing N N 143 
HIS CD2 NE2  sing Y N 144 
HIS CD2 HD2  sing N N 145 
HIS CE1 NE2  sing Y N 146 
HIS CE1 HE1  sing N N 147 
HIS NE2 HE2  sing N N 148 
HIS OXT HXT  sing N N 149 
HOH O   H1   sing N N 150 
HOH O   H2   sing N N 151 
ILE N   CA   sing N N 152 
ILE N   H    sing N N 153 
ILE N   H2   sing N N 154 
ILE CA  C    sing N N 155 
ILE CA  CB   sing N N 156 
ILE CA  HA   sing N N 157 
ILE C   O    doub N N 158 
ILE C   OXT  sing N N 159 
ILE CB  CG1  sing N N 160 
ILE CB  CG2  sing N N 161 
ILE CB  HB   sing N N 162 
ILE CG1 CD1  sing N N 163 
ILE CG1 HG12 sing N N 164 
ILE CG1 HG13 sing N N 165 
ILE CG2 HG21 sing N N 166 
ILE CG2 HG22 sing N N 167 
ILE CG2 HG23 sing N N 168 
ILE CD1 HD11 sing N N 169 
ILE CD1 HD12 sing N N 170 
ILE CD1 HD13 sing N N 171 
ILE OXT HXT  sing N N 172 
LEU N   CA   sing N N 173 
LEU N   H    sing N N 174 
LEU N   H2   sing N N 175 
LEU CA  C    sing N N 176 
LEU CA  CB   sing N N 177 
LEU CA  HA   sing N N 178 
LEU C   O    doub N N 179 
LEU C   OXT  sing N N 180 
LEU CB  CG   sing N N 181 
LEU CB  HB2  sing N N 182 
LEU CB  HB3  sing N N 183 
LEU CG  CD1  sing N N 184 
LEU CG  CD2  sing N N 185 
LEU CG  HG   sing N N 186 
LEU CD1 HD11 sing N N 187 
LEU CD1 HD12 sing N N 188 
LEU CD1 HD13 sing N N 189 
LEU CD2 HD21 sing N N 190 
LEU CD2 HD22 sing N N 191 
LEU CD2 HD23 sing N N 192 
LEU OXT HXT  sing N N 193 
LYS N   CA   sing N N 194 
LYS N   H    sing N N 195 
LYS N   H2   sing N N 196 
LYS CA  C    sing N N 197 
LYS CA  CB   sing N N 198 
LYS CA  HA   sing N N 199 
LYS C   O    doub N N 200 
LYS C   OXT  sing N N 201 
LYS CB  CG   sing N N 202 
LYS CB  HB2  sing N N 203 
LYS CB  HB3  sing N N 204 
LYS CG  CD   sing N N 205 
LYS CG  HG2  sing N N 206 
LYS CG  HG3  sing N N 207 
LYS CD  CE   sing N N 208 
LYS CD  HD2  sing N N 209 
LYS CD  HD3  sing N N 210 
LYS CE  NZ   sing N N 211 
LYS CE  HE2  sing N N 212 
LYS CE  HE3  sing N N 213 
LYS NZ  HZ1  sing N N 214 
LYS NZ  HZ2  sing N N 215 
LYS NZ  HZ3  sing N N 216 
LYS OXT HXT  sing N N 217 
MET N   CA   sing N N 218 
MET N   H    sing N N 219 
MET N   H2   sing N N 220 
MET CA  C    sing N N 221 
MET CA  CB   sing N N 222 
MET CA  HA   sing N N 223 
MET C   O    doub N N 224 
MET C   OXT  sing N N 225 
MET CB  CG   sing N N 226 
MET CB  HB2  sing N N 227 
MET CB  HB3  sing N N 228 
MET CG  SD   sing N N 229 
MET CG  HG2  sing N N 230 
MET CG  HG3  sing N N 231 
MET SD  CE   sing N N 232 
MET CE  HE1  sing N N 233 
MET CE  HE2  sing N N 234 
MET CE  HE3  sing N N 235 
MET OXT HXT  sing N N 236 
PHE N   CA   sing N N 237 
PHE N   H    sing N N 238 
PHE N   H2   sing N N 239 
PHE CA  C    sing N N 240 
PHE CA  CB   sing N N 241 
PHE CA  HA   sing N N 242 
PHE C   O    doub N N 243 
PHE C   OXT  sing N N 244 
PHE CB  CG   sing N N 245 
PHE CB  HB2  sing N N 246 
PHE CB  HB3  sing N N 247 
PHE CG  CD1  doub Y N 248 
PHE CG  CD2  sing Y N 249 
PHE CD1 CE1  sing Y N 250 
PHE CD1 HD1  sing N N 251 
PHE CD2 CE2  doub Y N 252 
PHE CD2 HD2  sing N N 253 
PHE CE1 CZ   doub Y N 254 
PHE CE1 HE1  sing N N 255 
PHE CE2 CZ   sing Y N 256 
PHE CE2 HE2  sing N N 257 
PHE CZ  HZ   sing N N 258 
PHE OXT HXT  sing N N 259 
PRO N   CA   sing N N 260 
PRO N   CD   sing N N 261 
PRO N   H    sing N N 262 
PRO CA  C    sing N N 263 
PRO CA  CB   sing N N 264 
PRO CA  HA   sing N N 265 
PRO C   O    doub N N 266 
PRO C   OXT  sing N N 267 
PRO CB  CG   sing N N 268 
PRO CB  HB2  sing N N 269 
PRO CB  HB3  sing N N 270 
PRO CG  CD   sing N N 271 
PRO CG  HG2  sing N N 272 
PRO CG  HG3  sing N N 273 
PRO CD  HD2  sing N N 274 
PRO CD  HD3  sing N N 275 
PRO OXT HXT  sing N N 276 
SER N   CA   sing N N 277 
SER N   H    sing N N 278 
SER N   H2   sing N N 279 
SER CA  C    sing N N 280 
SER CA  CB   sing N N 281 
SER CA  HA   sing N N 282 
SER C   O    doub N N 283 
SER C   OXT  sing N N 284 
SER CB  OG   sing N N 285 
SER CB  HB2  sing N N 286 
SER CB  HB3  sing N N 287 
SER OG  HG   sing N N 288 
SER OXT HXT  sing N N 289 
THR N   CA   sing N N 290 
THR N   H    sing N N 291 
THR N   H2   sing N N 292 
THR CA  C    sing N N 293 
THR CA  CB   sing N N 294 
THR CA  HA   sing N N 295 
THR C   O    doub N N 296 
THR C   OXT  sing N N 297 
THR CB  OG1  sing N N 298 
THR CB  CG2  sing N N 299 
THR CB  HB   sing N N 300 
THR OG1 HG1  sing N N 301 
THR CG2 HG21 sing N N 302 
THR CG2 HG22 sing N N 303 
THR CG2 HG23 sing N N 304 
THR OXT HXT  sing N N 305 
TRP N   CA   sing N N 306 
TRP N   H    sing N N 307 
TRP N   H2   sing N N 308 
TRP CA  C    sing N N 309 
TRP CA  CB   sing N N 310 
TRP CA  HA   sing N N 311 
TRP C   O    doub N N 312 
TRP C   OXT  sing N N 313 
TRP CB  CG   sing N N 314 
TRP CB  HB2  sing N N 315 
TRP CB  HB3  sing N N 316 
TRP CG  CD1  doub Y N 317 
TRP CG  CD2  sing Y N 318 
TRP CD1 NE1  sing Y N 319 
TRP CD1 HD1  sing N N 320 
TRP CD2 CE2  doub Y N 321 
TRP CD2 CE3  sing Y N 322 
TRP NE1 CE2  sing Y N 323 
TRP NE1 HE1  sing N N 324 
TRP CE2 CZ2  sing Y N 325 
TRP CE3 CZ3  doub Y N 326 
TRP CE3 HE3  sing N N 327 
TRP CZ2 CH2  doub Y N 328 
TRP CZ2 HZ2  sing N N 329 
TRP CZ3 CH2  sing Y N 330 
TRP CZ3 HZ3  sing N N 331 
TRP CH2 HH2  sing N N 332 
TRP OXT HXT  sing N N 333 
TYR N   CA   sing N N 334 
TYR N   H    sing N N 335 
TYR N   H2   sing N N 336 
TYR CA  C    sing N N 337 
TYR CA  CB   sing N N 338 
TYR CA  HA   sing N N 339 
TYR C   O    doub N N 340 
TYR C   OXT  sing N N 341 
TYR CB  CG   sing N N 342 
TYR CB  HB2  sing N N 343 
TYR CB  HB3  sing N N 344 
TYR CG  CD1  doub Y N 345 
TYR CG  CD2  sing Y N 346 
TYR CD1 CE1  sing Y N 347 
TYR CD1 HD1  sing N N 348 
TYR CD2 CE2  doub Y N 349 
TYR CD2 HD2  sing N N 350 
TYR CE1 CZ   doub Y N 351 
TYR CE1 HE1  sing N N 352 
TYR CE2 CZ   sing Y N 353 
TYR CE2 HE2  sing N N 354 
TYR CZ  OH   sing N N 355 
TYR OH  HH   sing N N 356 
TYR OXT HXT  sing N N 357 
VAL N   CA   sing N N 358 
VAL N   H    sing N N 359 
VAL N   H2   sing N N 360 
VAL CA  C    sing N N 361 
VAL CA  CB   sing N N 362 
VAL CA  HA   sing N N 363 
VAL C   O    doub N N 364 
VAL C   OXT  sing N N 365 
VAL CB  CG1  sing N N 366 
VAL CB  CG2  sing N N 367 
VAL CB  HB   sing N N 368 
VAL CG1 HG11 sing N N 369 
VAL CG1 HG12 sing N N 370 
VAL CG1 HG13 sing N N 371 
VAL CG2 HG21 sing N N 372 
VAL CG2 HG22 sing N N 373 
VAL CG2 HG23 sing N N 374 
VAL OXT HXT  sing N N 375 
# 
_atom_sites.entry_id                    2VC8 
_atom_sites.fract_transf_matrix[1][1]   0.00127235 
_atom_sites.fract_transf_matrix[1][2]   0.01116540 
_atom_sites.fract_transf_matrix[1][3]   -0.02884544 
_atom_sites.fract_transf_matrix[2][1]   0.01720170 
_atom_sites.fract_transf_matrix[2][2]   -0.01431159 
_atom_sites.fract_transf_matrix[2][3]   -0.02139196 
_atom_sites.fract_transf_matrix[3][1]   -0.00991302 
_atom_sites.fract_transf_matrix[3][2]   -0.00713384 
_atom_sites.fract_transf_matrix[3][3]   -0.00319860 
_atom_sites.fract_transf_vector[1]      0.879781 
_atom_sites.fract_transf_vector[2]      0.353213 
_atom_sites.fract_transf_vector[3]      0.039554 
# 
loop_
_atom_type.symbol 
C 
N 
O 
S 
# 
loop_
_atom_site.group_PDB 
_atom_site.id 
_atom_site.type_symbol 
_atom_site.label_atom_id 
_atom_site.label_alt_id 
_atom_site.label_comp_id 
_atom_site.label_asym_id 
_atom_site.label_entity_id 
_atom_site.label_seq_id 
_atom_site.pdbx_PDB_ins_code 
_atom_site.Cartn_x 
_atom_site.Cartn_y 
_atom_site.Cartn_z 
_atom_site.occupancy 
_atom_site.B_iso_or_equiv 
_atom_site.pdbx_formal_charge 
_atom_site.auth_seq_id 
_atom_site.auth_comp_id 
_atom_site.auth_asym_id 
_atom_site.auth_atom_id 
_atom_site.pdbx_PDB_model_num 
ATOM   1   N N   . THR A 1 5  ? -1.325  10.822  -7.284  1.00 52.46 ? 3    THR A N   1 
ATOM   2   C CA  . THR A 1 5  ? -2.457  9.988   -6.807  1.00 46.88 ? 3    THR A CA  1 
ATOM   3   C C   . THR A 1 5  ? -2.742  8.835   -7.768  1.00 48.77 ? 3    THR A C   1 
ATOM   4   O O   . THR A 1 5  ? -3.737  8.110   -7.609  1.00 43.16 ? 3    THR A O   1 
ATOM   5   C CB  . THR A 1 5  ? -3.729  10.818  -6.632  1.00 49.20 ? 3    THR A CB  1 
ATOM   6   O OG1 . THR A 1 5  ? -4.001  11.553  -7.832  1.00 51.20 ? 3    THR A OG1 1 
ATOM   7   C CG2 . THR A 1 5  ? -3.574  11.770  -5.462  1.00 50.61 ? 3    THR A CG2 1 
ATOM   8   N N   . ASP A 1 6  ? -1.853  8.675   -8.750  1.00 44.78 ? 4    ASP A N   1 
ATOM   9   C CA  . ASP A 1 6  ? -1.970  7.634   -9.754  1.00 46.42 ? 4    ASP A CA  1 
ATOM   10  C C   . ASP A 1 6  ? -1.963  6.215   -9.166  1.00 37.69 ? 4    ASP A C   1 
ATOM   11  O O   . ASP A 1 6  ? -2.562  5.334   -9.771  1.00 36.91 ? 4    ASP A O   1 
ATOM   12  C CB  . ASP A 1 6  ? -0.890  7.793   -10.834 1.00 40.87 ? 4    ASP A CB  1 
ATOM   13  C CG  . ASP A 1 6  ? -1.005  9.139   -11.568 1.00 50.07 ? 4    ASP A CG  1 
ATOM   14  O OD1 . ASP A 1 6  ? -1.997  9.877   -11.305 1.00 51.39 ? 4    ASP A OD1 1 
ATOM   15  O OD2 . ASP A 1 6  ? -0.117  9.463   -12.392 1.00 45.08 ? 4    ASP A OD2 1 
ATOM   16  N N   . TRP A 1 7  ? -1.343  6.000   -8.000  1.00 28.79 ? 5    TRP A N   1 
ATOM   17  C CA  . TRP A 1 7  ? -1.305  4.625   -7.379  1.00 26.22 ? 5    TRP A CA  1 
ATOM   18  C C   . TRP A 1 7  ? -2.715  4.093   -6.964  1.00 21.23 ? 5    TRP A C   1 
ATOM   19  O O   . TRP A 1 7  ? -2.924  2.855   -6.763  1.00 21.83 ? 5    TRP A O   1 
ATOM   20  C CB  . TRP A 1 7  ? -0.381  4.594   -6.152  1.00 32.59 ? 5    TRP A CB  1 
ATOM   21  C CG  . TRP A 1 7  ? 1.067   5.138   -6.313  1.00 30.43 ? 5    TRP A CG  1 
ATOM   22  C CD1 . TRP A 1 7  ? 1.636   6.187   -5.619  1.00 33.87 ? 5    TRP A CD1 1 
ATOM   23  C CD2 . TRP A 1 7  ? 2.084   4.664   -7.198  1.00 28.76 ? 5    TRP A CD2 1 
ATOM   24  N NE1 . TRP A 1 7  ? 2.935   6.377   -6.023  1.00 33.52 ? 5    TRP A NE1 1 
ATOM   25  C CE2 . TRP A 1 7  ? 3.239   5.456   -6.988  1.00 31.66 ? 5    TRP A CE2 1 
ATOM   26  C CE3 . TRP A 1 7  ? 2.141   3.635   -8.137  1.00 30.24 ? 5    TRP A CE3 1 
ATOM   27  C CZ2 . TRP A 1 7  ? 4.424   5.266   -7.715  1.00 37.13 ? 5    TRP A CZ2 1 
ATOM   28  C CZ3 . TRP A 1 7  ? 3.331   3.445   -8.861  1.00 36.18 ? 5    TRP A CZ3 1 
ATOM   29  C CH2 . TRP A 1 7  ? 4.449   4.251   -8.641  1.00 37.03 ? 5    TRP A CH2 1 
ATOM   30  N N   . LEU A 1 8  ? -3.699  4.982   -6.830  1.00 24.55 ? 6    LEU A N   1 
ATOM   31  C CA  . LEU A 1 8  ? -5.020  4.614   -6.302  1.00 21.27 ? 6    LEU A CA  1 
ATOM   32  C C   . LEU A 1 8  ? -5.630  3.448   -7.040  1.00 19.10 ? 6    LEU A C   1 
ATOM   33  O O   . LEU A 1 8  ? -5.692  3.473   -8.263  1.00 23.76 ? 6    LEU A O   1 
ATOM   34  C CB  . LEU A 1 8  ? -5.955  5.812   -6.298  1.00 24.44 ? 6    LEU A CB  1 
ATOM   35  C CG  . LEU A 1 8  ? -7.338  5.624   -5.655  1.00 27.80 ? 6    LEU A CG  1 
ATOM   36  C CD1 . LEU A 1 8  ? -7.278  5.415   -4.099  1.00 29.32 ? 6    LEU A CD1 1 
ATOM   37  C CD2 . LEU A 1 8  ? -8.250  6.782   -5.996  1.00 32.85 ? 6    LEU A CD2 1 
ATOM   38  N N   . GLY A 1 9  ? -6.029  2.409   -6.311  1.00 18.53 ? 7    GLY A N   1 
ATOM   39  C CA  . GLY A 1 9  ? -6.679  1.245   -6.921  1.00 17.17 ? 7    GLY A CA  1 
ATOM   40  C C   . GLY A 1 9  ? -5.723  0.135   -7.386  1.00 17.84 ? 7    GLY A C   1 
ATOM   41  O O   . GLY A 1 9  ? -6.151  -0.955  -7.782  1.00 18.22 ? 7    GLY A O   1 
ATOM   42  N N   . SER A 1 10 ? -4.443  0.439   -7.440  1.00 16.36 ? 8    SER A N   1 
ATOM   43  C CA  A SER A 1 10 ? -3.473  -0.611  -7.720  0.50 15.68 ? 8    SER A CA  1 
ATOM   44  C CA  B SER A 1 10 ? -3.388  -0.558  -7.667  0.50 14.44 ? 8    SER A CA  1 
ATOM   45  C C   . SER A 1 10 ? -3.402  -1.602  -6.576  1.00 12.98 ? 8    SER A C   1 
ATOM   46  O O   . SER A 1 10 ? -3.913  -1.349  -5.463  1.00 16.06 ? 8    SER A O   1 
ATOM   47  C CB  A SER A 1 10 ? -2.114  -0.010  -7.971  0.50 15.31 ? 8    SER A CB  1 
ATOM   48  C CB  B SER A 1 10 ? -1.998  0.098   -7.671  0.50 18.06 ? 8    SER A CB  1 
ATOM   49  O OG  A SER A 1 10 ? -1.689  0.621   -6.799  0.50 15.45 ? 8    SER A OG  1 
ATOM   50  O OG  B SER A 1 10 ? -1.824  1.045   -8.711  0.50 16.85 ? 8    SER A OG  1 
ATOM   51  N N   . ILE A 1 11 ? -2.811  -2.745  -6.845  1.00 13.31 ? 9    ILE A N   1 
ATOM   52  C CA  A ILE A 1 11 ? -2.388  -3.612  -5.758  0.50 14.07 ? 9    ILE A CA  1 
ATOM   53  C CA  B ILE A 1 11 ? -2.377  -3.663  -5.826  0.50 14.91 ? 9    ILE A CA  1 
ATOM   54  C C   . ILE A 1 11 ? -0.862  -3.568  -5.730  1.00 13.69 ? 9    ILE A C   1 
ATOM   55  O O   . ILE A 1 11 ? -0.225  -3.692  -6.749  1.00 13.40 ? 9    ILE A O   1 
ATOM   56  C CB  A ILE A 1 11 ? -2.850  -5.091  -5.928  0.50 13.27 ? 9    ILE A CB  1 
ATOM   57  C CB  B ILE A 1 11 ? -2.715  -5.102  -6.271  0.50 16.66 ? 9    ILE A CB  1 
ATOM   58  C CG1 A ILE A 1 11 ? -4.379  -5.214  -6.230  0.50 15.69 ? 9    ILE A CG1 1 
ATOM   59  C CG1 B ILE A 1 11 ? -4.199  -5.223  -6.643  0.50 19.48 ? 9    ILE A CG1 1 
ATOM   60  C CG2 A ILE A 1 11 ? -2.486  -5.929  -4.697  0.50 14.03 ? 9    ILE A CG2 1 
ATOM   61  C CG2 B ILE A 1 11 ? -2.307  -6.098  -5.178  0.50 15.11 ? 9    ILE A CG2 1 
ATOM   62  C CD1 A ILE A 1 11 ? -4.862  -6.657  -6.445  0.50 22.81 ? 9    ILE A CD1 1 
ATOM   63  C CD1 B ILE A 1 11 ? -5.040  -4.745  -5.552  0.50 20.75 ? 9    ILE A CD1 1 
ATOM   64  N N   . VAL A 1 12 ? -0.328  -3.335  -4.547  1.00 12.89 ? 10   VAL A N   1 
ATOM   65  C CA  . VAL A 1 12 ? 1.111   -3.057  -4.393  1.00 12.44 ? 10   VAL A CA  1 
ATOM   66  C C   . VAL A 1 12 ? 1.722   -3.872  -3.268  1.00 12.18 ? 10   VAL A C   1 
ATOM   67  O O   . VAL A 1 12 ? 1.031   -4.346  -2.383  1.00 13.81 ? 10   VAL A O   1 
ATOM   68  C CB  . VAL A 1 12 ? 1.403   -1.553  -4.154  1.00 12.28 ? 10   VAL A CB  1 
ATOM   69  C CG1 . VAL A 1 12 ? 0.866   -0.728  -5.297  1.00 14.13 ? 10   VAL A CG1 1 
ATOM   70  C CG2 . VAL A 1 12 ? 0.904   -1.079  -2.810  1.00 14.22 ? 10   VAL A CG2 1 
ATOM   71  N N   . SER A 1 13 ? 3.033   -3.981  -3.309  1.00 13.13 ? 11   SER A N   1 
ATOM   72  C CA  . SER A 1 13 ? 3.832   -4.468  -2.220  1.00 13.40 ? 11   SER A CA  1 
ATOM   73  C C   . SER A 1 13 ? 4.711   -3.278  -1.809  1.00 11.22 ? 11   SER A C   1 
ATOM   74  O O   . SER A 1 13 ? 5.384   -2.732  -2.653  1.00 18.57 ? 11   SER A O   1 
ATOM   75  C CB  . SER A 1 13 ? 4.707   -5.614  -2.686  1.00 19.29 ? 11   SER A CB  1 
ATOM   76  O OG  . SER A 1 13 ? 5.551   -6.030  -1.648  1.00 21.19 ? 11   SER A OG  1 
ATOM   77  N N   A ILE A 1 14 ? 4.648   -2.801  -0.551  0.50 15.99 ? 12   ILE A N   1 
ATOM   78  N N   B ILE A 1 14 ? 4.705   -3.049  -0.501  0.50 16.93 ? 12   ILE A N   1 
ATOM   79  C CA  A ILE A 1 14 ? 5.381   -1.620  -0.010  0.50 12.01 ? 12   ILE A CA  1 
ATOM   80  C CA  B ILE A 1 14 ? 5.392   -1.910  0.116   0.50 18.49 ? 12   ILE A CA  1 
ATOM   81  C C   A ILE A 1 14 ? 6.409   -2.170  1.033   0.50 13.29 ? 12   ILE A C   1 
ATOM   82  C C   B ILE A 1 14 ? 6.492   -2.457  1.000   0.50 12.14 ? 12   ILE A C   1 
ATOM   83  O O   A ILE A 1 14 ? 5.971   -2.723  2.042   0.50 11.89 ? 12   ILE A O   1 
ATOM   84  O O   B ILE A 1 14 ? 6.220   -3.279  1.848   0.50 13.41 ? 12   ILE A O   1 
ATOM   85  C CB  A ILE A 1 14 ? 4.377   -0.685  0.706   0.50 13.14 ? 12   ILE A CB  1 
ATOM   86  C CB  B ILE A 1 14 ? 4.398   -1.044  0.992   0.50 17.89 ? 12   ILE A CB  1 
ATOM   87  C CG1 A ILE A 1 14 ? 3.456   0.025   -0.303  0.50 14.72 ? 12   ILE A CG1 1 
ATOM   88  C CG1 B ILE A 1 14 ? 3.644   -0.122  0.057   0.50 26.11 ? 12   ILE A CG1 1 
ATOM   89  C CG2 A ILE A 1 14 ? 5.067   0.409   1.561   0.50 11.58 ? 12   ILE A CG2 1 
ATOM   90  C CG2 B ILE A 1 14 ? 5.141   -0.218  2.103   0.50 20.12 ? 12   ILE A CG2 1 
ATOM   91  C CD1 A ILE A 1 14 ? 2.404   0.882   0.366   0.50 14.05 ? 12   ILE A CD1 1 
ATOM   92  C CD1 B ILE A 1 14 ? 4.493   0.185   -1.185  0.50 20.59 ? 12   ILE A CD1 1 
ATOM   93  N N   . ASN A 1 15 ? 7.737   -2.039  0.787   1.00 15.34 ? 13   ASN A N   1 
ATOM   94  C CA  . ASN A 1 15 ? 8.784   -2.403  1.716   1.00 16.45 ? 13   ASN A CA  1 
ATOM   95  C C   . ASN A 1 15 ? 9.099   -1.178  2.535   1.00 14.74 ? 13   ASN A C   1 
ATOM   96  O O   . ASN A 1 15 ? 9.435   -0.163  1.979   1.00 16.07 ? 13   ASN A O   1 
ATOM   97  C CB  . ASN A 1 15 ? 10.011  -2.853  0.950   1.00 16.73 ? 13   ASN A CB  1 
ATOM   98  C CG  . ASN A 1 15 ? 11.012  -3.547  1.813   1.00 20.83 ? 13   ASN A CG  1 
ATOM   99  O OD1 . ASN A 1 15 ? 11.112  -3.297  3.027   1.00 20.72 ? 13   ASN A OD1 1 
ATOM   100 N ND2 . ASN A 1 15 ? 11.793  -4.415  1.184   1.00 26.87 ? 13   ASN A ND2 1 
ATOM   101 N N   . CYS A 1 16 ? 8.982   -1.282  3.843   1.00 16.45 ? 14   CYS A N   1 
ATOM   102 C CA  A CYS A 1 16 ? 9.238   -0.142  4.702   0.50 20.35 ? 14   CYS A CA  1 
ATOM   103 C CA  B CYS A 1 16 ? 9.209   -0.164  4.735   0.50 20.67 ? 14   CYS A CA  1 
ATOM   104 C C   . CYS A 1 16 ? 10.574  -0.255  5.413   1.00 22.30 ? 14   CYS A C   1 
ATOM   105 O O   . CYS A 1 16 ? 10.882  0.538   6.338   1.00 27.69 ? 14   CYS A O   1 
ATOM   106 C CB  A CYS A 1 16 ? 8.070   0.054   5.652   0.50 26.70 ? 14   CYS A CB  1 
ATOM   107 C CB  B CYS A 1 16 ? 8.072   -0.123  5.744   0.50 27.36 ? 14   CYS A CB  1 
ATOM   108 S SG  A CYS A 1 16 ? 6.866   1.200   4.988   0.50 26.79 ? 14   CYS A SG  1 
ATOM   109 S SG  B CYS A 1 16 ? 6.451   0.042   4.966   0.50 26.17 ? 14   CYS A SG  1 
ATOM   110 N N   . GLY A 1 17 ? 11.407  -1.162  4.950   1.00 22.60 ? 15   GLY A N   1 
ATOM   111 C CA  . GLY A 1 17 ? 12.777  -1.269  5.500   1.00 24.77 ? 15   GLY A CA  1 
ATOM   112 C C   . GLY A 1 17 ? 12.865  -2.348  6.553   1.00 24.32 ? 15   GLY A C   1 
ATOM   113 O O   . GLY A 1 17 ? 11.869  -2.985  6.897   1.00 24.73 ? 15   GLY A O   1 
ATOM   114 N N   . ASP A 1 18 ? 14.055  -2.484  7.135   1.00 24.89 ? 16   ASP A N   1 
ATOM   115 C CA  . ASP A 1 18 ? 14.350  -3.617  7.990   1.00 29.07 ? 16   ASP A CA  1 
ATOM   116 C C   . ASP A 1 18 ? 13.426  -3.743  9.153   1.00 24.98 ? 16   ASP A C   1 
ATOM   117 O O   . ASP A 1 18 ? 13.164  -4.844  9.576   1.00 30.39 ? 16   ASP A O   1 
ATOM   118 C CB  . ASP A 1 18 ? 15.772  -3.521  8.567   1.00 37.68 ? 16   ASP A CB  1 
ATOM   119 C CG  . ASP A 1 18 ? 16.834  -3.655  7.513   1.00 48.65 ? 16   ASP A CG  1 
ATOM   120 O OD1 . ASP A 1 18 ? 16.598  -4.405  6.541   1.00 56.17 ? 16   ASP A OD1 1 
ATOM   121 O OD2 . ASP A 1 18 ? 17.904  -3.013  7.666   1.00 51.65 ? 16   ASP A OD2 1 
ATOM   122 N N   . SER A 1 19 ? 13.024  -2.612  9.734   1.00 24.15 ? 17   SER A N   1 
ATOM   123 C CA  A SER A 1 19 ? 12.275  -2.661  10.997  0.50 25.11 ? 17   SER A CA  1 
ATOM   124 C CA  B SER A 1 19 ? 12.265  -2.585  10.994  0.50 24.54 ? 17   SER A CA  1 
ATOM   125 C C   . SER A 1 19 ? 10.800  -3.055  10.893  1.00 31.06 ? 17   SER A C   1 
ATOM   126 O O   . SER A 1 19 ? 10.270  -3.705  11.789  1.00 42.96 ? 17   SER A O   1 
ATOM   127 C CB  A SER A 1 19 ? 12.397  -1.344  11.748  0.50 35.07 ? 17   SER A CB  1 
ATOM   128 C CB  B SER A 1 19 ? 12.354  -1.194  11.694  0.50 31.69 ? 17   SER A CB  1 
ATOM   129 O OG  A SER A 1 19 ? 13.628  -1.296  12.440  0.50 33.41 ? 17   SER A OG  1 
ATOM   130 O OG  B SER A 1 19 ? 12.125  -0.023  10.884  0.50 20.99 ? 17   SER A OG  1 
ATOM   131 N N   . LEU A 1 20 ? 10.127  -2.720  9.798   1.00 22.72 ? 18   LEU A N   1 
ATOM   132 C CA  . LEU A 1 20 ? 8.706   -3.088  9.609   1.00 22.31 ? 18   LEU A CA  1 
ATOM   133 C C   . LEU A 1 20 ? 8.432   -4.098  8.511   1.00 22.72 ? 18   LEU A C   1 
ATOM   134 O O   . LEU A 1 20 ? 7.356   -4.755  8.508   1.00 22.47 ? 18   LEU A O   1 
ATOM   135 C CB  . LEU A 1 20 ? 7.858   -1.855  9.331   1.00 23.59 ? 18   LEU A CB  1 
ATOM   136 C CG  . LEU A 1 20 ? 7.579   -0.929  10.504  1.00 21.42 ? 18   LEU A CG  1 
ATOM   137 C CD1 . LEU A 1 20 ? 6.699   0.215   10.030  1.00 28.00 ? 18   LEU A CD1 1 
ATOM   138 C CD2 . LEU A 1 20 ? 6.935   -1.673  11.602  1.00 28.76 ? 18   LEU A CD2 1 
ATOM   139 N N   . GLY A 1 21 ? 9.324   -4.205  7.550   1.00 20.58 ? 19   GLY A N   1 
ATOM   140 C CA  . GLY A 1 21 ? 9.148   -5.201  6.493   1.00 19.08 ? 19   GLY A CA  1 
ATOM   141 C C   . GLY A 1 21 ? 8.103   -4.794  5.445   1.00 17.85 ? 19   GLY A C   1 
ATOM   142 O O   . GLY A 1 21 ? 7.938   -3.614  5.127   1.00 18.16 ? 19   GLY A O   1 
ATOM   143 N N   . VAL A 1 22 ? 7.458   -5.817  4.864   1.00 17.17 ? 20   VAL A N   1 
ATOM   144 C CA  . VAL A 1 22 ? 6.779   -5.679  3.605   1.00 15.83 ? 20   VAL A CA  1 
ATOM   145 C C   . VAL A 1 22 ? 5.286   -5.869  3.837   1.00 14.66 ? 20   VAL A C   1 
ATOM   146 O O   . VAL A 1 22 ? 4.852   -6.792  4.587   1.00 16.67 ? 20   VAL A O   1 
ATOM   147 C CB  . VAL A 1 22 ? 7.303   -6.681  2.588   1.00 17.96 ? 20   VAL A CB  1 
ATOM   148 C CG1 . VAL A 1 22 ? 6.552   -6.631  1.278   1.00 20.82 ? 20   VAL A CG1 1 
ATOM   149 C CG2 . VAL A 1 22 ? 8.794   -6.407  2.352   1.00 25.18 ? 20   VAL A CG2 1 
ATOM   150 N N   . TYR A 1 23 ? 4.478   -5.004  3.236   1.00 13.57 ? 21   TYR A N   1 
ATOM   151 C CA  . TYR A 1 23 ? 3.010   -5.050  3.295   1.00 12.84 ? 21   TYR A CA  1 
ATOM   152 C C   . TYR A 1 23 ? 2.478   -5.106  1.890   1.00 14.65 ? 21   TYR A C   1 
ATOM   153 O O   . TYR A 1 23 ? 2.979   -4.360  1.025   1.00 15.78 ? 21   TYR A O   1 
ATOM   154 C CB  . TYR A 1 23 ? 2.472   -3.823  4.047   1.00 13.32 ? 21   TYR A CB  1 
ATOM   155 C CG  . TYR A 1 23 ? 2.943   -3.793  5.467   1.00 14.78 ? 21   TYR A CG  1 
ATOM   156 C CD1 . TYR A 1 23 ? 4.223   -3.351  5.759   1.00 16.95 ? 21   TYR A CD1 1 
ATOM   157 C CD2 . TYR A 1 23 ? 2.171   -4.287  6.492   1.00 16.00 ? 21   TYR A CD2 1 
ATOM   158 C CE1 . TYR A 1 23 ? 4.755   -3.373  7.010   1.00 19.53 ? 21   TYR A CE1 1 
ATOM   159 C CE2 . TYR A 1 23 ? 2.706   -4.291  7.828   1.00 18.65 ? 21   TYR A CE2 1 
ATOM   160 C CZ  . TYR A 1 23 ? 4.002   -3.877  8.005   1.00 20.40 ? 21   TYR A CZ  1 
ATOM   161 O OH  . TYR A 1 23 ? 4.502   -3.914  9.275   1.00 26.39 ? 21   TYR A OH  1 
ATOM   162 N N   . GLN A 1 24 ? 1.472   -5.940  1.657   1.00 14.01 ? 22   GLN A N   1 
ATOM   163 C CA  . GLN A 1 24 ? 0.893   -6.023  0.340   1.00 13.98 ? 22   GLN A CA  1 
ATOM   164 C C   . GLN A 1 24 ? -0.625  -5.793  0.416   1.00 13.51 ? 22   GLN A C   1 
ATOM   165 O O   . GLN A 1 24 ? -1.269  -6.235  1.351   1.00 15.98 ? 22   GLN A O   1 
ATOM   166 C CB  . GLN A 1 24 ? 1.145   -7.378  -0.319  1.00 18.66 ? 22   GLN A CB  1 
ATOM   167 C CG  . GLN A 1 24 ? 2.593   -7.803  -0.268  1.00 23.25 ? 22   GLN A CG  1 
ATOM   168 C CD  . GLN A 1 24 ? 2.939   -8.916  -1.227  1.00 34.58 ? 22   GLN A CD  1 
ATOM   169 O OE1 . GLN A 1 24 ? 2.125   -9.785  -1.499  1.00 40.56 ? 22   GLN A OE1 1 
ATOM   170 N NE2 . GLN A 1 24 ? 4.172   -8.913  -1.708  1.00 47.52 ? 22   GLN A NE2 1 
ATOM   171 N N   . GLY A 1 25 ? -1.177  -5.058  -0.532  1.00 12.56 ? 23   GLY A N   1 
ATOM   172 C CA  . GLY A 1 25 ? -2.604  -4.791  -0.530  1.00 15.43 ? 23   GLY A CA  1 
ATOM   173 C C   . GLY A 1 25 ? -3.057  -3.862  -1.587  1.00 14.22 ? 23   GLY A C   1 
ATOM   174 O O   . GLY A 1 25 ? -2.262  -3.258  -2.297  1.00 13.07 ? 23   GLY A O   1 
ATOM   175 N N   . ARG A 1 26 ? -4.350  -3.735  -1.717  1.00 15.96 ? 24   ARG A N   1 
ATOM   176 C CA  . ARG A 1 26 ? -4.922  -2.710  -2.534  1.00 12.67 ? 24   ARG A CA  1 
ATOM   177 C C   . ARG A 1 26 ? -4.753  -1.296  -1.990  1.00 14.02 ? 24   ARG A C   1 
ATOM   178 O O   . ARG A 1 26 ? -5.035  -1.056  -0.819  1.00 16.28 ? 24   ARG A O   1 
ATOM   179 C CB  . ARG A 1 26 ? -6.403  -3.067  -2.686  1.00 19.66 ? 24   ARG A CB  1 
ATOM   180 C CG  . ARG A 1 26 ? -7.182  -2.018  -3.460  1.00 23.67 ? 24   ARG A CG  1 
ATOM   181 C CD  . ARG A 1 26 ? -7.384  -2.320  -4.829  1.00 27.63 ? 24   ARG A CD  1 
ATOM   182 N NE  . ARG A 1 26 ? -8.127  -3.566  -5.008  1.00 37.46 ? 24   ARG A NE  1 
ATOM   183 C CZ  . ARG A 1 26 ? -8.142  -4.208  -6.166  1.00 34.14 ? 24   ARG A CZ  1 
ATOM   184 N NH1 . ARG A 1 26 ? -7.476  -3.744  -7.223  1.00 34.44 ? 24   ARG A NH1 1 
ATOM   185 N NH2 . ARG A 1 26 ? -8.787  -5.342  -6.272  1.00 29.33 ? 24   ARG A NH2 1 
ATOM   186 N N   . VAL A 1 27 ? -4.360  -0.369  -2.853  1.00 14.89 ? 25   VAL A N   1 
ATOM   187 C CA  . VAL A 1 27 ? -4.230  1.049   -2.511  1.00 15.20 ? 25   VAL A CA  1 
ATOM   188 C C   . VAL A 1 27 ? -5.622  1.676   -2.479  1.00 15.60 ? 25   VAL A C   1 
ATOM   189 O O   . VAL A 1 27 ? -6.272  1.836   -3.543  1.00 18.84 ? 25   VAL A O   1 
ATOM   190 C CB  . VAL A 1 27 ? -3.303  1.828   -3.460  1.00 15.98 ? 25   VAL A CB  1 
ATOM   191 C CG1 . VAL A 1 27 ? -3.225  3.286   -3.065  1.00 17.25 ? 25   VAL A CG1 1 
ATOM   192 C CG2 . VAL A 1 27 ? -1.904  1.176   -3.429  1.00 16.27 ? 25   VAL A CG2 1 
ATOM   193 N N   . SER A 1 28 ? -6.088  1.951   -1.268  1.00 15.59 ? 26   SER A N   1 
ATOM   194 C CA  . SER A 1 28 ? -7.403  2.529   -1.049  1.00 17.62 ? 26   SER A CA  1 
ATOM   195 C C   . SER A 1 28 ? -7.410  4.013   -0.978  1.00 18.61 ? 26   SER A C   1 
ATOM   196 O O   . SER A 1 28 ? -8.470  4.621   -1.069  1.00 20.42 ? 26   SER A O   1 
ATOM   197 C CB  . SER A 1 28 ? -7.998  1.980   0.234   1.00 21.73 ? 26   SER A CB  1 
ATOM   198 O OG  . SER A 1 28 ? -7.104  2.143   1.325   1.00 25.33 ? 26   SER A OG  1 
ATOM   199 N N   . ALA A 1 29 ? -6.261  4.587   -0.693  1.00 17.83 ? 27   ALA A N   1 
ATOM   200 C CA  . ALA A 1 29 ? -6.149  6.046   -0.582  1.00 17.19 ? 27   ALA A CA  1 
ATOM   201 C C   . ALA A 1 29 ? -4.756  6.537   -0.835  1.00 18.90 ? 27   ALA A C   1 
ATOM   202 O O   . ALA A 1 29 ? -3.787  5.822   -0.548  1.00 19.22 ? 27   ALA A O   1 
ATOM   203 C CB  . ALA A 1 29 ? -6.732  6.573   0.828   1.00 20.12 ? 27   ALA A CB  1 
ATOM   204 N N   . VAL A 1 30 ? -4.634  7.769   -1.355  1.00 20.31 ? 28   VAL A N   1 
ATOM   205 C CA  . VAL A 1 30 ? -3.339  8.435   -1.505  1.00 19.06 ? 28   VAL A CA  1 
ATOM   206 C C   . VAL A 1 30 ? -3.552  9.882   -1.065  1.00 24.81 ? 28   VAL A C   1 
ATOM   207 O O   . VAL A 1 30 ? -4.424  10.561  -1.589  1.00 28.70 ? 28   VAL A O   1 
ATOM   208 C CB  . VAL A 1 30 ? -2.812  8.428   -2.961  1.00 24.86 ? 28   VAL A CB  1 
ATOM   209 C CG1 . VAL A 1 30 ? -1.513  9.231   -3.105  1.00 33.74 ? 28   VAL A CG1 1 
ATOM   210 C CG2 . VAL A 1 30 ? -2.627  7.019   -3.488  1.00 22.84 ? 28   VAL A CG2 1 
ATOM   211 N N   . ASP A 1 31 ? -2.747  10.367  -0.144  1.00 21.82 ? 29   ASP A N   1 
ATOM   212 C CA  . ASP A 1 31 ? -2.862  11.747  0.343   1.00 23.83 ? 29   ASP A CA  1 
ATOM   213 C C   . ASP A 1 31 ? -1.671  12.523  -0.155  1.00 20.95 ? 29   ASP A C   1 
ATOM   214 O O   . ASP A 1 31 ? -0.548  12.312  0.330   1.00 23.47 ? 29   ASP A O   1 
ATOM   215 C CB  . ASP A 1 31 ? -2.934  11.761  1.870   1.00 24.99 ? 29   ASP A CB  1 
ATOM   216 C CG  . ASP A 1 31 ? -3.058  13.172  2.433   1.00 31.24 ? 29   ASP A CG  1 
ATOM   217 O OD1 . ASP A 1 31 ? -2.783  14.133  1.703   1.00 31.48 ? 29   ASP A OD1 1 
ATOM   218 O OD2 . ASP A 1 31 ? -3.378  13.296  3.630   1.00 38.58 ? 29   ASP A OD2 1 
ATOM   219 N N   . GLN A 1 32 ? -1.877  13.420  -1.119  1.00 26.40 ? 30   GLN A N   1 
ATOM   220 C CA  . GLN A 1 32 ? -0.751  14.179  -1.697  1.00 30.94 ? 30   GLN A CA  1 
ATOM   221 C C   . GLN A 1 32 ? -0.145  15.207  -0.746  1.00 32.51 ? 30   GLN A C   1 
ATOM   222 O O   . GLN A 1 32 ? 1.028   15.544  -0.854  1.00 43.46 ? 30   GLN A O   1 
ATOM   223 C CB  . GLN A 1 32 ? -1.171  14.877  -2.996  1.00 40.67 ? 30   GLN A CB  1 
ATOM   224 C CG  . GLN A 1 32 ? -1.507  13.916  -4.105  1.00 46.73 ? 30   GLN A CG  1 
ATOM   225 C CD  . GLN A 1 32 ? -1.682  14.635  -5.435  1.00 56.89 ? 30   GLN A CD  1 
ATOM   226 O OE1 . GLN A 1 32 ? -2.776  14.649  -6.010  1.00 66.37 ? 30   GLN A OE1 1 
ATOM   227 N NE2 . GLN A 1 32 ? -0.608  15.256  -5.921  1.00 62.28 ? 30   GLN A NE2 1 
ATOM   228 N N   . VAL A 1 33 ? -0.929  15.681  0.205   1.00 28.03 ? 31   VAL A N   1 
ATOM   229 C CA  . VAL A 1 33 ? -0.426  16.706  1.117   1.00 28.74 ? 31   VAL A CA  1 
ATOM   230 C C   . VAL A 1 33 ? 0.476   16.087  2.168   1.00 31.06 ? 31   VAL A C   1 
ATOM   231 O O   . VAL A 1 33 ? 1.595   16.533  2.348   1.00 30.82 ? 31   VAL A O   1 
ATOM   232 C CB  . VAL A 1 33 ? -1.580  17.441  1.796   1.00 31.65 ? 31   VAL A CB  1 
ATOM   233 C CG1 . VAL A 1 33 ? -1.019  18.596  2.665   1.00 33.95 ? 31   VAL A CG1 1 
ATOM   234 C CG2 . VAL A 1 33 ? -2.575  17.956  0.755   1.00 39.68 ? 31   VAL A CG2 1 
ATOM   235 N N   . SER A 1 34 ? -0.001  15.050  2.845   1.00 33.12 ? 32   SER A N   1 
ATOM   236 C CA  A SER A 1 34 ? 0.805   14.357  3.853   0.50 26.85 ? 32   SER A CA  1 
ATOM   237 C CA  B SER A 1 34 ? 0.793   14.340  3.854   0.50 26.64 ? 32   SER A CA  1 
ATOM   238 C C   . SER A 1 34 ? 1.768   13.344  3.208   1.00 21.16 ? 32   SER A C   1 
ATOM   239 O O   . SER A 1 34 ? 2.614   12.767  3.882   1.00 26.88 ? 32   SER A O   1 
ATOM   240 C CB  A SER A 1 34 ? -0.092  13.670  4.867   0.50 33.98 ? 32   SER A CB  1 
ATOM   241 C CB  B SER A 1 34 ? -0.121  13.580  4.790   0.50 31.93 ? 32   SER A CB  1 
ATOM   242 O OG  A SER A 1 34 ? -0.845  14.631  5.593   0.50 36.18 ? 32   SER A OG  1 
ATOM   243 O OG  B SER A 1 34 ? -0.801  12.569  4.080   0.50 34.61 ? 32   SER A OG  1 
ATOM   244 N N   . GLN A 1 35 ? 1.635   13.116  1.911   1.00 20.62 ? 33   GLN A N   1 
ATOM   245 C CA  . GLN A 1 35 ? 2.510   12.219  1.194   1.00 20.77 ? 33   GLN A CA  1 
ATOM   246 C C   . GLN A 1 35 ? 2.407   10.796  1.750   1.00 17.23 ? 33   GLN A C   1 
ATOM   247 O O   . GLN A 1 35 ? 3.412   10.151  2.105   1.00 19.43 ? 33   GLN A O   1 
ATOM   248 C CB  . GLN A 1 35 ? 3.955   12.727  1.193   1.00 22.01 ? 33   GLN A CB  1 
ATOM   249 C CG  . GLN A 1 35 ? 4.120   14.061  0.457   1.00 26.62 ? 33   GLN A CG  1 
ATOM   250 C CD  . GLN A 1 35 ? 5.576   14.554  0.349   1.00 27.57 ? 33   GLN A CD  1 
ATOM   251 O OE1 . GLN A 1 35 ? 6.379   14.380  1.251   1.00 39.92 ? 33   GLN A OE1 1 
ATOM   252 N NE2 . GLN A 1 35 ? 5.894   15.166  -0.771  1.00 36.61 ? 33   GLN A NE2 1 
ATOM   253 N N   . THR A 1 36 ? 1.181   10.293  1.801   1.00 17.50 ? 34   THR A N   1 
ATOM   254 C CA  . THR A 1 36 ? 0.922   8.942   2.309   1.00 17.00 ? 34   THR A CA  1 
ATOM   255 C C   . THR A 1 36 ? 0.160   8.099   1.299   1.00 15.28 ? 34   THR A C   1 
ATOM   256 O O   . THR A 1 36 ? -0.524  8.575   0.400   1.00 18.32 ? 34   THR A O   1 
ATOM   257 C CB  . THR A 1 36 ? 0.147   8.973   3.640   1.00 17.39 ? 34   THR A CB  1 
ATOM   258 O OG1 . THR A 1 36 ? -1.134  9.480   3.401   1.00 19.78 ? 34   THR A OG1 1 
ATOM   259 C CG2 . THR A 1 36 ? 0.821   9.831   4.712   1.00 19.70 ? 34   THR A CG2 1 
ATOM   260 N N   . ILE A 1 37 ? 0.239   6.825   1.555   1.00 15.61 ? 35   ILE A N   1 
ATOM   261 C CA  A ILE A 1 37 ? -0.466  5.835   0.785   0.50 17.02 ? 35   ILE A CA  1 
ATOM   262 C CA  B ILE A 1 37 ? -0.396  5.748   0.751   0.50 15.36 ? 35   ILE A CA  1 
ATOM   263 C C   . ILE A 1 37 ? -1.093  4.798   1.739   1.00 14.27 ? 35   ILE A C   1 
ATOM   264 O O   . ILE A 1 37 ? -0.447  4.365   2.716   1.00 15.49 ? 35   ILE A O   1 
ATOM   265 C CB  A ILE A 1 37 ? 0.483   5.254   -0.228  0.50 17.07 ? 35   ILE A CB  1 
ATOM   266 C CB  B ILE A 1 37 ? 0.613   4.922   -0.099  0.50 15.89 ? 35   ILE A CB  1 
ATOM   267 C CG1 A ILE A 1 37 ? -0.231  4.304   -1.186  0.50 18.08 ? 35   ILE A CG1 1 
ATOM   268 C CG1 B ILE A 1 37 ? 1.375   5.794   -1.109  0.50 18.52 ? 35   ILE A CG1 1 
ATOM   269 C CG2 A ILE A 1 37 ? 1.687   4.630   0.484   0.50 20.63 ? 35   ILE A CG2 1 
ATOM   270 C CG2 B ILE A 1 37 ? -0.078  3.761   -0.884  0.50 17.14 ? 35   ILE A CG2 1 
ATOM   271 C CD1 A ILE A 1 37 ? 0.666   3.875   -2.332  0.50 20.27 ? 35   ILE A CD1 1 
ATOM   272 C CD1 B ILE A 1 37 ? 2.521   5.012   -1.879  0.50 19.10 ? 35   ILE A CD1 1 
ATOM   273 N N   . SER A 1 38 ? -2.366  4.498   1.508   1.00 14.96 ? 36   SER A N   1 
ATOM   274 C CA  . SER A 1 38 ? -3.141  3.587   2.401   1.00 14.61 ? 36   SER A CA  1 
ATOM   275 C C   . SER A 1 38 ? -3.457  2.307   1.712   1.00 13.23 ? 36   SER A C   1 
ATOM   276 O O   . SER A 1 38 ? -3.883  2.319   0.527   1.00 15.60 ? 36   SER A O   1 
ATOM   277 C CB  . SER A 1 38 ? -4.445  4.264   2.830   1.00 16.30 ? 36   SER A CB  1 
ATOM   278 O OG  . SER A 1 38 ? -4.197  5.539   3.457   1.00 17.23 ? 36   SER A OG  1 
ATOM   279 N N   . LEU A 1 39 ? -3.268  1.196   2.421   1.00 13.73 ? 37   LEU A N   1 
ATOM   280 C CA  . LEU A 1 39 ? -3.626  -0.142  1.946   1.00 13.89 ? 37   LEU A CA  1 
ATOM   281 C C   . LEU A 1 39 ? -4.796  -0.691  2.743   1.00 14.60 ? 37   LEU A C   1 
ATOM   282 O O   . LEU A 1 39 ? -4.860  -0.566  3.941   1.00 15.77 ? 37   LEU A O   1 
ATOM   283 C CB  . LEU A 1 39 ? -2.470  -1.120  2.094   1.00 15.10 ? 37   LEU A CB  1 
ATOM   284 C CG  . LEU A 1 39 ? -1.143  -0.752  1.418   1.00 14.18 ? 37   LEU A CG  1 
ATOM   285 C CD1 . LEU A 1 39 ? -0.186  -1.884  1.589   1.00 16.07 ? 37   LEU A CD1 1 
ATOM   286 C CD2 . LEU A 1 39 ? -1.348  -0.286  -0.072  1.00 15.05 ? 37   LEU A CD2 1 
ATOM   287 N N   . THR A 1 40 ? -5.755  -1.269  2.028   1.00 15.40 ? 38   THR A N   1 
ATOM   288 C CA  A THR A 1 40 ? -6.858  -1.926  2.716   0.50 16.69 ? 38   THR A CA  1 
ATOM   289 C CA  B THR A 1 40 ? -6.882  -1.974  2.639   0.50 15.87 ? 38   THR A CA  1 
ATOM   290 C C   . THR A 1 40 ? -6.581  -3.435  2.852   1.00 17.57 ? 38   THR A C   1 
ATOM   291 O O   . THR A 1 40 ? -6.012  -4.082  1.981   1.00 19.03 ? 38   THR A O   1 
ATOM   292 C CB  A THR A 1 40 ? -8.293  -1.551  2.150   0.50 19.37 ? 38   THR A CB  1 
ATOM   293 C CB  B THR A 1 40 ? -8.159  -1.895  1.805   0.50 16.08 ? 38   THR A CB  1 
ATOM   294 O OG1 A THR A 1 40 ? -9.278  -2.537  2.552   0.50 17.05 ? 38   THR A OG1 1 
ATOM   295 O OG1 B THR A 1 40 ? -7.976  -2.484  0.507   0.50 25.65 ? 38   THR A OG1 1 
ATOM   296 C CG2 A THR A 1 40 ? -8.278  -1.372  0.643   0.50 17.06 ? 38   THR A CG2 1 
ATOM   297 C CG2 B THR A 1 40 ? -8.543  -0.492  1.714   0.50 17.22 ? 38   THR A CG2 1 
ATOM   298 N N   . ARG A 1 41 ? -6.951  -3.951  3.994   1.00 17.81 ? 39   ARG A N   1 
ATOM   299 C CA  A ARG A 1 41 ? -6.803  -5.372  4.275   0.50 17.07 ? 39   ARG A CA  1 
ATOM   300 C CA  B ARG A 1 41 ? -6.744  -5.352  4.418   0.50 16.28 ? 39   ARG A CA  1 
ATOM   301 C C   . ARG A 1 41 ? -5.413  -5.902  3.902   1.00 18.99 ? 39   ARG A C   1 
ATOM   302 O O   . ARG A 1 41 ? -5.313  -6.925  3.208   1.00 19.96 ? 39   ARG A O   1 
ATOM   303 C CB  A ARG A 1 41 ? -7.897  -6.183  3.524   0.50 21.37 ? 39   ARG A CB  1 
ATOM   304 C CB  B ARG A 1 41 ? -7.969  -6.257  4.140   0.50 17.32 ? 39   ARG A CB  1 
ATOM   305 C CG  A ARG A 1 41 ? -9.300  -5.795  3.959   0.50 21.47 ? 39   ARG A CG  1 
ATOM   306 C CG  B ARG A 1 41 ? -9.250  -5.686  4.818   0.50 18.09 ? 39   ARG A CG  1 
ATOM   307 C CD  A ARG A 1 41 ? -10.345 -6.753  3.443   0.50 20.43 ? 39   ARG A CD  1 
ATOM   308 C CD  B ARG A 1 41 ? -10.518 -6.202  4.184   0.50 22.72 ? 39   ARG A CD  1 
ATOM   309 N NE  A ARG A 1 41 ? -11.140 -6.103  2.431   0.50 26.49 ? 39   ARG A NE  1 
ATOM   310 N NE  B ARG A 1 41 ? -11.686 -5.379  4.500   0.50 30.36 ? 39   ARG A NE  1 
ATOM   311 C CZ  A ARG A 1 41 ? -11.090 -6.331  1.120   0.50 29.04 ? 39   ARG A CZ  1 
ATOM   312 C CZ  B ARG A 1 41 ? -12.338 -5.382  5.660   0.50 34.22 ? 39   ARG A CZ  1 
ATOM   313 N NH1 A ARG A 1 41 ? -10.251 -7.233  0.564   0.50 20.10 ? 39   ARG A NH1 1 
ATOM   314 N NH1 B ARG A 1 41 ? -11.930 -6.148  6.681   0.50 37.08 ? 39   ARG A NH1 1 
ATOM   315 N NH2 A ARG A 1 41 ? -11.903 -5.619  0.356   0.50 24.57 ? 39   ARG A NH2 1 
ATOM   316 N NH2 B ARG A 1 41 ? -13.402 -4.602  5.806   0.50 34.82 ? 39   ARG A NH2 1 
ATOM   317 N N   . PRO A 1 42 ? -4.349  -5.216  4.300   1.00 17.63 ? 40   PRO A N   1 
ATOM   318 C CA  . PRO A 1 42 ? -3.068  -5.659  3.852   1.00 16.24 ? 40   PRO A CA  1 
ATOM   319 C C   . PRO A 1 42 ? -2.613  -6.944  4.505   1.00 16.48 ? 40   PRO A C   1 
ATOM   320 O O   . PRO A 1 42 ? -3.102  -7.331  5.566   1.00 20.02 ? 40   PRO A O   1 
ATOM   321 C CB  . PRO A 1 42 ? -2.123  -4.530  4.294   1.00 18.16 ? 40   PRO A CB  1 
ATOM   322 C CG  . PRO A 1 42 ? -2.788  -3.963  5.417   1.00 19.30 ? 40   PRO A CG  1 
ATOM   323 C CD  . PRO A 1 42 ? -4.282  -4.068  5.209   1.00 19.42 ? 40   PRO A CD  1 
ATOM   324 N N   . PHE A 1 43 ? -1.707  -7.616  3.824   1.00 14.92 ? 41   PHE A N   1 
ATOM   325 C CA  . PHE A 1 43 ? -0.962  -8.776  4.272   1.00 16.71 ? 41   PHE A CA  1 
ATOM   326 C C   . PHE A 1 43 ? 0.462   -8.330  4.642   1.00 16.81 ? 41   PHE A C   1 
ATOM   327 O O   . PHE A 1 43 ? 1.029   -7.429  4.051   1.00 19.14 ? 41   PHE A O   1 
ATOM   328 C CB  . PHE A 1 43 ? -0.856  -9.819  3.150   1.00 18.71 ? 41   PHE A CB  1 
ATOM   329 C CG  . PHE A 1 43 ? -1.894  -10.908 3.205   1.00 20.67 ? 41   PHE A CG  1 
ATOM   330 C CD1 . PHE A 1 43 ? -3.196  -10.580 3.102   1.00 18.24 ? 41   PHE A CD1 1 
ATOM   331 C CD2 . PHE A 1 43 ? -1.536  -12.240 3.311   1.00 19.71 ? 41   PHE A CD2 1 
ATOM   332 C CE1 . PHE A 1 43 ? -4.211  -11.584 3.191   1.00 17.92 ? 41   PHE A CE1 1 
ATOM   333 C CE2 . PHE A 1 43 ? -2.531  -13.238 3.358   1.00 21.16 ? 41   PHE A CE2 1 
ATOM   334 C CZ  . PHE A 1 43 ? -3.846  -12.884 3.296   1.00 19.25 ? 41   PHE A CZ  1 
ATOM   335 N N   . HIS A 1 44 ? 1.006   -9.052  5.585   1.00 16.87 ? 42   HIS A N   1 
ATOM   336 C CA  . HIS A 1 44 ? 2.324   -8.921  6.090   1.00 19.65 ? 42   HIS A CA  1 
ATOM   337 C C   . HIS A 1 44 ? 2.775   -10.323 6.571   1.00 23.43 ? 42   HIS A C   1 
ATOM   338 O O   . HIS A 1 44 ? 2.025   -10.996 7.286   1.00 25.85 ? 42   HIS A O   1 
ATOM   339 C CB  . HIS A 1 44 ? 2.286   -7.907  7.259   1.00 19.59 ? 42   HIS A CB  1 
ATOM   340 C CG  . HIS A 1 44 ? 3.605   -7.716  7.928   1.00 19.99 ? 42   HIS A CG  1 
ATOM   341 N ND1 . HIS A 1 44 ? 4.673   -7.119  7.284   1.00 21.62 ? 42   HIS A ND1 1 
ATOM   342 C CD2 . HIS A 1 44 ? 4.037   -8.026  9.171   1.00 22.85 ? 42   HIS A CD2 1 
ATOM   343 C CE1 . HIS A 1 44 ? 5.712   -7.080  8.106   1.00 23.13 ? 42   HIS A CE1 1 
ATOM   344 N NE2 . HIS A 1 44 ? 5.345   -7.612  9.256   1.00 27.64 ? 42   HIS A NE2 1 
ATOM   345 N N   . ASN A 1 45 ? 3.932   -10.789 6.107   1.00 25.28 ? 43   ASN A N   1 
ATOM   346 C CA  . ASN A 1 45 ? 4.533   -12.104 6.466   1.00 24.36 ? 43   ASN A CA  1 
ATOM   347 C C   . ASN A 1 45 ? 3.562   -13.246 6.067   1.00 28.61 ? 43   ASN A C   1 
ATOM   348 O O   . ASN A 1 45 ? 3.459   -14.228 6.795   1.00 35.19 ? 43   ASN A O   1 
ATOM   349 C CB  . ASN A 1 45 ? 4.880   -12.145 7.975   1.00 33.01 ? 43   ASN A CB  1 
ATOM   350 C CG  . ASN A 1 45 ? 5.864   -11.043 8.381   1.00 41.19 ? 43   ASN A CG  1 
ATOM   351 O OD1 . ASN A 1 45 ? 6.042   -10.722 9.586   1.00 41.18 ? 43   ASN A OD1 1 
ATOM   352 N ND2 . ASN A 1 45 ? 6.480   -10.431 7.378   1.00 38.00 ? 43   ASN A ND2 1 
ATOM   353 N N   . GLY A 1 46 ? 2.826   -13.087 4.948   1.00 26.67 ? 44   GLY A N   1 
ATOM   354 C CA  . GLY A 1 46 ? 1.913   -14.135 4.459   1.00 28.91 ? 44   GLY A CA  1 
ATOM   355 C C   . GLY A 1 46 ? 0.643   -14.247 5.233   1.00 28.54 ? 44   GLY A C   1 
ATOM   356 O O   . GLY A 1 46 ? -0.150  -15.183 4.994   1.00 33.98 ? 44   GLY A O   1 
ATOM   357 N N   . VAL A 1 47 ? 0.374   -13.309 6.158   1.00 25.61 ? 45   VAL A N   1 
ATOM   358 C CA  . VAL A 1 47 ? -0.906  -13.329 6.824   1.00 26.27 ? 45   VAL A CA  1 
ATOM   359 C C   . VAL A 1 47 ? -1.533  -11.955 6.820   1.00 22.48 ? 45   VAL A C   1 
ATOM   360 O O   . VAL A 1 47 ? -0.858  -10.921 6.728   1.00 22.88 ? 45   VAL A O   1 
ATOM   361 C CB  . VAL A 1 47 ? -0.774  -13.851 8.256   1.00 29.90 ? 45   VAL A CB  1 
ATOM   362 C CG1 . VAL A 1 47 ? 0.026   -15.186 8.289   1.00 32.10 ? 45   VAL A CG1 1 
ATOM   363 C CG2 . VAL A 1 47 ? -0.127  -12.854 9.108   1.00 30.42 ? 45   VAL A CG2 1 
ATOM   364 N N   . LYS A 1 48 ? -2.856  -11.932 6.813   1.00 20.15 ? 46   LYS A N   1 
ATOM   365 C CA  . LYS A 1 48 ? -3.659  -10.740 6.764   1.00 20.24 ? 46   LYS A CA  1 
ATOM   366 C C   . LYS A 1 48 ? -3.436  -10.041 8.062   1.00 18.92 ? 46   LYS A C   1 
ATOM   367 O O   . LYS A 1 48 ? -3.452  -10.638 9.152   1.00 21.37 ? 46   LYS A O   1 
ATOM   368 C CB  . LYS A 1 48 ? -5.159  -11.047 6.552   1.00 21.82 ? 46   LYS A CB  1 
ATOM   369 C CG  . LYS A 1 48 ? -5.954  -9.816  6.274   1.00 23.34 ? 46   LYS A CG  1 
ATOM   370 C CD  . LYS A 1 48 ? -7.365  -9.983  5.719   1.00 24.49 ? 46   LYS A CD  1 
ATOM   371 C CE  . LYS A 1 48 ? -8.243  -10.800 6.580   1.00 31.48 ? 46   LYS A CE  1 
ATOM   372 N NZ  . LYS A 1 48 ? -8.541  -10.110 7.835   1.00 38.46 ? 46   LYS A NZ  1 
ATOM   373 N N   . CYS A 1 49 ? -3.151  -8.752  7.960   1.00 18.06 ? 47   CYS A N   1 
ATOM   374 C CA  A CYS A 1 49 ? -3.024  -7.926  9.149   0.80 18.79 ? 47   CYS A CA  1 
ATOM   375 C CA  B CYS A 1 49 ? -3.025  -7.875  9.108   0.20 19.88 ? 47   CYS A CA  1 
ATOM   376 C C   . CYS A 1 49 ? -4.323  -7.918  9.907   1.00 20.10 ? 47   CYS A C   1 
ATOM   377 O O   . CYS A 1 49 ? -5.399  -8.018  9.338   1.00 22.55 ? 47   CYS A O   1 
ATOM   378 C CB  A CYS A 1 49 ? -2.620  -6.477  8.799   0.80 17.73 ? 47   CYS A CB  1 
ATOM   379 C CB  B CYS A 1 49 ? -2.749  -6.438  8.615   0.20 17.81 ? 47   CYS A CB  1 
ATOM   380 S SG  A CYS A 1 49 ? -1.047  -6.393  8.010   0.80 21.06 ? 47   CYS A SG  1 
ATOM   381 S SG  B CYS A 1 49 ? -2.278  -5.203  9.862   0.20 19.14 ? 47   CYS A SG  1 
ATOM   382 N N   . LEU A 1 50 ? -4.231  -7.723  11.221  1.00 19.48 ? 48   LEU A N   1 
ATOM   383 C CA  . LEU A 1 50 ? -5.447  -7.586  12.034  1.00 21.55 ? 48   LEU A CA  1 
ATOM   384 C C   . LEU A 1 50 ? -6.099  -6.220  11.848  1.00 24.08 ? 48   LEU A C   1 
ATOM   385 O O   . LEU A 1 50 ? -7.301  -6.080  11.912  1.00 28.97 ? 48   LEU A O   1 
ATOM   386 C CB  . LEU A 1 50 ? -5.196  -7.829  13.546  1.00 27.37 ? 48   LEU A CB  1 
ATOM   387 C CG  . LEU A 1 50 ? -4.379  -9.087  13.886  1.00 35.42 ? 48   LEU A CG  1 
ATOM   388 C CD1 . LEU A 1 50 ? -4.117  -9.195  15.398  1.00 38.97 ? 48   LEU A CD1 1 
ATOM   389 C CD2 . LEU A 1 50 ? -5.078  -10.354 13.362  1.00 35.62 ? 48   LEU A CD2 1 
ATOM   390 N N   . VAL A 1 51 ? -5.329  -5.187  11.543  1.00 20.75 ? 49   VAL A N   1 
ATOM   391 C CA  . VAL A 1 51 ? -5.937  -3.867  11.252  1.00 20.76 ? 49   VAL A CA  1 
ATOM   392 C C   . VAL A 1 51 ? -6.377  -3.758  9.798   1.00 17.41 ? 49   VAL A C   1 
ATOM   393 O O   . VAL A 1 51 ? -5.615  -4.163  8.931   1.00 22.23 ? 49   VAL A O   1 
ATOM   394 C CB  . VAL A 1 51 ? -4.952  -2.737  11.643  1.00 24.12 ? 49   VAL A CB  1 
ATOM   395 C CG1 . VAL A 1 51 ? -5.490  -1.396  11.189  1.00 25.50 ? 49   VAL A CG1 1 
ATOM   396 C CG2 . VAL A 1 51 ? -4.726  -2.824  13.174  1.00 27.35 ? 49   VAL A CG2 1 
ATOM   397 N N   . PRO A 1 52 ? -7.581  -3.220  9.517   1.00 18.73 ? 50   PRO A N   1 
ATOM   398 C CA  . PRO A 1 52 ? -8.135  -3.259  8.156   1.00 20.25 ? 50   PRO A CA  1 
ATOM   399 C C   . PRO A 1 52 ? -7.565  -2.221  7.200   1.00 16.85 ? 50   PRO A C   1 
ATOM   400 O O   . PRO A 1 52 ? -7.804  -2.312  6.011   1.00 19.29 ? 50   PRO A O   1 
ATOM   401 C CB  . PRO A 1 52 ? -9.668  -3.081  8.357   1.00 22.72 ? 50   PRO A CB  1 
ATOM   402 C CG  . PRO A 1 52 ? -9.746  -2.334  9.584   1.00 22.75 ? 50   PRO A CG  1 
ATOM   403 C CD  . PRO A 1 52 ? -8.637  -2.813  10.467  1.00 21.13 ? 50   PRO A CD  1 
ATOM   404 N N   . GLU A 1 53 ? -6.882  -1.181  7.700   1.00 16.58 ? 51   GLU A N   1 
ATOM   405 C CA  A GLU A 1 53 ? -6.301  -0.135  6.854   0.50 18.16 ? 51   GLU A CA  1 
ATOM   406 C CA  B GLU A 1 53 ? -6.371  -0.134  6.847   0.50 21.44 ? 51   GLU A CA  1 
ATOM   407 C C   . GLU A 1 53 ? -5.052  0.316   7.468   1.00 16.05 ? 51   GLU A C   1 
ATOM   408 O O   . GLU A 1 53 ? -5.031  0.638   8.646   1.00 17.15 ? 51   GLU A O   1 
ATOM   409 C CB  A GLU A 1 53 ? -7.157  1.100   6.680   0.50 14.13 ? 51   GLU A CB  1 
ATOM   410 C CB  B GLU A 1 53 ? -7.402  0.987   6.753   0.50 23.03 ? 51   GLU A CB  1 
ATOM   411 C CG  A GLU A 1 53 ? -6.581  2.056   5.628   0.50 16.40 ? 51   GLU A CG  1 
ATOM   412 C CG  B GLU A 1 53 ? -7.012  2.276   6.022   0.50 25.47 ? 51   GLU A CG  1 
ATOM   413 C CD  A GLU A 1 53 ? -7.162  3.465   5.659   0.50 21.85 ? 51   GLU A CD  1 
ATOM   414 C CD  B GLU A 1 53 ? -7.120  2.202   4.503   0.50 32.03 ? 51   GLU A CD  1 
ATOM   415 O OE1 A GLU A 1 53 ? -8.258  3.646   6.185   0.50 25.86 ? 51   GLU A OE1 1 
ATOM   416 O OE1 B GLU A 1 53 ? -7.927  2.943   3.905   0.50 33.48 ? 51   GLU A OE1 1 
ATOM   417 O OE2 A GLU A 1 53 ? -6.493  4.421   5.181   0.50 27.02 ? 51   GLU A OE2 1 
ATOM   418 O OE2 B GLU A 1 53 ? -6.365  1.435   3.894   0.50 35.25 ? 51   GLU A OE2 1 
ATOM   419 N N   . VAL A 1 54 ? -3.983  0.326   6.684   1.00 13.67 ? 52   VAL A N   1 
ATOM   420 C CA  . VAL A 1 54 ? -2.684  0.823   7.191   1.00 15.62 ? 52   VAL A CA  1 
ATOM   421 C C   . VAL A 1 54 ? -2.167  1.885   6.251   1.00 13.56 ? 52   VAL A C   1 
ATOM   422 O O   . VAL A 1 54 ? -2.228  1.680   5.030   1.00 15.06 ? 52   VAL A O   1 
ATOM   423 C CB  . VAL A 1 54 ? -1.643  -0.318  7.363   1.00 16.41 ? 52   VAL A CB  1 
ATOM   424 C CG1 . VAL A 1 54 ? -0.299  0.294   7.927   1.00 19.86 ? 52   VAL A CG1 1 
ATOM   425 C CG2 . VAL A 1 54 ? -2.133  -1.446  8.289   1.00 20.58 ? 52   VAL A CG2 1 
ATOM   426 N N   . THR A 1 55 ? -1.687  2.986   6.829   1.00 15.13 ? 53   THR A N   1 
ATOM   427 C CA  . THR A 1 55 ? -1.289  4.135   6.060   1.00 14.23 ? 53   THR A CA  1 
ATOM   428 C C   . THR A 1 55 ? 0.212   4.406   6.293   1.00 13.05 ? 53   THR A C   1 
ATOM   429 O O   . THR A 1 55 ? 0.668   4.478   7.449   1.00 14.46 ? 53   THR A O   1 
ATOM   430 C CB  . THR A 1 55 ? -2.133  5.341   6.409   1.00 14.77 ? 53   THR A CB  1 
ATOM   431 O OG1 . THR A 1 55 ? -3.509  5.048   6.012   1.00 17.12 ? 53   THR A OG1 1 
ATOM   432 C CG2 . THR A 1 55 ? -1.634  6.613   5.764   1.00 17.40 ? 53   THR A CG2 1 
ATOM   433 N N   . PHE A 1 56 ? 0.932   4.516   5.175   1.00 12.48 ? 54   PHE A N   1 
ATOM   434 C CA  . PHE A 1 56 ? 2.387   4.628   5.170   1.00 14.19 ? 54   PHE A CA  1 
ATOM   435 C C   . PHE A 1 56 ? 2.791   5.965   4.614   1.00 14.96 ? 54   PHE A C   1 
ATOM   436 O O   . PHE A 1 56 ? 2.203   6.416   3.649   1.00 16.15 ? 54   PHE A O   1 
ATOM   437 C CB  . PHE A 1 56 ? 2.960   3.530   4.260   1.00 16.39 ? 54   PHE A CB  1 
ATOM   438 C CG  . PHE A 1 56 ? 2.513   2.129   4.618   1.00 20.12 ? 54   PHE A CG  1 
ATOM   439 C CD1 . PHE A 1 56 ? 1.323   1.567   4.122   1.00 19.92 ? 54   PHE A CD1 1 
ATOM   440 C CD2 . PHE A 1 56 ? 3.267   1.406   5.451   1.00 22.73 ? 54   PHE A CD2 1 
ATOM   441 C CE1 . PHE A 1 56 ? 0.961   0.297   4.487   1.00 20.38 ? 54   PHE A CE1 1 
ATOM   442 C CE2 . PHE A 1 56 ? 2.895   0.105   5.835   1.00 20.12 ? 54   PHE A CE2 1 
ATOM   443 C CZ  . PHE A 1 56 ? 1.756   -0.438  5.324   1.00 20.61 ? 54   PHE A CZ  1 
ATOM   444 N N   . ARG A 1 57 ? 3.858   6.564   5.154   1.00 14.71 ? 55   ARG A N   1 
ATOM   445 C CA  . ARG A 1 57 ? 4.447   7.726   4.497   1.00 16.29 ? 55   ARG A CA  1 
ATOM   446 C C   . ARG A 1 57 ? 5.298   7.274   3.344   1.00 16.22 ? 55   ARG A C   1 
ATOM   447 O O   . ARG A 1 57 ? 6.144   6.370   3.490   1.00 14.97 ? 55   ARG A O   1 
ATOM   448 C CB  . ARG A 1 57 ? 5.269   8.531   5.486   1.00 18.28 ? 55   ARG A CB  1 
ATOM   449 C CG  . ARG A 1 57 ? 4.537   9.118   6.655   1.00 25.30 ? 55   ARG A CG  1 
ATOM   450 C CD  . ARG A 1 57 ? 5.451   10.067  7.510   1.00 33.23 ? 55   ARG A CD  1 
ATOM   451 N NE  . ARG A 1 57 ? 6.598   9.321   8.035   1.00 45.94 ? 55   ARG A NE  1 
ATOM   452 C CZ  . ARG A 1 57 ? 7.664   9.851   8.636   1.00 47.70 ? 55   ARG A CZ  1 
ATOM   453 N NH1 . ARG A 1 57 ? 7.775   11.166  8.845   1.00 58.78 ? 55   ARG A NH1 1 
ATOM   454 N NH2 . ARG A 1 57 ? 8.617   9.048   9.061   1.00 49.68 ? 55   ARG A NH2 1 
ATOM   455 N N   . ALA A 1 58 ? 5.181   7.974   2.223   1.00 16.67 ? 56   ALA A N   1 
ATOM   456 C CA  . ALA A 1 58 ? 5.956   7.612   1.034   1.00 19.66 ? 56   ALA A CA  1 
ATOM   457 C C   . ALA A 1 58 ? 7.458   7.642   1.303   1.00 18.25 ? 56   ALA A C   1 
ATOM   458 O O   . ALA A 1 58 ? 8.187   6.810   0.805   1.00 20.92 ? 56   ALA A O   1 
ATOM   459 C CB  . ALA A 1 58 ? 5.636   8.548   -0.127  1.00 22.66 ? 56   ALA A CB  1 
ATOM   460 N N   . GLY A 1 59 ? 7.856   8.538   2.185   1.00 19.99 ? 57   GLY A N   1 
ATOM   461 C CA  . GLY A 1 59 ? 9.239   8.696   2.572   1.00 20.79 ? 57   GLY A CA  1 
ATOM   462 C C   . GLY A 1 59 ? 9.822   7.591   3.382   1.00 20.03 ? 57   GLY A C   1 
ATOM   463 O O   . GLY A 1 59 ? 11.063  7.522   3.576   1.00 21.77 ? 57   GLY A O   1 
ATOM   464 N N   . ASP A 1 60 ? 8.962   6.698   3.876   1.00 17.60 ? 58   ASP A N   1 
ATOM   465 C CA  . ASP A 1 60 ? 9.401   5.508   4.577   1.00 15.95 ? 58   ASP A CA  1 
ATOM   466 C C   . ASP A 1 60 ? 9.525   4.262   3.717   1.00 16.44 ? 58   ASP A C   1 
ATOM   467 O O   . ASP A 1 60 ? 9.901   3.215   4.226   1.00 19.48 ? 58   ASP A O   1 
ATOM   468 C CB  . ASP A 1 60 ? 8.578   5.273   5.807   1.00 18.34 ? 58   ASP A CB  1 
ATOM   469 C CG  . ASP A 1 60 ? 8.702   6.390   6.805   1.00 20.39 ? 58   ASP A CG  1 
ATOM   470 O OD1 . ASP A 1 60 ? 9.759   7.019   6.843   1.00 23.90 ? 58   ASP A OD1 1 
ATOM   471 O OD2 . ASP A 1 60 ? 7.774   6.642   7.531   1.00 20.28 ? 58   ASP A OD2 1 
ATOM   472 N N   . ILE A 1 61 ? 9.115   4.349   2.454   1.00 14.85 ? 59   ILE A N   1 
ATOM   473 C CA  . ILE A 1 61 ? 9.075   3.189   1.580   1.00 13.30 ? 59   ILE A CA  1 
ATOM   474 C C   . ILE A 1 61 ? 10.400  3.067   0.864   1.00 14.54 ? 59   ILE A C   1 
ATOM   475 O O   . ILE A 1 61 ? 10.823  3.999   0.211   1.00 18.33 ? 59   ILE A O   1 
ATOM   476 C CB  . ILE A 1 61 ? 7.893   3.351   0.600   1.00 15.10 ? 59   ILE A CB  1 
ATOM   477 C CG1 . ILE A 1 61 ? 6.541   3.436   1.353   1.00 15.96 ? 59   ILE A CG1 1 
ATOM   478 C CG2 . ILE A 1 61 ? 7.892   2.213   -0.339  1.00 16.76 ? 59   ILE A CG2 1 
ATOM   479 C CD1 . ILE A 1 61 ? 5.317   3.766   0.457   1.00 17.80 ? 59   ILE A CD1 1 
ATOM   480 N N   . THR A 1 62 ? 11.000  1.893   0.930   1.00 14.86 ? 60   THR A N   1 
ATOM   481 C CA  . THR A 1 62 ? 12.234  1.643   0.217   1.00 15.30 ? 60   THR A CA  1 
ATOM   482 C C   . THR A 1 62 ? 12.054  1.051   -1.148  1.00 15.56 ? 60   THR A C   1 
ATOM   483 O O   . THR A 1 62 ? 12.836  1.262   -2.059  1.00 17.85 ? 60   THR A O   1 
ATOM   484 C CB  . THR A 1 62 ? 13.172  0.745   1.044   1.00 16.50 ? 60   THR A CB  1 
ATOM   485 O OG1 . THR A 1 62 ? 12.613  -0.577  1.182   1.00 18.86 ? 60   THR A OG1 1 
ATOM   486 C CG2 . THR A 1 62 ? 13.471  1.340   2.432   1.00 18.70 ? 60   THR A CG2 1 
ATOM   487 N N   . GLU A 1 63 ? 10.919  0.370   -1.383  1.00 14.29 ? 61   GLU A N   1 
ATOM   488 C CA  . GLU A 1 63 ? 10.561  -0.211  -2.679  1.00 14.65 ? 61   GLU A CA  1 
ATOM   489 C C   . GLU A 1 63 ? 9.073   -0.341  -2.772  1.00 13.95 ? 61   GLU A C   1 
ATOM   490 O O   . GLU A 1 63 ? 8.417   -0.854  -1.842  1.00 14.24 ? 61   GLU A O   1 
ATOM   491 C CB  . GLU A 1 63 ? 11.166  -1.580  -2.935  1.00 18.34 ? 61   GLU A CB  1 
ATOM   492 C CG  . GLU A 1 63 ? 10.843  -2.191  -4.350  1.00 19.25 ? 61   GLU A CG  1 
ATOM   493 C CD  . GLU A 1 63 ? 11.365  -3.583  -4.576  1.00 22.02 ? 61   GLU A CD  1 
ATOM   494 O OE1 . GLU A 1 63 ? 11.899  -4.200  -3.607  1.00 24.83 ? 61   GLU A OE1 1 
ATOM   495 O OE2 . GLU A 1 63 ? 11.221  -4.093  -5.733  1.00 21.09 ? 61   GLU A OE2 1 
ATOM   496 N N   . LEU A 1 64 ? 8.522   0.042   -3.912  1.00 14.88 ? 62   LEU A N   1 
ATOM   497 C CA  . LEU A 1 64 ? 7.085   -0.151  -4.172  1.00 12.99 ? 62   LEU A CA  1 
ATOM   498 C C   . LEU A 1 64 ? 7.030   -1.063  -5.394  1.00 13.77 ? 62   LEU A C   1 
ATOM   499 O O   . LEU A 1 64 ? 7.556   -0.738  -6.442  1.00 15.70 ? 62   LEU A O   1 
ATOM   500 C CB  . LEU A 1 64 ? 6.394   1.176   -4.443  1.00 14.91 ? 62   LEU A CB  1 
ATOM   501 C CG  . LEU A 1 64 ? 4.849   1.134   -4.680  1.00 18.10 ? 62   LEU A CG  1 
ATOM   502 C CD1 . LEU A 1 64 ? 4.259   2.481   -4.276  1.00 26.96 ? 62   LEU A CD1 1 
ATOM   503 C CD2 . LEU A 1 64 ? 4.486   0.751   -6.113  1.00 26.16 ? 62   LEU A CD2 1 
ATOM   504 N N   . LYS A 1 65 ? 6.377   -2.221  -5.252  1.00 13.02 ? 63   LYS A N   1 
ATOM   505 C CA  A LYS A 1 65 ? 6.177   -3.108  -6.398  0.50 15.22 ? 63   LYS A CA  1 
ATOM   506 C CA  B LYS A 1 65 ? 6.180   -3.145  -6.351  0.50 14.57 ? 63   LYS A CA  1 
ATOM   507 C C   . LYS A 1 65 ? 4.728   -3.052  -6.771  1.00 13.06 ? 63   LYS A C   1 
ATOM   508 O O   . LYS A 1 65 ? 3.827   -3.194  -5.918  1.00 13.50 ? 63   LYS A O   1 
ATOM   509 C CB  A LYS A 1 65 ? 6.584   -4.547  -6.168  0.50 13.90 ? 63   LYS A CB  1 
ATOM   510 C CB  B LYS A 1 65 ? 6.563   -4.547  -5.937  0.50 18.17 ? 63   LYS A CB  1 
ATOM   511 C CG  A LYS A 1 65 ? 7.877   -4.802  -5.443  0.50 16.38 ? 63   LYS A CG  1 
ATOM   512 C CG  B LYS A 1 65 ? 6.461   -5.565  -7.028  0.50 18.26 ? 63   LYS A CG  1 
ATOM   513 C CD  A LYS A 1 65 ? 8.069   -6.300  -5.320  0.50 23.32 ? 63   LYS A CD  1 
ATOM   514 C CD  B LYS A 1 65 ? 7.065   -6.919  -6.642  0.50 23.25 ? 63   LYS A CD  1 
ATOM   515 C CE  A LYS A 1 65 ? 9.083   -6.666  -4.263  0.50 27.65 ? 63   LYS A CE  1 
ATOM   516 C CE  B LYS A 1 65 ? 6.907   -7.935  -7.773  0.50 25.86 ? 63   LYS A CE  1 
ATOM   517 N NZ  A LYS A 1 65 ? 9.249   -8.140  -4.201  0.50 27.58 ? 63   LYS A NZ  1 
ATOM   518 N NZ  B LYS A 1 65 ? 7.628   -9.188  -7.428  0.50 29.51 ? 63   LYS A NZ  1 
ATOM   519 N N   . ILE A 1 66 ? 4.492   -2.879  -8.062  1.00 11.97 ? 64   ILE A N   1 
ATOM   520 C CA  A ILE A 1 66 ? 3.136   -2.837  -8.601  0.50 11.30 ? 64   ILE A CA  1 
ATOM   521 C CA  B ILE A 1 66 ? 3.130   -2.844  -8.591  0.50 11.54 ? 64   ILE A CA  1 
ATOM   522 C C   . ILE A 1 66 ? 2.721   -4.267  -8.987  1.00 15.19 ? 64   ILE A C   1 
ATOM   523 O O   . ILE A 1 66 ? 3.202   -4.797  -9.997  1.00 16.71 ? 64   ILE A O   1 
ATOM   524 C CB  A ILE A 1 66 ? 3.066   -1.878  -9.821  0.50 13.34 ? 64   ILE A CB  1 
ATOM   525 C CB  B ILE A 1 66 ? 3.019   -1.885  -9.802  0.50 14.67 ? 64   ILE A CB  1 
ATOM   526 C CG1 A ILE A 1 66 ? 3.748   -0.532  -9.535  0.50 15.96 ? 64   ILE A CG1 1 
ATOM   527 C CG1 B ILE A 1 66 ? 3.281   -0.410  -9.419  0.50 14.11 ? 64   ILE A CG1 1 
ATOM   528 C CG2 A ILE A 1 66 ? 1.600   -1.625  -10.232 0.50 14.06 ? 64   ILE A CG2 1 
ATOM   529 C CG2 B ILE A 1 66 ? 1.631   -2.032  -10.472 0.50 19.49 ? 64   ILE A CG2 1 
ATOM   530 C CD1 A ILE A 1 66 ? 3.809   0.422   -10.728 0.50 17.82 ? 64   ILE A CD1 1 
ATOM   531 C CD1 B ILE A 1 66 ? 2.784   0.023   -8.013  0.50 19.90 ? 64   ILE A CD1 1 
ATOM   532 N N   . LEU A 1 67 ? 1.901   -4.886  -8.151  1.00 13.02 ? 65   LEU A N   1 
ATOM   533 C CA  . LEU A 1 67 ? 1.417   -6.243  -8.410  1.00 14.40 ? 65   LEU A CA  1 
ATOM   534 C C   . LEU A 1 67 ? 0.269   -6.269  -9.436  1.00 16.46 ? 65   LEU A C   1 
ATOM   535 O O   . LEU A 1 67 ? 0.199   -7.200  -10.212 1.00 19.18 ? 65   LEU A O   1 
ATOM   536 C CB  . LEU A 1 67 ? 0.972   -6.882  -7.100  1.00 15.20 ? 65   LEU A CB  1 
ATOM   537 C CG  . LEU A 1 67 ? 2.013   -6.869  -5.964  1.00 18.00 ? 65   LEU A CG  1 
ATOM   538 C CD1 . LEU A 1 67 ? 1.407   -7.443  -4.649  1.00 19.56 ? 65   LEU A CD1 1 
ATOM   539 C CD2 . LEU A 1 67 ? 3.305   -7.529  -6.385  1.00 22.76 ? 65   LEU A CD2 1 
ATOM   540 N N   . GLU A 1 68 ? -0.556  -5.240  -9.423  1.00 14.57 ? 66   GLU A N   1 
ATOM   541 C CA  A GLU A 1 68 ? -1.649  -5.089  -10.403 0.50 14.78 ? 66   GLU A CA  1 
ATOM   542 C CA  B GLU A 1 68 ? -1.614  -5.095  -10.429 0.50 17.06 ? 66   GLU A CA  1 
ATOM   543 C C   . GLU A 1 68 ? -1.845  -3.617  -10.600 1.00 16.46 ? 66   GLU A C   1 
ATOM   544 O O   . GLU A 1 68 ? -1.924  -2.868  -9.618  1.00 15.27 ? 66   GLU A O   1 
ATOM   545 C CB  A GLU A 1 68 ? -2.974  -5.711  -9.868  0.50 17.08 ? 66   GLU A CB  1 
ATOM   546 C CB  B GLU A 1 68 ? -2.939  -5.767  -9.988  0.50 25.64 ? 66   GLU A CB  1 
ATOM   547 C CG  A GLU A 1 68 ? -4.069  -6.008  -10.943 0.50 17.03 ? 66   GLU A CG  1 
ATOM   548 C CG  B GLU A 1 68 ? -2.852  -7.159  -9.317  0.50 26.33 ? 66   GLU A CG  1 
ATOM   549 C CD  A GLU A 1 68 ? -3.714  -7.197  -11.824 0.50 19.52 ? 66   GLU A CD  1 
ATOM   550 C CD  B GLU A 1 68 ? -2.983  -8.337  -10.246 0.50 37.01 ? 66   GLU A CD  1 
ATOM   551 O OE1 A GLU A 1 68 ? -3.233  -8.214  -11.286 0.50 26.89 ? 66   GLU A OE1 1 
ATOM   552 O OE1 B GLU A 1 68 ? -3.039  -8.163  -11.486 0.50 41.20 ? 66   GLU A OE1 1 
ATOM   553 O OE2 A GLU A 1 68 ? -3.906  -7.125  -13.061 0.50 22.72 ? 66   GLU A OE2 1 
ATOM   554 O OE2 B GLU A 1 68 ? -3.031  -9.459  -9.701  0.50 36.94 ? 66   GLU A OE2 1 
ATOM   555 N N   . ILE A 1 69 ? -1.982  -3.179  -11.833 1.00 16.96 ? 67   ILE A N   1 
ATOM   556 C CA  . ILE A 1 69 ? -2.303  -1.803  -12.141 1.00 15.40 ? 67   ILE A CA  1 
ATOM   557 C C   . ILE A 1 69 ? -3.740  -1.480  -11.815 1.00 16.87 ? 67   ILE A C   1 
ATOM   558 O O   . ILE A 1 69 ? -4.532  -2.398  -11.693 1.00 17.28 ? 67   ILE A O   1 
ATOM   559 C CB  . ILE A 1 69 ? -1.937  -1.430  -13.585 1.00 17.20 ? 67   ILE A CB  1 
ATOM   560 C CG1 . ILE A 1 69 ? -2.835  -2.129  -14.589 1.00 18.34 ? 67   ILE A CG1 1 
ATOM   561 C CG2 . ILE A 1 69 ? -0.426  -1.703  -13.867 1.00 19.14 ? 67   ILE A CG2 1 
ATOM   562 C CD1 . ILE A 1 69 ? -2.569  -1.746  -16.047 1.00 21.39 ? 67   ILE A CD1 1 
ATOM   563 N N   . PRO A 1 70 ? -4.070  -0.192  -11.666 1.00 16.30 ? 68   PRO A N   1 
ATOM   564 C CA  . PRO A 1 70 ? -5.463  0.124   -11.443 1.00 16.01 ? 68   PRO A CA  1 
ATOM   565 C C   . PRO A 1 70 ? -6.300  -0.262  -12.631 1.00 17.26 ? 68   PRO A C   1 
ATOM   566 O O   . PRO A 1 70 ? -5.869  -0.117  -13.770 1.00 18.61 ? 68   PRO A O   1 
ATOM   567 C CB  . PRO A 1 70 ? -5.456  1.636   -11.302 1.00 17.52 ? 68   PRO A CB  1 
ATOM   568 C CG  . PRO A 1 70 ? -4.085  1.970   -10.870 1.00 17.05 ? 68   PRO A CG  1 
ATOM   569 C CD  . PRO A 1 70 ? -3.260  1.059   -11.704 1.00 18.22 ? 68   PRO A CD  1 
ATOM   570 N N   . GLY A 1 71 ? -7.534  -0.626  -12.364 1.00 17.73 ? 69   GLY A N   1 
ATOM   571 C CA  . GLY A 1 71 ? -8.500  -0.918  -13.418 1.00 17.00 ? 69   GLY A CA  1 
ATOM   572 C C   . GLY A 1 71 ? -9.048  0.373   -13.934 1.00 20.71 ? 69   GLY A C   1 
ATOM   573 O O   . GLY A 1 71 ? -8.897  1.429   -13.281 1.00 24.10 ? 69   GLY A O   1 
ATOM   574 N N   . PRO A 1 72 ? -9.760  0.294   -15.062 1.00 22.93 ? 70   PRO A N   1 
ATOM   575 C CA  . PRO A 1 72 ? -10.180 1.467   -15.822 1.00 25.21 ? 70   PRO A CA  1 
ATOM   576 C C   . PRO A 1 72 ? -11.353 2.233   -15.242 1.00 27.48 ? 70   PRO A C   1 
ATOM   577 O O   . PRO A 1 72 ? -11.667 3.336   -15.742 1.00 34.56 ? 70   PRO A O   1 
ATOM   578 C CB  . PRO A 1 72 ? -10.555 0.876   -17.195 1.00 26.10 ? 70   PRO A CB  1 
ATOM   579 C CG  . PRO A 1 72 ? -10.920 -0.515  -16.898 1.00 23.89 ? 70   PRO A CG  1 
ATOM   580 C CD  . PRO A 1 72 ? -10.091 -0.971  -15.722 1.00 19.77 ? 70   PRO A CD  1 
ATOM   581 N N   . GLY A 1 73 ? -11.969 1.713   -14.185 1.00 24.56 ? 71   GLY A N   1 
ATOM   582 C CA  . GLY A 1 73 ? -13.212 2.303   -13.631 1.00 42.33 ? 71   GLY A CA  1 
ATOM   583 C C   . GLY A 1 73 ? -12.989 3.206   -12.429 1.00 47.79 ? 71   GLY A C   1 
ATOM   584 O O   . GLY A 1 73 ? -11.924 3.786   -12.279 1.00 42.79 ? 71   GLY A O   1 
ATOM   585 N N   . ASP A 1 74 ? -13.983 3.327   -11.559 1.00 51.18 ? 72   ASP A N   1 
ATOM   586 C CA  . ASP A 1 74 ? -13.839 4.207   -10.407 1.00 53.94 ? 72   ASP A CA  1 
ATOM   587 C C   . ASP A 1 74 ? -12.993 3.524   -9.352  1.00 51.96 ? 72   ASP A C   1 
ATOM   588 O O   . ASP A 1 74 ? -13.385 2.500   -8.781  1.00 54.18 ? 72   ASP A O   1 
ATOM   589 C CB  . ASP A 1 74 ? -15.174 4.616   -9.787  1.00 57.94 ? 72   ASP A CB  1 
ATOM   590 C CG  . ASP A 1 74 ? -14.986 5.530   -8.585  1.00 64.80 ? 72   ASP A CG  1 
ATOM   591 O OD1 . ASP A 1 74 ? -14.659 6.719   -8.788  1.00 71.68 ? 72   ASP A OD1 1 
ATOM   592 O OD2 . ASP A 1 74 ? -15.136 5.059   -7.437  1.00 68.13 ? 72   ASP A OD2 1 
ATOM   593 N N   . ASN A 1 75 ? -11.823 4.097   -9.110  1.00 49.09 ? 73   ASN A N   1 
ATOM   594 C CA  . ASN A 1 75 ? -10.912 3.571   -8.112  1.00 39.97 ? 73   ASN A CA  1 
ATOM   595 C C   . ASN A 1 75 ? -11.018 4.367   -6.803  1.00 49.70 ? 73   ASN A C   1 
ATOM   596 O O   . ASN A 1 75 ? -10.292 4.097   -5.849  1.00 43.43 ? 73   ASN A O   1 
ATOM   597 C CB  . ASN A 1 75 ? -9.491  3.554   -8.684  1.00 35.23 ? 73   ASN A CB  1 
ATOM   598 C CG  . ASN A 1 75 ? -9.336  2.553   -9.842  1.00 25.93 ? 73   ASN A CG  1 
ATOM   599 O OD1 . ASN A 1 75 ? -9.745  1.390   -9.718  1.00 32.89 ? 73   ASN A OD1 1 
ATOM   600 N ND2 . ASN A 1 75 ? -8.737  2.991   -10.945 1.00 33.39 ? 73   ASN A ND2 1 
ATOM   601 N N   . GLN A 1 76 ? -11.913 5.360   -6.775  1.00 54.02 ? 74   GLN A N   1 
ATOM   602 C CA  . GLN A 1 76 ? -12.238 6.080   -5.547  1.00 59.07 ? 74   GLN A CA  1 
ATOM   603 C C   . GLN A 1 76 ? -13.345 5.332   -4.808  1.00 61.06 ? 74   GLN A C   1 
ATOM   604 O O   . GLN A 1 76 ? -13.095 4.682   -3.798  1.00 63.29 ? 74   GLN A O   1 
ATOM   605 C CB  . GLN A 1 76 ? -12.695 7.513   -5.853  1.00 62.88 ? 74   GLN A CB  1 
ATOM   606 C CG  . GLN A 1 76 ? -11.619 8.434   -6.444  1.00 67.65 ? 74   GLN A CG  1 
ATOM   607 C CD  . GLN A 1 76 ? -10.639 8.967   -5.408  1.00 67.58 ? 74   GLN A CD  1 
ATOM   608 O OE1 . GLN A 1 76 ? -10.623 8.526   -4.255  1.00 70.43 ? 74   GLN A OE1 1 
ATOM   609 N NE2 . GLN A 1 76 ? -9.805  9.917   -5.822  1.00 67.27 ? 74   GLN A NE2 1 
HETATM 610 O O   . HOH B 2 .  ? -5.023  5.320   -10.247 0.50 27.53 ? 2001 HOH A O   1 
HETATM 611 O O   . HOH B 2 .  ? -6.824  5.136   -10.151 0.50 26.10 ? 2002 HOH A O   1 
HETATM 612 O O   . HOH B 2 .  ? 7.845   -4.096  -1.938  1.00 25.03 ? 2003 HOH A O   1 
HETATM 613 O O   . HOH B 2 .  ? -10.490 7.924   1.176   1.00 42.28 ? 2004 HOH A O   1 
HETATM 614 O O   . HOH B 2 .  ? 12.409  -5.211  4.422   1.00 34.58 ? 2005 HOH A O   1 
HETATM 615 O O   . HOH B 2 .  ? -5.518  9.336   2.781   1.00 30.85 ? 2006 HOH A O   1 
HETATM 616 O O   . HOH B 2 .  ? 10.825  -0.170  9.065   1.00 32.87 ? 2007 HOH A O   1 
HETATM 617 O O   . HOH B 2 .  ? 14.215  -2.084  14.357  1.00 32.92 ? 2008 HOH A O   1 
HETATM 618 O O   . HOH B 2 .  ? 0.805   -6.664  10.788  1.00 36.72 ? 2009 HOH A O   1 
HETATM 619 O O   . HOH B 2 .  ? 8.007   -8.492  5.754   1.00 27.35 ? 2010 HOH A O   1 
HETATM 620 O O   . HOH B 2 .  ? 3.369   -5.525  11.034  1.00 54.06 ? 2011 HOH A O   1 
HETATM 621 O O   . HOH B 2 .  ? -9.495  7.195   -1.543  1.00 28.76 ? 2012 HOH A O   1 
HETATM 622 O O   . HOH B 2 .  ? -18.185 4.810   -12.868 1.00 36.26 ? 2013 HOH A O   1 
HETATM 623 O O   . HOH B 2 .  ? -7.359  8.895   -1.920  1.00 25.59 ? 2014 HOH A O   1 
HETATM 624 O O   . HOH B 2 .  ? -3.547  15.366  5.081   1.00 43.72 ? 2015 HOH A O   1 
HETATM 625 O O   . HOH B 2 .  ? -2.541  10.238  5.591   1.00 32.41 ? 2016 HOH A O   1 
HETATM 626 O O   . HOH B 2 .  ? -3.289  7.933   2.278   1.00 19.56 ? 2017 HOH A O   1 
HETATM 627 O O   . HOH B 2 .  ? -5.851  -5.810  -0.165  1.00 20.47 ? 2018 HOH A O   1 
HETATM 628 O O   . HOH B 2 .  ? -4.316  -7.982  0.881   1.00 30.60 ? 2019 HOH A O   1 
HETATM 629 O O   . HOH B 2 .  ? -8.258  -6.568  -1.081  1.00 36.60 ? 2020 HOH A O   1 
HETATM 630 O O   . HOH B 2 .  ? -9.522  -9.238  2.208   1.00 26.19 ? 2021 HOH A O   1 
HETATM 631 O O   . HOH B 2 .  ? -6.837  -9.372  2.636   1.00 26.12 ? 2022 HOH A O   1 
HETATM 632 O O   . HOH B 2 .  ? -11.186 -9.006  6.564   1.00 39.19 ? 2023 HOH A O   1 
HETATM 633 O O   . HOH B 2 .  ? 0.740   -9.888  9.630   1.00 34.35 ? 2024 HOH A O   1 
HETATM 634 O O   . HOH B 2 .  ? 5.618   -9.573  4.339   1.00 35.55 ? 2025 HOH A O   1 
HETATM 635 O O   . HOH B 2 .  ? 2.543   -11.231 2.826   1.00 31.73 ? 2026 HOH A O   1 
HETATM 636 O O   . HOH B 2 .  ? -3.383  -12.772 11.684  1.00 60.78 ? 2027 HOH A O   1 
HETATM 637 O O   . HOH B 2 .  ? -8.940  -7.103  7.812   1.00 46.89 ? 2028 HOH A O   1 
HETATM 638 O O   . HOH B 2 .  ? -1.420  -10.078 11.202  1.00 42.78 ? 2029 HOH A O   1 
HETATM 639 O O   . HOH B 2 .  ? -7.131  -10.261 9.886   1.00 35.34 ? 2030 HOH A O   1 
HETATM 640 O O   . HOH B 2 .  ? -6.165  -6.575  7.181   1.00 32.72 ? 2031 HOH A O   1 
HETATM 641 O O   . HOH B 2 .  ? -1.811  -5.878  12.496  1.00 25.44 ? 2032 HOH A O   1 
HETATM 642 O O   . HOH B 2 .  ? -9.232  -6.712  10.334  1.00 30.37 ? 2033 HOH A O   1 
HETATM 643 O O   . HOH B 2 .  ? -10.300 -1.839  5.207   1.00 49.40 ? 2034 HOH A O   1 
HETATM 644 O O   . HOH B 2 .  ? -7.618  6.625   4.173   1.00 54.57 ? 2035 HOH A O   1 
HETATM 645 O O   . HOH B 2 .  ? 10.051  6.986   9.759   1.00 21.81 ? 2036 HOH A O   1 
HETATM 646 O O   . HOH B 2 .  ? 6.678   10.930  3.138   1.00 36.88 ? 2037 HOH A O   1 
HETATM 647 O O   . HOH B 2 .  ? 5.247   5.508   7.341   1.00 17.36 ? 2038 HOH A O   1 
HETATM 648 O O   . HOH B 2 .  ? 10.271  9.363   7.076   1.00 45.17 ? 2039 HOH A O   1 
HETATM 649 O O   . HOH B 2 .  ? 12.471  3.365   5.340   1.00 24.24 ? 2040 HOH A O   1 
HETATM 650 O O   . HOH B 2 .  ? 12.385  5.971   1.231   0.50 20.34 ? 2041 HOH A O   1 
HETATM 651 O O   . HOH B 2 .  ? 11.196  6.615   0.483   0.50 21.52 ? 2042 HOH A O   1 
HETATM 652 O O   . HOH B 2 .  ? 14.309  -2.115  0.506   1.00 40.87 ? 2043 HOH A O   1 
HETATM 653 O O   . HOH B 2 .  ? 15.403  1.780   -2.075  1.00 35.35 ? 2044 HOH A O   1 
HETATM 654 O O   . HOH B 2 .  ? 11.543  -6.799  -6.381  1.00 41.65 ? 2045 HOH A O   1 
HETATM 655 O O   . HOH B 2 .  ? 10.357  -5.223  -1.529  1.00 26.19 ? 2046 HOH A O   1 
HETATM 656 O O   . HOH B 2 .  ? 9.960   -7.775  -1.352  1.00 50.16 ? 2047 HOH A O   1 
HETATM 657 O O   . HOH B 2 .  ? 5.700   -5.602  -9.616  1.00 32.85 ? 2048 HOH A O   1 
HETATM 658 O O   . HOH B 2 .  ? 1.267   -9.601  -9.810  1.00 48.43 ? 2049 HOH A O   1 
HETATM 659 O O   . HOH B 2 .  ? -5.700  -3.253  -9.358  1.00 25.52 ? 2050 HOH A O   1 
HETATM 660 O O   . HOH B 2 .  ? -6.748  -0.359  -16.491 1.00 26.49 ? 2051 HOH A O   1 
HETATM 661 O O   . HOH B 2 .  ? -16.653 2.721   -11.905 1.00 48.58 ? 2052 HOH A O   1 
HETATM 662 O O   . HOH B 2 .  ? -8.462  -0.731  -9.570  1.00 27.30 ? 2053 HOH A O   1 
HETATM 663 O O   . HOH B 2 .  ? -7.416  10.331  -4.545  1.00 33.54 ? 2054 HOH A O   1 
# 
loop_
_atom_site_anisotrop.id 
_atom_site_anisotrop.type_symbol 
_atom_site_anisotrop.pdbx_label_atom_id 
_atom_site_anisotrop.pdbx_label_alt_id 
_atom_site_anisotrop.pdbx_label_comp_id 
_atom_site_anisotrop.pdbx_label_asym_id 
_atom_site_anisotrop.pdbx_label_seq_id 
_atom_site_anisotrop.pdbx_PDB_ins_code 
_atom_site_anisotrop.U[1][1] 
_atom_site_anisotrop.U[2][2] 
_atom_site_anisotrop.U[3][3] 
_atom_site_anisotrop.U[1][2] 
_atom_site_anisotrop.U[1][3] 
_atom_site_anisotrop.U[2][3] 
_atom_site_anisotrop.pdbx_auth_seq_id 
_atom_site_anisotrop.pdbx_auth_comp_id 
_atom_site_anisotrop.pdbx_auth_asym_id 
_atom_site_anisotrop.pdbx_auth_atom_id 
1   N N   . THR A 5  ? 0.6745 0.6597 0.6588 -0.0079 0.0122  0.0063  3  THR A N   
2   C CA  . THR A 5  ? 0.6250 0.5859 0.5704 0.0137  -0.0029 -0.0131 3  THR A CA  
3   C C   . THR A 5  ? 0.5996 0.6195 0.6339 -0.0233 0.0072  -0.0239 3  THR A C   
4   O O   . THR A 5  ? 0.5844 0.4957 0.5597 0.0141  0.0216  -0.0001 3  THR A O   
5   C CB  . THR A 5  ? 0.6260 0.6184 0.6247 0.0005  -0.0080 0.0075  3  THR A CB  
6   O OG1 . THR A 5  ? 0.6842 0.6401 0.6208 0.0003  0.0252  0.0120  3  THR A OG1 
7   C CG2 . THR A 5  ? 0.6470 0.6276 0.6483 0.0087  -0.0083 -0.0033 3  THR A CG2 
8   N N   . ASP A 6  ? 0.5971 0.5209 0.5831 -0.0209 -0.0037 -0.0178 4  ASP A N   
9   C CA  . ASP A 6  ? 0.6176 0.5769 0.5691 0.0120  -0.0176 -0.0035 4  ASP A CA  
10  C C   . ASP A 6  ? 0.5048 0.4415 0.4856 0.0085  -0.0531 0.0481  4  ASP A C   
11  O O   . ASP A 6  ? 0.5654 0.4395 0.3973 -0.0165 0.0156  0.0356  4  ASP A O   
12  C CB  . ASP A 6  ? 0.5225 0.4909 0.5394 -0.0076 -0.0008 -0.0132 4  ASP A CB  
13  C CG  . ASP A 6  ? 0.6480 0.6186 0.6357 0.0131  0.0099  0.0602  4  ASP A CG  
14  O OD1 . ASP A 6  ? 0.6651 0.6388 0.6484 0.0267  0.0175  -0.0016 4  ASP A OD1 
15  O OD2 . ASP A 6  ? 0.5619 0.5917 0.5591 0.0158  0.0091  0.0347  4  ASP A OD2 
16  N N   . TRP A 7  ? 0.4207 0.2685 0.4045 -0.0205 0.0180  -0.0001 5  TRP A N   
17  C CA  . TRP A 7  ? 0.3661 0.3048 0.3253 -0.0414 0.0345  0.0519  5  TRP A CA  
18  C C   . TRP A 7  ? 0.2763 0.2602 0.2699 0.0018  -0.0226 -0.0299 5  TRP A C   
19  O O   . TRP A 7  ? 0.3354 0.1996 0.2944 -0.0034 -0.0527 -0.0226 5  TRP A O   
20  C CB  . TRP A 7  ? 0.4191 0.4086 0.4105 -0.0483 -0.0152 0.0121  5  TRP A CB  
21  C CG  . TRP A 7  ? 0.4178 0.3274 0.4110 -0.0214 -0.0190 -0.0088 5  TRP A CG  
22  C CD1 . TRP A 7  ? 0.3876 0.4211 0.4780 -0.0699 0.0074  -0.0694 5  TRP A CD1 
23  C CD2 . TRP A 7  ? 0.3354 0.3570 0.4004 -0.0160 -0.0186 0.0002  5  TRP A CD2 
24  N NE1 . TRP A 7  ? 0.4011 0.4240 0.4485 -0.0665 0.0353  -0.0215 5  TRP A NE1 
25  C CE2 . TRP A 7  ? 0.3885 0.3690 0.4452 -0.0295 0.0094  -0.0057 5  TRP A CE2 
26  C CE3 . TRP A 7  ? 0.3909 0.3862 0.3718 -0.0107 -0.0165 -0.0148 5  TRP A CE3 
27  C CZ2 . TRP A 7  ? 0.4549 0.4775 0.4780 0.0048  0.0328  -0.0247 5  TRP A CZ2 
28  C CZ3 . TRP A 7  ? 0.4197 0.4618 0.4930 0.0140  0.0106  -0.0279 5  TRP A CZ3 
29  C CH2 . TRP A 7  ? 0.4607 0.4666 0.4796 0.0007  0.0100  -0.0262 5  TRP A CH2 
30  N N   . LEU A 8  ? 0.4014 0.2789 0.2522 0.0312  0.0292  0.0114  6  LEU A N   
31  C CA  . LEU A 8  ? 0.3007 0.2463 0.2611 -0.0055 -0.0628 -0.0511 6  LEU A CA  
32  C C   . LEU A 8  ? 0.2384 0.2725 0.2146 0.0160  -0.0565 -0.0158 6  LEU A C   
33  O O   . LEU A 8  ? 0.3708 0.3211 0.2108 0.0571  -0.0122 -0.0079 6  LEU A O   
34  C CB  . LEU A 8  ? 0.3896 0.2612 0.2777 -0.0140 -0.0447 -0.0294 6  LEU A CB  
35  C CG  . LEU A 8  ? 0.3677 0.4129 0.2754 0.0415  -0.0572 0.0183  6  LEU A CG  
36  C CD1 . LEU A 8  ? 0.4594 0.3653 0.2892 0.0368  0.0260  -0.0005 6  LEU A CD1 
37  C CD2 . LEU A 8  ? 0.4149 0.4121 0.4211 0.0830  0.0169  0.0271  6  LEU A CD2 
38  N N   . GLY A 9  ? 0.2633 0.2349 0.2057 0.0215  -0.0353 -0.0350 7  GLY A N   
39  C CA  . GLY A 9  ? 0.1952 0.2542 0.2027 0.0027  -0.0547 -0.0185 7  GLY A CA  
40  C C   . GLY A 9  ? 0.2058 0.2909 0.1809 0.0067  0.0058  -0.0381 7  GLY A C   
41  O O   . GLY A 9  ? 0.1914 0.2796 0.2212 -0.0102 -0.0513 -0.0457 7  GLY A O   
42  N N   . SER A 10 ? 0.2173 0.2163 0.1878 -0.0151 -0.0141 -0.0327 8  SER A N   
43  C CA  A SER A 10 ? 0.1819 0.2249 0.1887 -0.0099 -0.0480 -0.0278 8  SER A CA  
44  C CA  B SER A 10 ? 0.1638 0.2190 0.1655 -0.0147 -0.0660 -0.0502 8  SER A CA  
45  C C   . SER A 10 ? 0.1269 0.1940 0.1722 -0.0225 -0.0478 -0.0442 8  SER A C   
46  O O   . SER A 10 ? 0.2081 0.2215 0.1805 -0.0236 -0.0313 -0.0491 8  SER A O   
47  C CB  A SER A 10 ? 0.2133 0.2148 0.1536 -0.0174 -0.0186 -0.0233 8  SER A CB  
48  C CB  B SER A 10 ? 0.2045 0.2554 0.2263 -0.0178 0.0039  -0.0058 8  SER A CB  
49  O OG  A SER A 10 ? 0.1871 0.2389 0.1610 -0.0378 -0.0220 -0.0425 8  SER A OG  
50  O OG  B SER A 10 ? 0.1623 0.2924 0.1852 -0.0497 -0.0194 -0.0139 8  SER A OG  
51  N N   . ILE A 11 ? 0.1080 0.2110 0.1866 -0.0436 -0.0409 -0.0426 9  ILE A N   
52  C CA  A ILE A 11 ? 0.1712 0.1726 0.1906 -0.0303 -0.0028 -0.0281 9  ILE A CA  
53  C CA  B ILE A 11 ? 0.1779 0.1948 0.1937 -0.0433 -0.0029 -0.0190 9  ILE A CA  
54  C C   . ILE A 11 ? 0.1368 0.1995 0.1837 -0.0373 -0.0031 -0.0034 9  ILE A C   
55  O O   . ILE A 11 ? 0.1242 0.2091 0.1759 -0.0556 -0.0163 -0.0442 9  ILE A O   
56  C CB  A ILE A 11 ? 0.0831 0.1742 0.2467 -0.0771 -0.0425 -0.0368 9  ILE A CB  
57  C CB  B ILE A 11 ? 0.1705 0.2062 0.2562 -0.0147 -0.0086 -0.0543 9  ILE A CB  
58  C CG1 A ILE A 11 ? 0.0879 0.2488 0.2595 -0.0586 -0.0192 -0.0593 9  ILE A CG1 
59  C CG1 B ILE A 11 ? 0.2130 0.2757 0.2514 0.0060  -0.0491 -0.0334 9  ILE A CG1 
60  C CG2 A ILE A 11 ? 0.1551 0.1725 0.2055 -0.0546 0.0171  -0.0366 9  ILE A CG2 
61  C CG2 B ILE A 11 ? 0.2012 0.1479 0.2249 -0.0817 0.0465  -0.0253 9  ILE A CG2 
62  C CD1 A ILE A 11 ? 0.2630 0.2589 0.3444 -0.0565 -0.0494 -0.0222 9  ILE A CD1 
63  C CD1 B ILE A 11 ? 0.2055 0.2535 0.3295 -0.0992 -0.0198 -0.0731 9  ILE A CD1 
64  N N   . VAL A 12 ? 0.1261 0.1998 0.1637 -0.0249 -0.0172 -0.0224 10 VAL A N   
65  C CA  . VAL A 12 ? 0.1068 0.1909 0.1750 -0.0583 -0.0057 -0.0273 10 VAL A CA  
66  C C   . VAL A 12 ? 0.1257 0.1720 0.1649 -0.0422 0.0013  -0.0221 10 VAL A C   
67  O O   . VAL A 12 ? 0.1282 0.2128 0.1836 -0.0479 -0.0201 -0.0145 10 VAL A O   
68  C CB  . VAL A 12 ? 0.1386 0.1470 0.1807 -0.0540 -0.0075 -0.0468 10 VAL A CB  
69  C CG1 . VAL A 12 ? 0.1555 0.1830 0.1983 -0.0349 -0.0049 -0.0158 10 VAL A CG1 
70  C CG2 . VAL A 12 ? 0.1267 0.2040 0.2095 -0.0523 0.0216  -0.0577 10 VAL A CG2 
71  N N   . SER A 13 ? 0.1194 0.2028 0.1767 -0.0397 -0.0021 -0.0179 11 SER A N   
72  C CA  . SER A 13 ? 0.1268 0.2148 0.1672 -0.0776 -0.0488 -0.0334 11 SER A CA  
73  C C   . SER A 13 ? 0.0925 0.1853 0.1484 -0.1000 0.0207  0.0046  11 SER A C   
74  O O   . SER A 13 ? 0.2053 0.3252 0.1749 -0.1028 -0.0405 0.0180  11 SER A O   
75  C CB  . SER A 13 ? 0.2317 0.2648 0.2361 -0.0181 -0.0660 -0.0004 11 SER A CB  
76  O OG  . SER A 13 ? 0.2168 0.3463 0.2419 0.0386  -0.0113 0.0034  11 SER A OG  
77  N N   A ILE A 14 ? 0.2109 0.2171 0.1792 -0.0633 0.0182  0.0091  12 ILE A N   
78  N N   B ILE A 14 ? 0.1958 0.2368 0.2104 -0.0507 0.0292  -0.0040 12 ILE A N   
79  C CA  A ILE A 14 ? 0.0812 0.2155 0.1593 -0.0916 -0.0242 0.0401  12 ILE A CA  
80  C CA  B ILE A 14 ? 0.2212 0.2280 0.2533 -0.0462 -0.0396 0.0370  12 ILE A CA  
81  C C   A ILE A 14 ? 0.1430 0.1993 0.1627 -0.0280 -0.0025 0.0118  12 ILE A C   
82  C C   B ILE A 14 ? 0.1355 0.1558 0.1696 -0.0777 -0.0113 -0.0102 12 ILE A C   
83  O O   A ILE A 14 ? 0.1450 0.1426 0.1640 -0.0601 -0.0111 -0.0090 12 ILE A O   
84  O O   B ILE A 14 ? 0.1681 0.1413 0.1998 -0.0642 -0.0752 0.0154  12 ILE A O   
85  C CB  A ILE A 14 ? 0.1978 0.0708 0.2302 -0.0303 -0.1567 -0.0226 12 ILE A CB  
86  C CB  B ILE A 14 ? 0.2284 0.1899 0.2615 -0.0504 -0.0761 -0.0044 12 ILE A CB  
87  C CG1 A ILE A 14 ? 0.1547 0.2204 0.1839 -0.0223 -0.0576 -0.0199 12 ILE A CG1 
88  C CG1 B ILE A 14 ? 0.3472 0.3173 0.3275 0.0029  -0.0203 0.0312  12 ILE A CG1 
89  C CG2 A ILE A 14 ? 0.1305 0.1115 0.1977 -0.0872 -0.0086 -0.0303 12 ILE A CG2 
90  C CG2 B ILE A 14 ? 0.2369 0.2675 0.2598 -0.0430 0.0039  -0.0693 12 ILE A CG2 
91  C CD1 A ILE A 14 ? 0.1377 0.2078 0.1882 -0.0329 -0.0297 -0.0735 12 ILE A CD1 
92  C CD1 B ILE A 14 ? 0.2332 0.2964 0.2527 0.0030  -0.0418 -0.0124 12 ILE A CD1 
93  N N   . ASN A 15 ? 0.1486 0.2298 0.2043 -0.0769 -0.0360 0.0177  13 ASN A N   
94  C CA  . ASN A 15 ? 0.1814 0.2267 0.2168 -0.0599 -0.0157 0.0018  13 ASN A CA  
95  C C   . ASN A 15 ? 0.1117 0.2289 0.2194 -0.0484 -0.0161 0.0007  13 ASN A C   
96  O O   . ASN A 15 ? 0.1475 0.2300 0.2329 -0.0738 -0.0471 0.0066  13 ASN A O   
97  C CB  . ASN A 15 ? 0.1912 0.2341 0.2099 -0.0356 -0.0186 -0.0108 13 ASN A CB  
98  C CG  . ASN A 15 ? 0.1879 0.3159 0.2875 -0.0210 -0.0036 0.0069  13 ASN A CG  
99  O OD1 . ASN A 15 ? 0.1918 0.2964 0.2988 -0.0142 -0.0219 0.0208  13 ASN A OD1 
100 N ND2 . ASN A 15 ? 0.3362 0.3641 0.3206 0.0672  -0.0155 0.0195  13 ASN A ND2 
101 N N   . CYS A 16 ? 0.1413 0.2710 0.2126 -0.0195 -0.0268 -0.0312 14 CYS A N   
102 C CA  A CYS A 16 ? 0.2809 0.2614 0.2307 -0.0132 -0.0352 0.0226  14 CYS A CA  
103 C CA  B CYS A 16 ? 0.2863 0.2636 0.2354 -0.0092 -0.0377 0.0200  14 CYS A CA  
104 C C   . CYS A 16 ? 0.2907 0.2852 0.2714 -0.0420 -0.0673 -0.0303 14 CYS A C   
105 O O   . CYS A 16 ? 0.4225 0.3339 0.2954 -0.0717 -0.0718 -0.0568 14 CYS A O   
106 C CB  A CYS A 16 ? 0.3611 0.3463 0.3070 0.0287  0.0103  -0.0270 14 CYS A CB  
107 C CB  B CYS A 16 ? 0.3648 0.3483 0.3264 0.0129  0.0175  -0.0421 14 CYS A CB  
108 S SG  A CYS A 16 ? 0.3176 0.3455 0.3548 0.0022  -0.0570 -0.0932 14 CYS A SG  
109 S SG  B CYS A 16 ? 0.2084 0.2558 0.5298 -0.0180 0.1131  -0.0325 14 CYS A SG  
110 N N   . GLY A 17 ? 0.2011 0.3280 0.3293 -0.0685 -0.1003 -0.0182 15 GLY A N   
111 C CA  . GLY A 17 ? 0.2299 0.3600 0.3512 -0.0491 -0.0770 0.0347  15 GLY A CA  
112 C C   . GLY A 17 ? 0.2569 0.3362 0.3306 -0.0244 -0.0210 0.0479  15 GLY A C   
113 O O   . GLY A 17 ? 0.2554 0.3680 0.3162 -0.0476 -0.0496 -0.0103 15 GLY A O   
114 N N   . ASP A 18 ? 0.2196 0.3878 0.3382 -0.0713 -0.0867 -0.0092 16 ASP A N   
115 C CA  . ASP A 18 ? 0.4301 0.3529 0.3213 -0.0012 -0.0226 -0.0219 16 ASP A CA  
116 C C   . ASP A 18 ? 0.3121 0.3363 0.3005 -0.0163 -0.0412 -0.0442 16 ASP A C   
117 O O   . ASP A 18 ? 0.3833 0.4102 0.3610 -0.0095 0.0079  -0.0001 16 ASP A O   
118 C CB  . ASP A 18 ? 0.4123 0.5039 0.5152 -0.0112 -0.0585 0.0176  16 ASP A CB  
119 C CG  . ASP A 18 ? 0.5847 0.6461 0.6177 -0.0007 0.0380  -0.0041 16 ASP A CG  
120 O OD1 . ASP A 18 ? 0.7152 0.7158 0.7031 -0.0035 0.0010  -0.0370 16 ASP A OD1 
121 O OD2 . ASP A 18 ? 0.5705 0.6837 0.7079 -0.0094 0.0208  -0.0026 16 ASP A OD2 
122 N N   . SER A 19 ? 0.2879 0.3449 0.2847 0.0018  -0.0684 -0.0551 17 SER A N   
123 C CA  A SER A 19 ? 0.2840 0.3528 0.3174 0.0126  -0.0375 0.0082  17 SER A CA  
124 C CA  B SER A 19 ? 0.2813 0.3422 0.3087 0.0059  -0.0368 0.0028  17 SER A CA  
125 C C   . SER A 19 ? 0.3476 0.4477 0.3848 -0.0567 -0.0983 0.0310  17 SER A C   
126 O O   . SER A 19 ? 0.5731 0.5672 0.4917 0.0161  -0.0145 0.0995  17 SER A O   
127 C CB  A SER A 19 ? 0.4527 0.4253 0.4544 -0.0030 -0.0191 -0.0444 17 SER A CB  
128 C CB  B SER A 19 ? 0.4459 0.3615 0.3965 0.0119  -0.0187 0.0027  17 SER A CB  
129 O OG  A SER A 19 ? 0.4014 0.4354 0.4323 0.0457  -0.0088 -0.0258 17 SER A OG  
130 O OG  B SER A 19 ? 0.2514 0.2712 0.2748 -0.0088 0.0228  -0.0417 17 SER A OG  
131 N N   . LEU A 20 ? 0.2900 0.3198 0.2534 -0.0244 -0.0759 0.0018  18 LEU A N   
132 C CA  . LEU A 20 ? 0.2975 0.2589 0.2913 -0.0462 0.0049  -0.0095 18 LEU A CA  
133 C C   . LEU A 20 ? 0.2752 0.3092 0.2787 -0.0400 -0.0569 -0.0043 18 LEU A C   
134 O O   . LEU A 20 ? 0.2482 0.3086 0.2968 -0.0750 -0.0494 0.0168  18 LEU A O   
135 C CB  . LEU A 20 ? 0.3139 0.3067 0.2754 -0.0408 -0.0495 -0.0256 18 LEU A CB  
136 C CG  . LEU A 20 ? 0.2106 0.3074 0.2958 -0.0564 -0.0851 -0.0348 18 LEU A CG  
137 C CD1 . LEU A 20 ? 0.2687 0.4057 0.3892 0.0244  -0.0644 -0.0194 18 LEU A CD1 
138 C CD2 . LEU A 20 ? 0.3147 0.3778 0.3999 -0.0337 0.0361  -0.0182 18 LEU A CD2 
139 N N   . GLY A 21 ? 0.2416 0.2561 0.2842 -0.0816 -0.0743 -0.0228 19 GLY A N   
140 C CA  . GLY A 21 ? 0.1966 0.2870 0.2412 -0.0194 -0.0509 -0.0098 19 GLY A CA  
141 C C   . GLY A 21 ? 0.1921 0.2080 0.2781 -0.0646 -0.0593 0.0263  19 GLY A C   
142 O O   . GLY A 21 ? 0.1900 0.2565 0.2435 -0.0730 -0.0487 0.0332  19 GLY A O   
143 N N   . VAL A 22 ? 0.1902 0.2163 0.2457 -0.0186 -0.0280 -0.0178 20 VAL A N   
144 C CA  . VAL A 22 ? 0.1549 0.2151 0.2312 -0.0269 -0.0290 -0.0006 20 VAL A CA  
145 C C   . VAL A 22 ? 0.1730 0.1820 0.2020 -0.0688 -0.0207 -0.0249 20 VAL A C   
146 O O   . VAL A 22 ? 0.2090 0.2070 0.2172 -0.0624 -0.0196 0.0256  20 VAL A O   
147 C CB  . VAL A 22 ? 0.2153 0.2444 0.2226 -0.0214 -0.0212 -0.0028 20 VAL A CB  
148 C CG1 . VAL A 22 ? 0.2734 0.2783 0.2392 -0.0161 -0.0372 -0.0026 20 VAL A CG1 
149 C CG2 . VAL A 22 ? 0.2014 0.3574 0.3979 0.0183  0.0062  -0.0197 20 VAL A CG2 
150 N N   . TYR A 23 ? 0.1448 0.2151 0.1558 -0.0540 -0.0180 -0.0169 21 TYR A N   
151 C CA  . TYR A 23 ? 0.1413 0.1689 0.1775 -0.0600 -0.0373 0.0229  21 TYR A CA  
152 C C   . TYR A 23 ? 0.1764 0.2160 0.1642 -0.0863 -0.0005 0.0015  21 TYR A C   
153 O O   . TYR A 23 ? 0.1681 0.2434 0.1878 -0.1171 -0.0244 0.0119  21 TYR A O   
154 C CB  . TYR A 23 ? 0.1495 0.1667 0.1900 -0.0649 -0.0004 -0.0205 21 TYR A CB  
155 C CG  . TYR A 23 ? 0.1492 0.1938 0.2183 -0.0390 0.0157  -0.0089 21 TYR A CG  
156 C CD1 . TYR A 23 ? 0.1548 0.2569 0.2323 -0.0277 -0.0249 -0.0463 21 TYR A CD1 
157 C CD2 . TYR A 23 ? 0.2309 0.2028 0.1741 -0.0506 -0.0220 -0.0621 21 TYR A CD2 
158 C CE1 . TYR A 23 ? 0.2555 0.2569 0.2297 -0.0391 -0.0473 -0.0556 21 TYR A CE1 
159 C CE2 . TYR A 23 ? 0.2516 0.2750 0.1820 -0.0520 -0.0124 0.0022  21 TYR A CE2 
160 C CZ  . TYR A 23 ? 0.2745 0.2981 0.2022 -0.0114 -0.0409 -0.0300 21 TYR A CZ  
161 O OH  . TYR A 23 ? 0.3275 0.4504 0.2246 -0.0586 -0.0605 -0.0112 21 TYR A OH  
162 N N   . GLN A 24 ? 0.1333 0.2218 0.1770 -0.0918 -0.0174 -0.0064 22 GLN A N   
163 C CA  . GLN A 24 ? 0.1267 0.2019 0.2026 -0.0716 -0.0563 0.0199  22 GLN A CA  
164 C C   . GLN A 24 ? 0.1180 0.2330 0.1622 -0.0629 -0.0222 -0.0033 22 GLN A C   
165 O O   . GLN A 24 ? 0.1527 0.2283 0.2261 -0.0575 -0.0087 0.0413  22 GLN A O   
166 C CB  . GLN A 24 ? 0.2563 0.2512 0.2013 -0.0659 -0.0072 -0.0223 22 GLN A CB  
167 C CG  . GLN A 24 ? 0.2349 0.3157 0.3326 -0.0311 0.0407  0.0023  22 GLN A CG  
168 C CD  . GLN A 24 ? 0.4632 0.4076 0.4430 0.0554  0.0372  -0.0640 22 GLN A CD  
169 O OE1 . GLN A 24 ? 0.5184 0.5048 0.5177 -0.0085 -0.0113 -0.0478 22 GLN A OE1 
170 N NE2 . GLN A 24 ? 0.5269 0.6439 0.6345 0.0566  0.0764  -0.0401 22 GLN A NE2 
171 N N   . GLY A 25 ? 0.1139 0.1606 0.2027 -0.0722 -0.0252 -0.0035 23 GLY A N   
172 C CA  . GLY A 25 ? 0.1494 0.2278 0.2089 -0.0633 -0.0231 0.0270  23 GLY A CA  
173 C C   . GLY A 25 ? 0.1234 0.1978 0.2190 -0.0342 -0.0172 -0.0047 23 GLY A C   
174 O O   . GLY A 25 ? 0.1346 0.1945 0.1675 -0.0534 -0.0106 -0.0099 23 GLY A O   
175 N N   . ARG A 26 ? 0.1406 0.2219 0.2437 -0.0359 -0.0266 0.0047  24 ARG A N   
176 C CA  . ARG A 26 ? 0.1002 0.1878 0.1935 -0.0657 -0.0195 -0.0372 24 ARG A CA  
177 C C   . ARG A 26 ? 0.1069 0.2098 0.2158 -0.0376 -0.0316 -0.0177 24 ARG A C   
178 O O   . ARG A 26 ? 0.1367 0.2950 0.1868 -0.0606 -0.0088 -0.0341 24 ARG A O   
179 C CB  . ARG A 26 ? 0.1276 0.2987 0.3206 -0.0715 -0.0229 -0.0205 24 ARG A CB  
180 C CG  . ARG A 26 ? 0.1962 0.3344 0.3685 -0.0219 -0.0465 0.0071  24 ARG A CG  
181 C CD  . ARG A 26 ? 0.3518 0.3274 0.3704 -0.0224 -0.0495 0.0135  24 ARG A CD  
182 N NE  . ARG A 26 ? 0.4456 0.4455 0.5322 -0.0466 -0.0381 -0.0369 24 ARG A NE  
183 C CZ  . ARG A 26 ? 0.4337 0.4107 0.4524 -0.0762 -0.0260 -0.0275 24 ARG A CZ  
184 N NH1 . ARG A 26 ? 0.4433 0.4052 0.4598 -0.0774 -0.0472 0.0245  24 ARG A NH1 
185 N NH2 . ARG A 26 ? 0.2891 0.4098 0.4153 -0.0989 -0.0747 -0.0399 24 ARG A NH2 
186 N N   . VAL A 27 ? 0.1505 0.2275 0.1875 -0.0168 -0.0388 0.0042  25 VAL A N   
187 C CA  . VAL A 27 ? 0.1678 0.1955 0.2140 -0.0123 -0.0215 -0.0120 25 VAL A CA  
188 C C   . VAL A 27 ? 0.1642 0.2627 0.1658 -0.0167 -0.0435 -0.0520 25 VAL A C   
189 O O   . VAL A 27 ? 0.2008 0.2913 0.2235 0.0115  -0.0565 -0.0387 25 VAL A O   
190 C CB  . VAL A 27 ? 0.1570 0.2463 0.2037 -0.0279 -0.0283 -0.0527 25 VAL A CB  
191 C CG1 . VAL A 27 ? 0.2235 0.2165 0.2154 -0.0255 -0.0427 -0.0541 25 VAL A CG1 
192 C CG2 . VAL A 27 ? 0.1663 0.2065 0.2454 -0.0086 -0.0281 -0.0352 25 VAL A CG2 
193 N N   . SER A 28 ? 0.1562 0.2343 0.2016 -0.0021 -0.0527 -0.0391 26 SER A N   
194 C CA  . SER A 28 ? 0.1824 0.2398 0.2471 -0.0157 -0.0398 -0.0460 26 SER A CA  
195 C C   . SER A 28 ? 0.1982 0.2388 0.2701 0.0028  -0.0252 -0.0240 26 SER A C   
196 O O   . SER A 28 ? 0.1705 0.2879 0.3172 0.0488  -0.0119 -0.0273 26 SER A O   
197 C CB  . SER A 28 ? 0.1920 0.3248 0.3087 0.0039  0.0299  -0.0144 26 SER A CB  
198 O OG  . SER A 28 ? 0.2942 0.3937 0.2746 0.0378  0.0393  -0.0467 26 SER A OG  
199 N N   . ALA A 29 ? 0.2262 0.2073 0.2439 -0.0224 -0.0068 -0.0375 27 ALA A N   
200 C CA  . ALA A 29 ? 0.1871 0.2417 0.2241 0.0204  -0.0302 -0.0049 27 ALA A CA  
201 C C   . ALA A 29 ? 0.2314 0.2698 0.2169 -0.0131 -0.0252 -0.0261 27 ALA A C   
202 O O   . ALA A 29 ? 0.2173 0.2891 0.2238 0.0415  -0.0514 -0.0193 27 ALA A O   
203 C CB  . ALA A 29 ? 0.1979 0.3116 0.2549 0.0382  -0.0105 -0.0237 27 ALA A CB  
204 N N   . VAL A 30 ? 0.2507 0.2809 0.2401 0.0260  -0.0549 -0.0149 28 VAL A N   
205 C CA  . VAL A 30 ? 0.2491 0.2183 0.2566 0.0148  -0.0294 -0.0324 28 VAL A CA  
206 C C   . VAL A 30 ? 0.3383 0.2588 0.3456 0.0194  -0.0686 -0.0295 28 VAL A C   
207 O O   . VAL A 30 ? 0.3400 0.3373 0.4131 0.0419  -0.1116 -0.0436 28 VAL A O   
208 C CB  . VAL A 30 ? 0.3270 0.3142 0.3033 0.0231  -0.0135 -0.0185 28 VAL A CB  
209 C CG1 . VAL A 30 ? 0.4148 0.4335 0.4336 -0.0146 -0.0037 0.0370  28 VAL A CG1 
210 C CG2 . VAL A 30 ? 0.3189 0.2740 0.2748 0.0070  -0.0045 -0.0141 28 VAL A CG2 
211 N N   . ASP A 31 ? 0.2995 0.2406 0.2888 -0.0233 -0.0465 -0.0134 29 ASP A N   
212 C CA  . ASP A 31 ? 0.3203 0.2577 0.3275 -0.0236 -0.0425 0.0037  29 ASP A CA  
213 C C   . ASP A 31 ? 0.2897 0.1789 0.3272 0.0009  -0.0178 -0.0136 29 ASP A C   
214 O O   . ASP A 31 ? 0.2927 0.2401 0.3588 0.0017  -0.0523 0.0139  29 ASP A O   
215 C CB  . ASP A 31 ? 0.3371 0.2690 0.3432 0.0129  0.0177  0.0013  29 ASP A CB  
216 C CG  . ASP A 31 ? 0.4539 0.3610 0.3718 0.0285  0.0018  -0.0461 29 ASP A CG  
217 O OD1 . ASP A 31 ? 0.4271 0.3286 0.4401 0.0286  -0.0023 -0.0290 29 ASP A OD1 
218 O OD2 . ASP A 31 ? 0.5164 0.5157 0.4336 0.0158  0.0669  -0.0385 29 ASP A OD2 
219 N N   . GLN A 32 ? 0.3146 0.3337 0.3547 0.0313  -0.0364 0.0169  30 GLN A N   
220 C CA  . GLN A 32 ? 0.4083 0.3524 0.4146 0.0006  0.0222  0.0078  30 GLN A CA  
221 C C   . GLN A 32 ? 0.4615 0.3861 0.3876 0.0094  0.0030  0.0275  30 GLN A C   
222 O O   . GLN A 32 ? 0.5191 0.5754 0.5565 -0.0267 0.0119  0.0028  30 GLN A O   
223 C CB  . GLN A 32 ? 0.5668 0.5028 0.4754 0.0214  -0.0189 0.0669  30 GLN A CB  
224 C CG  . GLN A 32 ? 0.6148 0.5923 0.5683 -0.0063 -0.0106 0.0021  30 GLN A CG  
225 C CD  . GLN A 32 ? 0.8182 0.7529 0.5905 0.0253  -0.0157 0.0198  30 GLN A CD  
226 O OE1 . GLN A 32 ? 0.7994 0.8606 0.8614 -0.0070 -0.0367 0.0018  30 GLN A OE1 
227 N NE2 . GLN A 32 ? 0.7739 0.8033 0.7890 -0.0239 0.0091  0.0031  30 GLN A NE2 
228 N N   . VAL A 33 ? 0.3763 0.2620 0.4263 0.0098  -0.0402 -0.0101 31 VAL A N   
229 C CA  . VAL A 33 ? 0.3747 0.3124 0.4045 -0.0035 -0.0277 -0.0093 31 VAL A CA  
230 C C   . VAL A 33 ? 0.3728 0.4082 0.3992 0.0128  -0.0181 -0.0042 31 VAL A C   
231 O O   . VAL A 33 ? 0.3949 0.3097 0.4662 -0.0148 -0.0118 0.0441  31 VAL A O   
232 C CB  . VAL A 33 ? 0.4335 0.3737 0.3953 0.0190  0.0190  -0.0368 31 VAL A CB  
233 C CG1 . VAL A 33 ? 0.4449 0.4144 0.4307 -0.0021 -0.0088 -0.0304 31 VAL A CG1 
234 C CG2 . VAL A 33 ? 0.5229 0.4797 0.5050 0.0027  -0.0312 -0.0093 31 VAL A CG2 
235 N N   . SER A 34 ? 0.4019 0.4178 0.4386 0.0236  -0.0131 -0.0079 32 SER A N   
236 C CA  A SER A 34 ? 0.3517 0.3034 0.3649 0.0078  -0.0094 -0.0514 32 SER A CA  
237 C CA  B SER A 34 ? 0.3484 0.3022 0.3614 0.0055  -0.0069 -0.0498 32 SER A CA  
238 C C   . SER A 34 ? 0.2822 0.2223 0.2994 -0.0051 -0.0124 0.0200  32 SER A C   
239 O O   . SER A 34 ? 0.3524 0.3143 0.3542 0.0024  -0.0465 0.0144  32 SER A O   
240 C CB  A SER A 34 ? 0.4331 0.4321 0.4257 0.0148  0.0147  0.0030  32 SER A CB  
241 C CB  B SER A 34 ? 0.4075 0.4052 0.4002 0.0182  0.0145  -0.0044 32 SER A CB  
242 O OG  A SER A 34 ? 0.4665 0.4433 0.4647 0.0253  0.0140  -0.0121 32 SER A OG  
243 O OG  B SER A 34 ? 0.4432 0.4343 0.4374 -0.0024 -0.0161 -0.0019 32 SER A OG  
244 N N   . GLN A 35 ? 0.2705 0.1767 0.3361 -0.0261 -0.0197 0.0520  33 GLN A N   
245 C CA  . GLN A 35 ? 0.2633 0.2490 0.2768 -0.0471 -0.0085 0.0074  33 GLN A CA  
246 C C   . GLN A 35 ? 0.2063 0.2078 0.2402 0.0153  0.0052  0.0268  33 GLN A C   
247 O O   . GLN A 35 ? 0.2352 0.2014 0.3016 -0.0098 0.0013  0.0478  33 GLN A O   
248 C CB  . GLN A 35 ? 0.2794 0.2540 0.3026 -0.0222 0.0013  -0.0194 33 GLN A CB  
249 C CG  . GLN A 35 ? 0.3470 0.2520 0.4123 -0.0301 0.0064  -0.0041 33 GLN A CG  
250 C CD  . GLN A 35 ? 0.3305 0.3204 0.3962 -0.0616 0.0149  0.0078  33 GLN A CD  
251 O OE1 . GLN A 35 ? 0.4401 0.5282 0.5482 -0.1057 -0.0307 0.0268  33 GLN A OE1 
252 N NE2 . GLN A 35 ? 0.4735 0.4545 0.4632 -0.0462 0.0506  0.0266  33 GLN A NE2 
253 N N   . THR A 36 ? 0.2082 0.1885 0.2682 -0.0192 -0.0081 -0.0132 34 THR A N   
254 C CA  . THR A 36 ? 0.1882 0.2186 0.2391 -0.0175 -0.0126 -0.0111 34 THR A CA  
255 C C   . THR A 36 ? 0.1564 0.2048 0.2194 -0.0234 -0.0118 0.0021  34 THR A C   
256 O O   . THR A 36 ? 0.2177 0.2254 0.2530 -0.0020 -0.0470 0.0019  34 THR A O   
257 C CB  . THR A 36 ? 0.1959 0.2305 0.2342 -0.0133 0.0279  -0.0012 34 THR A CB  
258 O OG1 . THR A 36 ? 0.2051 0.2419 0.3042 -0.0300 0.0241  -0.0235 34 THR A OG1 
259 C CG2 . THR A 36 ? 0.2035 0.3026 0.2423 -0.0289 -0.0340 -0.0077 34 THR A CG2 
260 N N   . ILE A 37 ? 0.1765 0.2032 0.2135 -0.0386 -0.0066 0.0047  35 ILE A N   
261 C CA  A ILE A 37 ? 0.1836 0.2401 0.2229 -0.0534 -0.0102 -0.0195 35 ILE A CA  
262 C CA  B ILE A 37 ? 0.1465 0.2354 0.2016 -0.0397 -0.0200 -0.0168 35 ILE A CA  
263 C C   . ILE A 37 ? 0.1506 0.2149 0.1766 -0.0167 -0.0091 -0.0151 35 ILE A C   
264 O O   . ILE A 37 ? 0.1666 0.2453 0.1765 -0.0415 -0.0482 -0.0226 35 ILE A O   
265 C CB  A ILE A 37 ? 0.2096 0.2260 0.2127 -0.0097 -0.0081 -0.0104 35 ILE A CB  
266 C CB  B ILE A 37 ? 0.1658 0.2433 0.1947 -0.0297 -0.0063 -0.0289 35 ILE A CB  
267 C CG1 A ILE A 37 ? 0.2284 0.2551 0.2034 -0.0316 0.0134  0.0157  35 ILE A CG1 
268 C CG1 B ILE A 37 ? 0.2482 0.2512 0.2039 0.0005  0.0107  -0.0096 35 ILE A CG1 
269 C CG2 A ILE A 37 ? 0.2674 0.2780 0.2381 0.0285  -0.0060 -0.0215 35 ILE A CG2 
270 C CG2 B ILE A 37 ? 0.1994 0.2783 0.1735 -0.0021 0.0010  -0.0320 35 ILE A CG2 
271 C CD1 A ILE A 37 ? 0.2591 0.2522 0.2586 -0.0650 0.0707  -0.0077 35 ILE A CD1 
272 C CD1 B ILE A 37 ? 0.2564 0.2811 0.1881 0.0448  0.0281  0.0311  35 ILE A CD1 
273 N N   . SER A 38 ? 0.1444 0.2503 0.1735 -0.0170 -0.0454 -0.0122 36 SER A N   
274 C CA  . SER A 38 ? 0.1792 0.1935 0.1823 -0.0168 -0.0112 -0.0150 36 SER A CA  
275 C C   . SER A 38 ? 0.1601 0.1835 0.1588 -0.0248 0.0145  -0.0288 36 SER A C   
276 O O   . SER A 38 ? 0.2018 0.2151 0.1756 -0.0263 -0.0392 -0.0184 36 SER A O   
277 C CB  . SER A 38 ? 0.1728 0.2341 0.2121 -0.0605 0.0123  -0.0860 36 SER A CB  
278 O OG  . SER A 38 ? 0.1764 0.2272 0.2509 -0.0113 -0.0161 -0.0500 36 SER A OG  
279 N N   . LEU A 39 ? 0.1298 0.2202 0.1716 -0.0438 -0.0082 -0.0447 37 LEU A N   
280 C CA  . LEU A 39 ? 0.1462 0.2050 0.1763 -0.0420 0.0241  -0.0437 37 LEU A CA  
281 C C   . LEU A 39 ? 0.1558 0.2176 0.1812 -0.0463 0.0146  -0.0551 37 LEU A C   
282 O O   . LEU A 39 ? 0.1416 0.2709 0.1864 -0.0893 0.0047  -0.0316 37 LEU A O   
283 C CB  . LEU A 39 ? 0.1431 0.2130 0.2173 -0.0620 0.0033  -0.0392 37 LEU A CB  
284 C CG  . LEU A 39 ? 0.1410 0.1826 0.2150 -0.0358 -0.0281 -0.0121 37 LEU A CG  
285 C CD1 . LEU A 39 ? 0.1551 0.2192 0.2364 -0.0289 -0.0229 -0.0147 37 LEU A CD1 
286 C CD2 . LEU A 39 ? 0.1448 0.2412 0.1859 -0.0678 -0.0132 -0.0226 37 LEU A CD2 
287 N N   . THR A 40 ? 0.1097 0.2599 0.2154 -0.0647 -0.0335 -0.0451 38 THR A N   
288 C CA  A THR A 40 ? 0.1758 0.2292 0.2290 -0.0435 -0.0061 -0.0238 38 THR A CA  
289 C CA  B THR A 40 ? 0.1476 0.2423 0.2131 -0.0306 -0.0239 0.0001  38 THR A CA  
290 C C   . THR A 40 ? 0.1732 0.2113 0.2828 -0.0610 0.0042  -0.0698 38 THR A C   
291 O O   . THR A 40 ? 0.1774 0.2839 0.2616 -0.0644 0.0118  -0.0775 38 THR A O   
292 C CB  A THR A 40 ? 0.1946 0.2617 0.2795 -0.0360 0.0050  -0.0095 38 THR A CB  
293 C CB  B THR A 40 ? 0.1321 0.2488 0.2299 -0.0423 -0.0021 0.0148  38 THR A CB  
294 O OG1 A THR A 40 ? 0.0788 0.3255 0.2434 -0.0902 0.0144  0.0000  38 THR A OG1 
295 O OG1 B THR A 40 ? 0.3167 0.3261 0.3317 -0.0348 -0.0021 -0.0515 38 THR A OG1 
296 C CG2 A THR A 40 ? 0.1101 0.2638 0.2741 -0.0141 -0.0030 -0.0044 38 THR A CG2 
297 C CG2 B THR A 40 ? 0.1227 0.2614 0.2702 -0.0061 0.0070  0.0198  38 THR A CG2 
298 N N   . ARG A 41 ? 0.1809 0.2363 0.2596 -0.0647 0.0421  -0.0397 39 ARG A N   
299 C CA  A ARG A 41 ? 0.1654 0.1988 0.2844 -0.0633 0.0136  -0.0235 39 ARG A CA  
300 C CA  B ARG A 41 ? 0.1528 0.1873 0.2785 -0.0608 0.0199  -0.0194 39 ARG A CA  
301 C C   . ARG A 41 ? 0.2070 0.2071 0.3073 -0.0693 0.0448  -0.0482 39 ARG A C   
302 O O   . ARG A 41 ? 0.1890 0.2414 0.3280 -0.0835 0.0361  -0.0840 39 ARG A O   
303 C CB  A ARG A 41 ? 0.1666 0.2996 0.3456 -0.0373 -0.0166 -0.0240 39 ARG A CB  
304 C CB  B ARG A 41 ? 0.2095 0.1905 0.2578 -0.0675 0.0266  0.0152  39 ARG A CB  
305 C CG  A ARG A 41 ? 0.2160 0.2682 0.3312 -0.0521 0.0098  -0.0057 39 ARG A CG  
306 C CG  B ARG A 41 ? 0.1705 0.2765 0.2401 -0.0498 0.0124  -0.0152 39 ARG A CG  
307 C CD  A ARG A 41 ? 0.1960 0.2610 0.3190 -0.0486 0.0200  -0.0299 39 ARG A CD  
308 C CD  B ARG A 41 ? 0.2261 0.2927 0.3442 -0.1306 -0.0111 0.0136  39 ARG A CD  
309 N NE  A ARG A 41 ? 0.3323 0.3384 0.3359 -0.0623 -0.0225 0.0202  39 ARG A NE  
310 N NE  B ARG A 41 ? 0.3322 0.4057 0.4152 -0.0204 0.0073  -0.0330 39 ARG A NE  
311 C CZ  A ARG A 41 ? 0.3815 0.3640 0.3579 0.0045  0.0124  -0.0136 39 ARG A CZ  
312 C CZ  B ARG A 41 ? 0.4420 0.4431 0.4148 0.0125  0.0211  -0.0069 39 ARG A CZ  
313 N NH1 A ARG A 41 ? 0.1714 0.2656 0.3265 -0.0758 -0.0128 0.0857  39 ARG A NH1 
314 N NH1 B ARG A 41 ? 0.4813 0.4598 0.4676 -0.0188 -0.0405 0.0152  39 ARG A NH1 
315 N NH2 A ARG A 41 ? 0.2593 0.3235 0.3504 -0.0713 0.0068  -0.0059 39 ARG A NH2 
316 N NH2 B ARG A 41 ? 0.4096 0.4358 0.4775 0.0037  0.0099  -0.0056 39 ARG A NH2 
317 N N   . PRO A 42 ? 0.2317 0.2108 0.2271 -0.1090 0.0228  -0.0420 40 PRO A N   
318 C CA  . PRO A 42 ? 0.1747 0.2057 0.2364 -0.0775 -0.0381 -0.0392 40 PRO A CA  
319 C C   . PRO A 42 ? 0.2412 0.1888 0.1959 -0.1146 -0.0141 -0.0173 40 PRO A C   
320 O O   . PRO A 42 ? 0.3678 0.1905 0.2020 -0.1073 0.0290  -0.0218 40 PRO A O   
321 C CB  . PRO A 42 ? 0.1799 0.1981 0.3117 -0.0708 -0.0248 0.0084  40 PRO A CB  
322 C CG  . PRO A 42 ? 0.2569 0.1841 0.2922 -0.0845 -0.0505 -0.0221 40 PRO A CG  
323 C CD  . PRO A 42 ? 0.2576 0.2573 0.2228 -0.0719 -0.0040 -0.0118 40 PRO A CD  
324 N N   . PHE A 43 ? 0.1683 0.1942 0.2043 -0.0895 -0.0158 -0.0094 41 PHE A N   
325 C CA  . PHE A 43 ? 0.1558 0.2485 0.2304 -0.0800 -0.0455 0.0023  41 PHE A CA  
326 C C   . PHE A 43 ? 0.1921 0.2074 0.2391 -0.0754 -0.0233 0.0167  41 PHE A C   
327 O O   . PHE A 43 ? 0.2115 0.2876 0.2280 -0.1084 -0.0582 0.0604  41 PHE A O   
328 C CB  . PHE A 43 ? 0.2332 0.2391 0.2385 -0.0878 0.0161  0.0074  41 PHE A CB  
329 C CG  . PHE A 43 ? 0.2750 0.2564 0.2537 -0.0425 -0.0275 0.0079  41 PHE A CG  
330 C CD1 . PHE A 43 ? 0.1932 0.2468 0.2528 -0.0842 -0.0188 -0.0537 41 PHE A CD1 
331 C CD2 . PHE A 43 ? 0.2251 0.2217 0.3020 -0.0566 -0.0279 -0.0559 41 PHE A CD2 
332 C CE1 . PHE A 43 ? 0.2026 0.1929 0.2852 -0.0676 0.0129  -0.0511 41 PHE A CE1 
333 C CE2 . PHE A 43 ? 0.2691 0.2089 0.3257 -0.0389 0.0433  -0.0368 41 PHE A CE2 
334 C CZ  . PHE A 43 ? 0.2475 0.2026 0.2812 -0.0875 0.0157  -0.0281 41 PHE A CZ  
335 N N   . HIS A 44 ? 0.1855 0.2257 0.2299 -0.0748 0.0164  0.0266  42 HIS A N   
336 C CA  . HIS A 44 ? 0.2198 0.2397 0.2871 -0.0862 -0.0227 0.0218  42 HIS A CA  
337 C C   . HIS A 44 ? 0.2764 0.2658 0.3479 -0.0438 -0.0029 0.0080  42 HIS A C   
338 O O   . HIS A 44 ? 0.3438 0.2981 0.3404 -0.0651 -0.0335 -0.0278 42 HIS A O   
339 C CB  . HIS A 44 ? 0.2530 0.2112 0.2799 -0.0838 -0.0479 0.0234  42 HIS A CB  
340 C CG  . HIS A 44 ? 0.2147 0.3006 0.2438 -0.0983 -0.0267 -0.0026 42 HIS A CG  
341 N ND1 . HIS A 44 ? 0.2140 0.3091 0.2981 -0.1018 -0.0625 0.0306  42 HIS A ND1 
342 C CD2 . HIS A 44 ? 0.2911 0.2989 0.2779 -0.0317 0.0241  0.0774  42 HIS A CD2 
343 C CE1 . HIS A 44 ? 0.2198 0.3251 0.3338 -0.0596 -0.0793 -0.0244 42 HIS A CE1 
344 N NE2 . HIS A 44 ? 0.3336 0.3729 0.3436 -0.0244 -0.0776 -0.0286 42 HIS A NE2 
345 N N   . ASN A 45 ? 0.3342 0.2362 0.3902 -0.0517 -0.0237 -0.0194 43 ASN A N   
346 C CA  . ASN A 45 ? 0.2615 0.2849 0.3790 -0.0472 -0.0135 0.0107  43 ASN A CA  
347 C C   . ASN A 45 ? 0.3376 0.3187 0.4305 -0.0705 -0.0461 0.0301  43 ASN A C   
348 O O   . ASN A 45 ? 0.4835 0.3425 0.5110 0.0060  -0.0589 0.0789  43 ASN A O   
349 C CB  . ASN A 45 ? 0.4294 0.4014 0.4233 0.0057  -0.0499 -0.0074 43 ASN A CB  
350 C CG  . ASN A 45 ? 0.5080 0.5218 0.5353 -0.0518 -0.0158 -0.0055 43 ASN A CG  
351 O OD1 . ASN A 45 ? 0.4685 0.5551 0.5408 -0.0009 -0.0491 0.0253  43 ASN A OD1 
352 N ND2 . ASN A 45 ? 0.4108 0.5056 0.5273 -0.0471 -0.0232 -0.0050 43 ASN A ND2 
353 N N   . GLY A 46 ? 0.3351 0.2628 0.4153 -0.0381 -0.0291 -0.0230 44 GLY A N   
354 C CA  . GLY A 46 ? 0.3886 0.3307 0.3791 -0.0531 -0.0002 -0.0589 44 GLY A CA  
355 C C   . GLY A 46 ? 0.3254 0.3371 0.4218 -0.0481 -0.0327 -0.0547 44 GLY A C   
356 O O   . GLY A 46 ? 0.3653 0.3674 0.5583 -0.1031 -0.0396 -0.0606 44 GLY A O   
357 N N   . VAL A 47 ? 0.2813 0.2813 0.4102 -0.0395 -0.0245 0.0101  45 VAL A N   
358 C CA  . VAL A 47 ? 0.3557 0.2775 0.3647 -0.0118 0.0033  -0.0069 45 VAL A CA  
359 C C   . VAL A 47 ? 0.2858 0.2630 0.3053 -0.0077 -0.0195 0.0068  45 VAL A C   
360 O O   . VAL A 47 ? 0.2977 0.2607 0.3108 -0.1004 0.0358  0.0295  45 VAL A O   
361 C CB  . VAL A 47 ? 0.4808 0.2766 0.3783 -0.0041 -0.0118 0.0138  45 VAL A CB  
362 C CG1 . VAL A 47 ? 0.4251 0.3844 0.4101 0.0552  -0.0093 0.0416  45 VAL A CG1 
363 C CG2 . VAL A 47 ? 0.3641 0.3786 0.4128 -0.0458 -0.0579 0.0092  45 VAL A CG2 
364 N N   . LYS A 48 ? 0.2539 0.2229 0.2886 -0.0889 0.0325  -0.0435 46 LYS A N   
365 C CA  . LYS A 48 ? 0.2442 0.2829 0.2419 -0.0688 0.0221  -0.0211 46 LYS A CA  
366 C C   . LYS A 48 ? 0.2715 0.2231 0.2239 -0.0847 0.0466  0.0014  46 LYS A C   
367 O O   . LYS A 48 ? 0.3576 0.2108 0.2435 -0.1084 0.0357  -0.0261 46 LYS A O   
368 C CB  . LYS A 48 ? 0.2770 0.2898 0.2620 -0.1125 0.0064  -0.0076 46 LYS A CB  
369 C CG  . LYS A 48 ? 0.2266 0.3303 0.3296 -0.0923 0.0389  -0.0507 46 LYS A CG  
370 C CD  . LYS A 48 ? 0.2690 0.2645 0.3967 -0.0175 -0.0051 -0.0067 46 LYS A CD  
371 C CE  . LYS A 48 ? 0.3843 0.3880 0.4237 -0.0354 -0.0004 0.0239  46 LYS A CE  
372 N NZ  . LYS A 48 ? 0.4777 0.5073 0.4762 -0.0041 0.0218  -0.0241 46 LYS A NZ  
373 N N   . CYS A 49 ? 0.2317 0.1951 0.2594 -0.0965 0.0274  -0.0112 47 CYS A N   
374 C CA  A CYS A 49 ? 0.2391 0.2066 0.2681 -0.0856 0.0193  -0.0515 47 CYS A CA  
375 C CA  B CYS A 49 ? 0.2596 0.2447 0.2510 -0.0130 0.0022  -0.0150 47 CYS A CA  
376 C C   . CYS A 49 ? 0.2845 0.2165 0.2624 -0.0626 0.0083  -0.0690 47 CYS A C   
377 O O   . CYS A 49 ? 0.2345 0.3425 0.2794 -0.0997 0.0518  -0.0293 47 CYS A O   
378 C CB  A CYS A 49 ? 0.2297 0.2007 0.2430 -0.0773 -0.0202 -0.0241 47 CYS A CB  
379 C CB  B CYS A 49 ? 0.2412 0.2249 0.2105 -0.0104 -0.0075 -0.0186 47 CYS A CB  
380 S SG  A CYS A 49 ? 0.2428 0.2524 0.3046 -0.0961 0.0218  -0.0352 47 CYS A SG  
381 S SG  B CYS A 49 ? 0.2631 0.2564 0.2076 -0.1197 -0.0051 -0.0456 47 CYS A SG  
382 N N   . LEU A 50 ? 0.2814 0.2231 0.2356 -0.0655 0.0002  -0.0463 48 LEU A N   
383 C CA  . LEU A 50 ? 0.2331 0.3163 0.2693 -0.0548 0.0148  -0.0079 48 LEU A CA  
384 C C   . LEU A 50 ? 0.3251 0.2841 0.3055 -0.0249 0.0828  -0.0374 48 LEU A C   
385 O O   . LEU A 50 ? 0.3238 0.3202 0.4567 -0.1027 0.0549  -0.0048 48 LEU A O   
386 C CB  . LEU A 50 ? 0.3666 0.3813 0.2920 -0.0693 -0.0166 -0.0451 48 LEU A CB  
387 C CG  . LEU A 50 ? 0.4745 0.4531 0.4180 -0.0019 -0.0209 0.0175  48 LEU A CG  
388 C CD1 . LEU A 50 ? 0.5051 0.5168 0.4587 -0.0189 -0.0299 -0.0100 48 LEU A CD1 
389 C CD2 . LEU A 50 ? 0.4659 0.4481 0.4391 0.0031  0.0047  -0.0019 48 LEU A CD2 
390 N N   . VAL A 51 ? 0.2744 0.2503 0.2635 -0.0773 0.0376  -0.0428 49 VAL A N   
391 C CA  . VAL A 51 ? 0.2729 0.2738 0.2418 -0.0646 0.0175  -0.0314 49 VAL A CA  
392 C C   . VAL A 51 ? 0.2339 0.1796 0.2477 -0.1002 0.0458  -0.0446 49 VAL A C   
393 O O   . VAL A 51 ? 0.2811 0.2858 0.2774 -0.0738 0.0687  -0.0937 49 VAL A O   
394 C CB  . VAL A 51 ? 0.3401 0.2604 0.3160 -0.0698 -0.0163 -0.0563 49 VAL A CB  
395 C CG1 . VAL A 51 ? 0.3315 0.3280 0.3091 -0.0587 -0.0502 -0.0437 49 VAL A CG1 
396 C CG2 . VAL A 51 ? 0.4004 0.3128 0.3260 -0.0618 0.0048  -0.0175 49 VAL A CG2 
397 N N   . PRO A 52 ? 0.2252 0.2477 0.2388 -0.0713 0.0596  -0.0461 50 PRO A N   
398 C CA  . PRO A 52 ? 0.2079 0.3143 0.2469 -0.0764 0.0682  -0.0396 50 PRO A CA  
399 C C   . PRO A 52 ? 0.1930 0.2234 0.2235 -0.0523 0.0419  -0.0633 50 PRO A C   
400 O O   . PRO A 52 ? 0.1698 0.3116 0.2513 -0.0976 0.0337  -0.0872 50 PRO A O   
401 C CB  . PRO A 52 ? 0.1964 0.3439 0.3229 -0.0991 0.0233  -0.0312 50 PRO A CB  
402 C CG  . PRO A 52 ? 0.2454 0.2582 0.3604 -0.0484 0.0759  -0.0548 50 PRO A CG  
403 C CD  . PRO A 52 ? 0.3049 0.2594 0.2385 -0.0809 0.0689  -0.0209 50 PRO A CD  
404 N N   . GLU A 53 ? 0.2061 0.2105 0.2133 -0.1122 0.0333  -0.0819 51 GLU A N   
405 C CA  A GLU A 53 ? 0.1992 0.2611 0.2298 -0.0733 0.0101  -0.0301 51 GLU A CA  
406 C CA  B GLU A 53 ? 0.2501 0.3108 0.2535 -0.0489 0.0117  -0.0104 51 GLU A CA  
407 C C   . GLU A 53 ? 0.1913 0.2376 0.1808 -0.0634 0.0160  -0.0647 51 GLU A C   
408 O O   . GLU A 53 ? 0.1714 0.3029 0.1772 -0.1285 0.0254  -0.0707 51 GLU A O   
409 C CB  A GLU A 53 ? 0.1000 0.2835 0.1529 -0.0541 -0.0442 -0.0666 51 GLU A CB  
410 C CB  B GLU A 53 ? 0.2614 0.3222 0.2912 -0.0229 -0.0189 -0.0478 51 GLU A CB  
411 C CG  A GLU A 53 ? 0.2187 0.2601 0.1442 -0.0094 -0.0132 -0.0593 51 GLU A CG  
412 C CG  B GLU A 53 ? 0.3015 0.3193 0.3470 -0.0176 -0.0162 -0.0125 51 GLU A CG  
413 C CD  A GLU A 53 ? 0.2748 0.2722 0.2831 0.0146  0.0117  -0.0018 51 GLU A CD  
414 C CD  B GLU A 53 ? 0.3998 0.4173 0.3995 -0.0139 -0.0038 0.0051  51 GLU A CD  
415 O OE1 A GLU A 53 ? 0.3097 0.3614 0.3114 0.0146  0.0047  0.0061  51 GLU A OE1 
416 O OE1 B GLU A 53 ? 0.4281 0.4421 0.4018 0.0405  0.0034  -0.0054 51 GLU A OE1 
417 O OE2 A GLU A 53 ? 0.3716 0.3060 0.3488 0.0118  0.0226  0.0177  51 GLU A OE2 
418 O OE2 B GLU A 53 ? 0.4708 0.4232 0.4453 0.0003  0.0272  -0.0211 51 GLU A OE2 
419 N N   . VAL A 54 ? 0.1372 0.2114 0.1706 -0.0814 0.0025  -0.0535 52 VAL A N   
420 C CA  . VAL A 54 ? 0.2083 0.2183 0.1666 -0.0831 -0.0096 -0.0461 52 VAL A CA  
421 C C   . VAL A 54 ? 0.1169 0.2264 0.1716 -0.0647 0.0112  -0.0247 52 VAL A C   
422 O O   . VAL A 54 ? 0.1443 0.2676 0.1602 -0.0991 -0.0029 -0.0386 52 VAL A O   
423 C CB  . VAL A 54 ? 0.2053 0.2335 0.1846 -0.0679 0.0083  -0.0491 52 VAL A CB  
424 C CG1 . VAL A 54 ? 0.2118 0.2858 0.2571 -0.0472 -0.0290 -0.0691 52 VAL A CG1 
425 C CG2 . VAL A 54 ? 0.2920 0.2308 0.2591 -0.0139 0.0037  0.0270  52 VAL A CG2 
426 N N   . THR A 55 ? 0.1892 0.2054 0.1802 -0.0728 -0.0368 -0.0244 53 THR A N   
427 C CA  . THR A 55 ? 0.1369 0.2282 0.1755 -0.0570 -0.0486 -0.0146 53 THR A CA  
428 C C   . THR A 55 ? 0.1281 0.1916 0.1760 -0.0562 -0.0142 -0.0260 53 THR A C   
429 O O   . THR A 55 ? 0.1403 0.2330 0.1758 -0.0748 -0.0278 -0.0171 53 THR A O   
430 C CB  . THR A 55 ? 0.1421 0.2111 0.2080 -0.0364 -0.0064 -0.0187 53 THR A CB  
431 O OG1 . THR A 55 ? 0.1276 0.2914 0.2312 -0.0423 -0.0159 -0.0289 53 THR A OG1 
432 C CG2 . THR A 55 ? 0.2299 0.2097 0.2213 -0.0558 -0.0207 -0.0134 53 THR A CG2 
433 N N   . PHE A 56 ? 0.1304 0.1803 0.1634 -0.0511 -0.0070 -0.0329 54 PHE A N   
434 C CA  . PHE A 56 ? 0.1396 0.1935 0.2062 -0.0195 -0.0072 0.0014  54 PHE A CA  
435 C C   . PHE A 56 ? 0.1609 0.2079 0.1994 -0.0262 -0.0094 0.0023  54 PHE A C   
436 O O   . PHE A 56 ? 0.1460 0.2367 0.2308 -0.0695 -0.0241 0.0098  54 PHE A O   
437 C CB  . PHE A 56 ? 0.1688 0.2459 0.2078 -0.0010 0.0331  0.0207  54 PHE A CB  
438 C CG  . PHE A 56 ? 0.2336 0.2677 0.2631 -0.0121 0.0234  -0.0305 54 PHE A CG  
439 C CD1 . PHE A 56 ? 0.3332 0.2033 0.2204 -0.0566 -0.0018 -0.0549 54 PHE A CD1 
440 C CD2 . PHE A 56 ? 0.3074 0.2629 0.2932 0.0299  0.0327  -0.0022 54 PHE A CD2 
441 C CE1 . PHE A 56 ? 0.3339 0.2253 0.2150 -0.0261 0.0093  -0.0326 54 PHE A CE1 
442 C CE2 . PHE A 56 ? 0.2573 0.2248 0.2822 -0.0038 -0.0316 0.0176  54 PHE A CE2 
443 C CZ  . PHE A 56 ? 0.2551 0.2153 0.3127 -0.0224 0.0262  -0.0185 54 PHE A CZ  
444 N N   . ARG A 57 ? 0.1533 0.1952 0.2101 -0.0775 -0.0153 -0.0044 55 ARG A N   
445 C CA  . ARG A 57 ? 0.1742 0.1892 0.2554 -0.0906 0.0179  -0.0205 55 ARG A CA  
446 C C   . ARG A 57 ? 0.1917 0.1909 0.2336 -0.0712 -0.0194 0.0091  55 ARG A C   
447 O O   . ARG A 57 ? 0.1508 0.2041 0.2137 -0.0507 -0.0132 0.0012  55 ARG A O   
448 C CB  . ARG A 57 ? 0.2028 0.2323 0.2595 -0.0781 -0.0206 -0.0153 55 ARG A CB  
449 C CG  . ARG A 57 ? 0.4125 0.2484 0.3005 -0.0335 0.0581  0.0021  55 ARG A CG  
450 C CD  . ARG A 57 ? 0.5055 0.4091 0.3481 -0.0089 0.0165  -0.1429 55 ARG A CD  
451 N NE  . ARG A 57 ? 0.6126 0.5661 0.5666 -0.0149 -0.0615 -0.0205 55 ARG A NE  
452 C CZ  . ARG A 57 ? 0.5261 0.6599 0.6261 -0.0287 -0.0424 0.0206  55 ARG A CZ  
453 N NH1 . ARG A 57 ? 0.7386 0.7197 0.7748 -0.0063 0.0050  -0.0284 55 ARG A NH1 
454 N NH2 . ARG A 57 ? 0.5896 0.6400 0.6582 -0.0094 -0.0252 0.0103  55 ARG A NH2 
455 N N   . ALA A 58 ? 0.1751 0.2094 0.2488 -0.0216 -0.0022 0.0396  56 ALA A N   
456 C CA  . ALA A 58 ? 0.2062 0.3015 0.2391 -0.0159 0.0158  0.0366  56 ALA A CA  
457 C C   . ALA A 58 ? 0.2235 0.2152 0.2546 -0.0468 0.0265  0.0264  56 ALA A C   
458 O O   . ALA A 58 ? 0.2405 0.2790 0.2752 -0.0203 0.0633  0.0346  56 ALA A O   
459 C CB  . ALA A 58 ? 0.3214 0.3323 0.2071 0.0648  0.0103  0.0410  56 ALA A CB  
460 N N   . GLY A 59 ? 0.2180 0.2374 0.3040 -0.0519 0.0303  0.0131  57 GLY A N   
461 C CA  . GLY A 59 ? 0.2122 0.2399 0.3377 -0.1012 0.0044  0.0074  57 GLY A CA  
462 C C   . GLY A 59 ? 0.1761 0.2414 0.3432 -0.0173 0.0156  -0.0095 57 GLY A C   
463 O O   . GLY A 59 ? 0.1722 0.2666 0.3882 -0.0658 0.0038  0.0174  57 GLY A O   
464 N N   . ASP A 60 ? 0.1938 0.2037 0.2713 -0.0693 -0.0445 -0.0461 58 ASP A N   
465 C CA  . ASP A 60 ? 0.1422 0.2265 0.2372 -0.0411 -0.0373 -0.0472 58 ASP A CA  
466 C C   . ASP A 60 ? 0.1705 0.2358 0.2183 -0.0587 -0.0099 -0.0189 58 ASP A C   
467 O O   . ASP A 60 ? 0.2656 0.2189 0.2554 -0.0343 -0.0762 -0.0296 58 ASP A O   
468 C CB  . ASP A 60 ? 0.2266 0.2614 0.2089 -0.0418 -0.0500 -0.0360 58 ASP A CB  
469 C CG  . ASP A 60 ? 0.2469 0.2920 0.2357 -0.0316 -0.0258 -0.0442 58 ASP A CG  
470 O OD1 . ASP A 60 ? 0.1468 0.3862 0.3749 -0.0858 -0.0484 -0.1342 58 ASP A OD1 
471 O OD2 . ASP A 60 ? 0.1924 0.3174 0.2605 -0.0691 -0.0242 -0.0878 58 ASP A OD2 
472 N N   . ILE A 61 ? 0.1694 0.1875 0.2069 -0.0678 -0.0196 -0.0031 59 ILE A N   
473 C CA  . ILE A 61 ? 0.1165 0.1939 0.1947 -0.0513 -0.0073 0.0102  59 ILE A CA  
474 C C   . ILE A 61 ? 0.1442 0.2485 0.1596 -0.0540 -0.0190 -0.0157 59 ILE A C   
475 O O   . ILE A 61 ? 0.2411 0.2179 0.2374 -0.0706 0.0448  0.0282  59 ILE A O   
476 C CB  . ILE A 61 ? 0.1409 0.2262 0.2063 -0.0605 -0.0375 0.0146  59 ILE A CB  
477 C CG1 . ILE A 61 ? 0.1722 0.2456 0.1886 -0.0220 -0.0371 -0.0295 59 ILE A CG1 
478 C CG2 . ILE A 61 ? 0.1602 0.2709 0.2053 -0.0409 -0.0226 -0.0261 59 ILE A CG2 
479 C CD1 . ILE A 61 ? 0.1474 0.2837 0.2453 -0.0352 -0.0423 -0.0091 59 ILE A CD1 
480 N N   . THR A 62 ? 0.1219 0.2468 0.1959 -0.0554 -0.0377 -0.0436 60 THR A N   
481 C CA  . THR A 62 ? 0.1117 0.2471 0.2224 -0.0656 0.0024  -0.0128 60 THR A CA  
482 C C   . THR A 62 ? 0.1444 0.2514 0.1953 -0.0759 -0.0197 -0.0253 60 THR A C   
483 O O   . THR A 62 ? 0.1615 0.3133 0.2031 -0.0991 0.0110  -0.0190 60 THR A O   
484 C CB  . THR A 62 ? 0.1522 0.2674 0.2071 -0.0381 -0.0408 -0.0343 60 THR A CB  
485 O OG1 . THR A 62 ? 0.1927 0.2865 0.2371 -0.0360 -0.0256 -0.0142 60 THR A OG1 
486 C CG2 . THR A 62 ? 0.1316 0.3218 0.2568 -0.0354 -0.0168 -0.0477 60 THR A CG2 
487 N N   . GLU A 63 ? 0.0922 0.2649 0.1856 -0.0721 -0.0338 0.0031  61 GLU A N   
488 C CA  . GLU A 63 ? 0.1320 0.2298 0.1949 -0.0531 -0.0155 -0.0240 61 GLU A CA  
489 C C   . GLU A 63 ? 0.1267 0.2243 0.1788 -0.0472 -0.0232 -0.0336 61 GLU A C   
490 O O   . GLU A 63 ? 0.1516 0.2356 0.1538 -0.0960 -0.0116 -0.0180 61 GLU A O   
491 C CB  . GLU A 63 ? 0.1584 0.2986 0.2396 -0.0129 -0.0400 -0.0309 61 GLU A CB  
492 C CG  . GLU A 63 ? 0.2387 0.2714 0.2210 -0.0020 -0.0294 -0.0078 61 GLU A CG  
493 C CD  . GLU A 63 ? 0.2745 0.3202 0.2418 -0.0275 -0.0259 -0.0287 61 GLU A CD  
494 O OE1 . GLU A 63 ? 0.3085 0.3439 0.2909 0.0107  0.0101  -0.0028 61 GLU A OE1 
495 O OE2 . GLU A 63 ? 0.2890 0.2806 0.2315 -0.0031 -0.0282 -0.0251 61 GLU A OE2 
496 N N   . LEU A 64 ? 0.1489 0.2116 0.2050 -0.0687 -0.0297 -0.0279 62 LEU A N   
497 C CA  . LEU A 64 ? 0.0983 0.2089 0.1861 -0.0737 -0.0023 -0.0327 62 LEU A CA  
498 C C   . LEU A 64 ? 0.1491 0.2454 0.1283 -0.0626 -0.0002 -0.0151 62 LEU A C   
499 O O   . LEU A 64 ? 0.1966 0.2144 0.1854 -0.1120 0.0171  -0.0385 62 LEU A O   
500 C CB  . LEU A 64 ? 0.1912 0.1971 0.1781 -0.0897 -0.0070 -0.0470 62 LEU A CB  
501 C CG  . LEU A 64 ? 0.1685 0.2234 0.2956 -0.0444 -0.1138 -0.0606 62 LEU A CG  
502 C CD1 . LEU A 64 ? 0.3326 0.3283 0.3633 0.0083  -0.0336 -0.0477 62 LEU A CD1 
503 C CD2 . LEU A 64 ? 0.2983 0.3490 0.3467 -0.0752 -0.0114 -0.0513 62 LEU A CD2 
504 N N   . LYS A 65 ? 0.1351 0.1946 0.1648 -0.0740 -0.0206 -0.0115 63 LYS A N   
505 C CA  A LYS A 65 ? 0.1733 0.2058 0.1989 -0.0438 0.0104  -0.0221 63 LYS A CA  
506 C CA  B LYS A 65 ? 0.1608 0.2116 0.1807 -0.0489 0.0175  -0.0150 63 LYS A CA  
507 C C   . LYS A 65 ? 0.1741 0.1372 0.1848 -0.0455 -0.0260 -0.0194 63 LYS A C   
508 O O   . LYS A 65 ? 0.1166 0.2376 0.1587 -0.0622 -0.0171 -0.0403 63 LYS A O   
509 C CB  A LYS A 65 ? 0.1460 0.2213 0.1607 -0.0260 0.0233  -0.0182 63 LYS A CB  
510 C CB  B LYS A 65 ? 0.2013 0.2526 0.2363 -0.0059 -0.0117 0.0047  63 LYS A CB  
511 C CG  A LYS A 65 ? 0.1851 0.2532 0.1839 -0.0045 -0.0051 -0.0213 63 LYS A CG  
512 C CG  B LYS A 65 ? 0.2114 0.2613 0.2211 -0.0102 0.0224  -0.0288 63 LYS A CG  
513 C CD  A LYS A 65 ? 0.3206 0.2702 0.2949 0.0253  0.0053  -0.0067 63 LYS A CD  
514 C CD  B LYS A 65 ? 0.3065 0.2800 0.2970 -0.0009 0.0065  0.0236  63 LYS A CD  
515 C CE  A LYS A 65 ? 0.3547 0.3349 0.3608 0.0141  -0.0391 0.0136  63 LYS A CE  
516 C CE  B LYS A 65 ? 0.3442 0.3284 0.3095 0.0210  0.0495  -0.0136 63 LYS A CE  
517 N NZ  A LYS A 65 ? 0.3490 0.3256 0.3733 0.0197  0.0035  0.0288  63 LYS A NZ  
518 N NZ  B LYS A 65 ? 0.3977 0.3361 0.3875 0.0265  0.0030  -0.0188 63 LYS A NZ  
519 N N   . ILE A 66 ? 0.0914 0.2245 0.1388 -0.0697 -0.0177 -0.0251 64 ILE A N   
520 C CA  A ILE A 66 ? 0.0961 0.1903 0.1429 -0.0434 -0.0162 -0.0495 64 ILE A CA  
521 C CA  B ILE A 66 ? 0.0996 0.1906 0.1482 -0.0418 -0.0192 -0.0477 64 ILE A CA  
522 C C   . ILE A 66 ? 0.1428 0.2165 0.2180 -0.0605 -0.0402 -0.0459 64 ILE A C   
523 O O   . ILE A 66 ? 0.2079 0.2214 0.2056 -0.0631 -0.0250 -0.0558 64 ILE A O   
524 C CB  A ILE A 66 ? 0.1013 0.2127 0.1929 -0.0490 -0.0400 -0.0279 64 ILE A CB  
525 C CB  B ILE A 66 ? 0.1535 0.1909 0.2129 -0.0508 -0.0181 -0.0205 64 ILE A CB  
526 C CG1 A ILE A 66 ? 0.1868 0.2115 0.2078 -0.0238 0.0013  -0.0362 64 ILE A CG1 
527 C CG1 B ILE A 66 ? 0.1670 0.1675 0.2016 -0.0701 -0.0113 0.0318  64 ILE A CG1 
528 C CG2 A ILE A 66 ? 0.1520 0.1918 0.1904 -0.0277 -0.0595 -0.0195 64 ILE A CG2 
529 C CG2 B ILE A 66 ? 0.1758 0.2983 0.2661 0.0134  -0.0313 -0.0270 64 ILE A CG2 
530 C CD1 A ILE A 66 ? 0.2237 0.1958 0.2573 -0.0813 -0.0265 -0.0104 64 ILE A CD1 
531 C CD1 B ILE A 66 ? 0.2352 0.2589 0.2620 -0.0419 0.0151  -0.0017 64 ILE A CD1 
532 N N   . LEU A 67 ? 0.1363 0.1967 0.1614 -0.0447 -0.0208 -0.0301 65 LEU A N   
533 C CA  . LEU A 67 ? 0.1345 0.1962 0.2163 -0.0594 -0.0421 -0.0282 65 LEU A CA  
534 C C   . LEU A 67 ? 0.1721 0.2289 0.2239 -0.0241 -0.0402 -0.0449 65 LEU A C   
535 O O   . LEU A 67 ? 0.2548 0.2100 0.2639 -0.0348 -0.0522 -0.0850 65 LEU A O   
536 C CB  . LEU A 67 ? 0.1547 0.2001 0.2227 -0.0386 -0.0181 -0.0282 65 LEU A CB  
537 C CG  . LEU A 67 ? 0.2212 0.2289 0.2337 -0.0226 -0.0539 -0.0034 65 LEU A CG  
538 C CD1 . LEU A 67 ? 0.2795 0.2473 0.2163 -0.0583 -0.0748 -0.0060 65 LEU A CD1 
539 C CD2 . LEU A 67 ? 0.2199 0.3361 0.3087 0.0435  -0.0753 0.0047  65 LEU A CD2 
540 N N   . GLU A 68 ? 0.1500 0.2363 0.1672 -0.0661 -0.0641 -0.0637 66 GLU A N   
541 C CA  A GLU A 68 ? 0.1763 0.2348 0.1503 -0.0213 -0.0293 -0.0273 66 GLU A CA  
542 C CA  B GLU A 68 ? 0.2077 0.2509 0.1896 0.0025  -0.0427 -0.0368 66 GLU A CA  
543 C C   . GLU A 68 ? 0.1531 0.2377 0.2345 -0.0066 -0.0216 -0.0297 66 GLU A C   
544 O O   . GLU A 68 ? 0.1609 0.2310 0.1880 -0.0407 -0.0101 -0.0642 66 GLU A O   
545 C CB  A GLU A 68 ? 0.2227 0.1878 0.2383 -0.0532 -0.0175 0.0044  66 GLU A CB  
546 C CB  B GLU A 68 ? 0.3098 0.3576 0.3069 -0.0282 -0.0073 -0.0094 66 GLU A CB  
547 C CG  A GLU A 68 ? 0.1830 0.2436 0.2204 -0.0545 -0.0189 -0.0156 66 GLU A CG  
548 C CG  B GLU A 68 ? 0.3071 0.3430 0.3501 -0.0147 -0.0303 0.0041  66 GLU A CG  
549 C CD  A GLU A 68 ? 0.2360 0.2505 0.2549 -0.0435 -0.0074 0.0019  66 GLU A CD  
550 C CD  B GLU A 68 ? 0.4980 0.4332 0.4749 0.0103  0.0001  -0.0190 66 GLU A CD  
551 O OE1 A GLU A 68 ? 0.3567 0.3059 0.3590 -0.0063 -0.0419 -0.0087 66 GLU A OE1 
552 O OE1 B GLU A 68 ? 0.5394 0.5228 0.5031 0.0021  -0.0005 0.0064  66 GLU A OE1 
553 O OE2 A GLU A 68 ? 0.2749 0.3180 0.2701 -0.0775 -0.0758 0.0164  66 GLU A OE2 
554 O OE2 B GLU A 68 ? 0.5156 0.3934 0.4942 -0.0241 0.0034  0.0010  66 GLU A OE2 
555 N N   . ILE A 69 ? 0.1364 0.2900 0.2180 -0.0534 -0.0298 -0.0525 67 ILE A N   
556 C CA  . ILE A 69 ? 0.1277 0.2818 0.1755 -0.0270 -0.0198 -0.0331 67 ILE A CA  
557 C C   . ILE A 69 ? 0.1808 0.2703 0.1896 -0.0443 -0.0329 -0.0824 67 ILE A C   
558 O O   . ILE A 69 ? 0.1776 0.2757 0.2030 -0.0382 -0.0788 -0.0265 67 ILE A O   
559 C CB  . ILE A 69 ? 0.1723 0.2816 0.1993 -0.0486 -0.0502 -0.0221 67 ILE A CB  
560 C CG1 . ILE A 69 ? 0.2473 0.2776 0.1717 -0.0672 -0.0763 -0.0299 67 ILE A CG1 
561 C CG2 . ILE A 69 ? 0.1492 0.3477 0.2300 0.0144  0.0054  -0.0604 67 ILE A CG2 
562 C CD1 . ILE A 69 ? 0.2900 0.3132 0.2092 -0.0493 -0.0213 -0.0249 67 ILE A CD1 
563 N N   . PRO A 70 ? 0.1601 0.2740 0.1852 -0.0795 -0.0184 -0.0618 68 PRO A N   
564 C CA  . PRO A 70 ? 0.1532 0.2701 0.1850 -0.0301 -0.0396 -0.0393 68 PRO A CA  
565 C C   . PRO A 70 ? 0.1812 0.2500 0.2245 -0.0060 -0.0158 -0.0243 68 PRO A C   
566 O O   . PRO A 70 ? 0.2199 0.3030 0.1838 -0.0310 -0.0639 -0.0675 68 PRO A O   
567 C CB  . PRO A 70 ? 0.1960 0.2694 0.2003 -0.0404 -0.0395 -0.0201 68 PRO A CB  
568 C CG  . PRO A 70 ? 0.1960 0.2255 0.2262 -0.0145 -0.0581 -0.0469 68 PRO A CG  
569 C CD  . PRO A 70 ? 0.2009 0.2442 0.2472 -0.0350 -0.0279 -0.0508 68 PRO A CD  
570 N N   . GLY A 71 ? 0.1557 0.2882 0.2297 -0.0029 -0.0224 -0.0024 69 GLY A N   
571 C CA  . GLY A 71 ? 0.1828 0.1991 0.2640 -0.0336 -0.0469 -0.0325 69 GLY A CA  
572 C C   . GLY A 71 ? 0.2543 0.2875 0.2451 0.0030  -0.0516 -0.0155 69 GLY A C   
573 O O   . GLY A 71 ? 0.3071 0.2596 0.3487 0.0453  -0.1352 -0.0355 69 GLY A O   
574 N N   . PRO A 72 ? 0.3158 0.2477 0.3079 -0.0205 -0.0975 -0.0263 70 PRO A N   
575 C CA  . PRO A 72 ? 0.3626 0.2625 0.3325 -0.0425 -0.0797 -0.0015 70 PRO A CA  
576 C C   . PRO A 72 ? 0.3088 0.3613 0.3740 -0.0442 -0.0760 -0.0432 70 PRO A C   
577 O O   . PRO A 72 ? 0.5004 0.4006 0.4121 -0.0344 -0.0995 -0.0372 70 PRO A O   
578 C CB  . PRO A 72 ? 0.3612 0.3371 0.2933 -0.0222 -0.0852 0.0475  70 PRO A CB  
579 C CG  . PRO A 72 ? 0.2839 0.2879 0.3358 -0.0649 -0.0618 -0.0312 70 PRO A CG  
580 C CD  . PRO A 72 ? 0.2334 0.2318 0.2857 -0.0472 -0.0252 -0.0368 70 PRO A CD  
581 N N   . GLY A 73 ? 0.2819 0.3194 0.3317 -0.0184 -0.1183 -0.0551 71 GLY A N   
582 C CA  . GLY A 73 ? 0.4660 0.5532 0.5890 0.0128  0.0319  -0.0145 71 GLY A CA  
583 C C   . GLY A 73 ? 0.5844 0.6166 0.6146 -0.0277 -0.0120 -0.0102 71 GLY A C   
584 O O   . GLY A 73 ? 0.5290 0.5501 0.5465 -0.0203 -0.0134 -0.0145 71 GLY A O   
585 N N   . ASP A 74 ? 0.6032 0.6807 0.6606 -0.0094 0.0022  -0.0063 72 ASP A N   
586 C CA  . ASP A 74 ? 0.6883 0.6853 0.6758 -0.0151 0.0009  -0.0293 72 ASP A CA  
587 C C   . ASP A 74 ? 0.6350 0.6665 0.6724 -0.0164 -0.0317 0.0244  72 ASP A C   
588 O O   . ASP A 74 ? 0.6735 0.6858 0.6990 -0.0115 -0.0040 0.0123  72 ASP A O   
589 C CB  . ASP A 74 ? 0.7020 0.7483 0.7508 0.0071  0.0204  -0.0122 72 ASP A CB  
590 C CG  . ASP A 74 ? 0.8310 0.8357 0.7954 0.0150  0.0222  -0.0557 72 ASP A CG  
591 O OD1 . ASP A 74 ? 0.9193 0.8893 0.9147 -0.0051 -0.0004 0.0076  72 ASP A OD1 
592 O OD2 . ASP A 74 ? 0.8689 0.8655 0.8540 -0.0150 -0.0108 0.0140  72 ASP A OD2 
593 N N   . ASN A 75 ? 0.6299 0.6287 0.6062 0.0126  -0.0151 -0.0045 73 ASN A N   
594 C CA  . ASN A 75 ? 0.4820 0.5627 0.4739 0.0219  0.0853  -0.0374 73 ASN A CA  
595 C C   . ASN A 75 ? 0.6365 0.6410 0.6107 0.0004  -0.0066 0.0061  73 ASN A C   
596 O O   . ASN A 75 ? 0.5644 0.5760 0.5096 0.0897  0.0637  -0.0374 73 ASN A O   
597 C CB  . ASN A 75 ? 0.4776 0.4347 0.4263 -0.0055 -0.0414 -0.0320 73 ASN A CB  
598 C CG  . ASN A 75 ? 0.2596 0.3661 0.3592 -0.0309 -0.0597 0.0024  73 ASN A CG  
599 O OD1 . ASN A 75 ? 0.4262 0.3508 0.4724 -0.0383 -0.0280 -0.0270 73 ASN A OD1 
600 N ND2 . ASN A 75 ? 0.4257 0.4174 0.4256 -0.0082 -0.0415 -0.0034 73 ASN A ND2 
601 N N   . GLN A 76 ? 0.6820 0.6936 0.6768 0.0441  0.0114  -0.0088 74 GLN A N   
602 C CA  . GLN A 76 ? 0.7534 0.7591 0.7319 0.0170  0.0236  -0.0525 74 GLN A CA  
603 C C   . GLN A 76 ? 0.7813 0.7642 0.7741 0.0022  0.0114  0.0000  74 GLN A C   
604 O O   . GLN A 76 ? 0.8085 0.7983 0.7979 -0.0015 -0.0036 0.0097  74 GLN A O   
605 C CB  . GLN A 76 ? 0.8007 0.7800 0.8083 -0.0043 -0.0041 0.0135  74 GLN A CB  
606 C CG  . GLN A 76 ? 0.8457 0.8617 0.8628 -0.0014 0.0048  -0.0086 74 GLN A CG  
607 C CD  . GLN A 76 ? 0.8509 0.8552 0.8613 -0.0035 0.0004  -0.0064 74 GLN A CD  
608 O OE1 . GLN A 76 ? 0.8832 0.9067 0.8862 0.0135  0.0098  0.0097  74 GLN A OE1 
609 N NE2 . GLN A 76 ? 0.8561 0.8448 0.8550 0.0034  0.0000  0.0016  74 GLN A NE2 
# 
